data_9NJL
#
_entry.id   9NJL
#
loop_
_entity.id
_entity.type
_entity.pdbx_description
1 polymer 'MARV16 Heavy Chain'
2 polymer 'MARV16 Light Chain'
3 polymer 'Envelope glycoprotein GP1'
4 polymer 'Envelope glycoprotein GP2'
5 branched beta-D-mannopyranose-(1-4)-2-acetamido-2-deoxy-beta-D-glucopyranose-(1-4)-2-acetamido-2-deoxy-beta-D-glucopyranose
6 branched alpha-D-mannopyranose-(1-2)-alpha-D-mannopyranose-(1-3)-[alpha-D-mannopyranose-(1-6)]beta-D-mannopyranose-(1-4)-2-acetamido-2-deoxy-beta-D-glucopyranose-(1-4)-2-acetamido-2-deoxy-beta-D-glucopyranose
7 non-polymer 2-acetamido-2-deoxy-beta-D-glucopyranose
8 water water
#
loop_
_entity_poly.entity_id
_entity_poly.type
_entity_poly.pdbx_seq_one_letter_code
_entity_poly.pdbx_strand_id
1 'polypeptide(L)'
;EVQLVESGGGLVKPGGSLRLSCAASGFTFSSYTMNWVRQAPGKGLEWVSSISSSESYIYYVDSVQGRFTISRDNAKNSLY
LQLNSLRAEDTAVYYCVRRDNWNYDTLDIWGQGTMVTVSSASTKGPSVFPLAPSSKSTSGGTAALGCLVKDYFPEPVTVS
WNSGALTSGVHTFPAVLQSSGLYSLSSVVTVPSSSLGTQTYICNVNHKPSNTKVDKRVEPKSC
;
H,I,J
2 'polypeptide(L)'
;DIVMTQSPSSLSASVGDRVIITCRASQSISTYLNWYQQKPGKAPKLLIYAASSLQSGVPSRFSGSESGTDFTLTISGLQP
EDFATYYCLQSYDAPLTFGGGTKVDIKRTVAAPSVFIFPPSDEQLKSGTASVVCLLNNFYPREAKVQWKVDNALQSGNSQ
ESVTEQDSKDSTYSLSSTLTLSKADYEKHKVYACEVTHQGLSSPVTKSFNRGEC
;
L,N,P
3 'polypeptide(L)'
;MKTTCFLISLILIQGTKNLPILEIASNNQPQNVDSVCSGTLQKTEDVHLMGFTLSGQKVADSPLEASKRWAFRTGVPPKN
VEYTEGEEAKTCYNISVTDPSGKSLLLDPPTNIRDYPKCKTIHHIQGQNPHAQGIALHLWGAFFLYDRIASTTMYRGKVF
TEGNIAAMIVNKTVHKMIFSRQGQGYRHMNLTSTNKYWTSSNGTQTNDTGCFGALQEYNSTKNQTCAPSKIPPPLPTARP
EIKLTSTPTDATKLNTQHLVYFRRKR
;
A,C,E
4 'polypeptide(L)'
;SILAREGDMGPNLDGLINAPIDFDPVPNTKTIFDESSSSGASAEEDQHASPNISLTLSYFPNINENTAYSGENENDCDAE
LRIWSVQEDDLAAGLSWIPFFGPGIEGLYTAVLIKNQNNLVCRLRRLANQTAKSLELLLRVTTEERTFSLINRIAIDFLL
TRWGGTCKVLGPDCCIGIEDLSKNISEQIDQIKKDEQKEGTGSHHHHHHHH
;
B,D,F
#
loop_
_chem_comp.id
_chem_comp.type
_chem_comp.name
_chem_comp.formula
BMA D-saccharide, beta linking beta-D-mannopyranose 'C6 H12 O6'
MAN D-saccharide, alpha linking alpha-D-mannopyranose 'C6 H12 O6'
NAG D-saccharide, beta linking 2-acetamido-2-deoxy-beta-D-glucopyranose 'C8 H15 N O6'
#
# COMPACT_ATOMS: atom_id res chain seq x y z
N GLU A 1 24.00 49.06 18.52
CA GLU A 1 25.11 49.05 17.59
C GLU A 1 25.67 47.64 17.41
N VAL A 2 25.63 47.14 16.18
CA VAL A 2 26.16 45.82 15.85
C VAL A 2 27.61 45.98 15.40
N GLN A 3 28.50 45.17 15.98
CA GLN A 3 29.93 45.34 15.79
C GLN A 3 30.61 43.98 15.85
N LEU A 4 31.62 43.80 15.01
CA LEU A 4 32.52 42.66 15.05
C LEU A 4 33.93 43.16 15.27
N VAL A 5 34.69 42.49 16.15
CA VAL A 5 36.00 42.99 16.53
C VAL A 5 37.03 41.87 16.36
N GLU A 6 38.07 42.14 15.58
CA GLU A 6 39.10 41.17 15.27
C GLU A 6 40.31 41.36 16.17
N SER A 7 40.94 40.25 16.55
CA SER A 7 42.20 40.30 17.26
C SER A 7 42.98 39.02 16.96
N GLY A 8 44.20 38.94 17.49
CA GLY A 8 45.00 37.74 17.36
C GLY A 8 45.79 37.63 16.09
N GLY A 9 46.10 38.74 15.43
CA GLY A 9 46.90 38.73 14.21
C GLY A 9 48.25 39.38 14.45
N GLY A 10 49.29 38.82 13.86
CA GLY A 10 50.63 39.32 14.05
C GLY A 10 51.58 38.90 12.95
N LEU A 11 52.85 38.75 13.32
CA LEU A 11 53.89 38.32 12.40
C LEU A 11 54.24 36.86 12.68
N VAL A 12 54.21 36.03 11.65
CA VAL A 12 54.41 34.60 11.78
C VAL A 12 55.37 34.13 10.69
N LYS A 13 56.22 33.16 11.04
CA LYS A 13 57.21 32.60 10.13
C LYS A 13 56.55 31.63 9.15
N PRO A 14 56.98 31.64 7.87
CA PRO A 14 56.29 30.83 6.85
C PRO A 14 56.39 29.35 7.19
N GLY A 15 55.28 28.72 7.54
CA GLY A 15 55.30 27.30 7.87
C GLY A 15 54.88 26.99 9.29
N GLY A 16 54.19 27.94 9.93
CA GLY A 16 53.68 27.76 11.27
C GLY A 16 52.29 28.33 11.42
N SER A 17 51.76 28.20 12.64
CA SER A 17 50.36 28.46 12.92
C SER A 17 50.14 29.83 13.56
N LEU A 18 48.90 30.30 13.44
CA LEU A 18 48.45 31.61 13.91
C LEU A 18 46.94 31.55 14.05
N ARG A 19 46.40 31.99 15.17
CA ARG A 19 44.97 31.85 15.44
C ARG A 19 44.30 33.22 15.57
N LEU A 20 43.27 33.44 14.77
CA LEU A 20 42.52 34.68 14.76
C LEU A 20 41.23 34.54 15.56
N SER A 21 40.76 35.65 16.11
CA SER A 21 39.53 35.67 16.87
C SER A 21 38.61 36.76 16.33
N CYS A 22 37.36 36.69 16.77
CA CYS A 22 36.36 37.71 16.52
C CYS A 22 35.38 37.64 17.68
N ALA A 23 34.82 38.79 18.05
CA ALA A 23 33.94 38.86 19.21
C ALA A 23 32.74 39.73 18.87
N ALA A 24 31.57 39.11 18.74
CA ALA A 24 30.38 39.81 18.30
C ALA A 24 29.80 40.66 19.43
N SER A 25 29.01 41.66 19.03
CA SER A 25 28.27 42.49 19.97
C SER A 25 27.09 43.09 19.25
N GLY A 26 25.93 43.08 19.92
CA GLY A 26 24.76 43.80 19.48
C GLY A 26 23.70 42.94 18.81
N PHE A 27 24.10 41.88 18.14
CA PHE A 27 23.18 41.00 17.42
C PHE A 27 23.30 39.61 18.02
N THR A 28 22.36 38.73 17.68
CA THR A 28 22.42 37.35 18.16
C THR A 28 23.42 36.59 17.29
N PHE A 29 24.52 36.14 17.89
CA PHE A 29 25.57 35.55 17.09
C PHE A 29 25.26 34.11 16.74
N SER A 30 24.47 33.44 17.58
CA SER A 30 24.12 32.05 17.40
C SER A 30 23.11 31.84 16.27
N SER A 31 22.53 32.90 15.71
CA SER A 31 21.48 32.79 14.73
C SER A 31 21.94 33.06 13.31
N TYR A 32 23.23 33.30 13.11
CA TYR A 32 23.72 33.85 11.85
C TYR A 32 24.95 33.11 11.37
N THR A 33 25.12 33.10 10.05
CA THR A 33 26.28 32.48 9.43
C THR A 33 27.42 33.49 9.32
N MET A 34 28.61 33.05 9.72
CA MET A 34 29.77 33.93 9.82
C MET A 34 30.80 33.54 8.76
N ASN A 35 31.49 34.56 8.23
CA ASN A 35 32.43 34.38 7.15
C ASN A 35 33.77 34.99 7.52
N TRP A 36 34.80 34.61 6.75
CA TRP A 36 36.11 35.24 6.82
C TRP A 36 36.51 35.67 5.42
N VAL A 37 36.84 36.95 5.27
CA VAL A 37 37.27 37.51 3.98
C VAL A 37 38.59 38.23 4.21
N ARG A 38 39.60 37.89 3.40
CA ARG A 38 40.86 38.60 3.49
C ARG A 38 41.15 39.41 2.24
N GLN A 39 41.98 40.43 2.41
CA GLN A 39 42.45 41.26 1.31
C GLN A 39 43.97 41.33 1.36
N ALA A 40 44.63 40.73 0.36
CA ALA A 40 46.07 40.77 0.27
C ALA A 40 46.54 42.15 -0.22
N PRO A 41 47.71 42.61 0.26
CA PRO A 41 48.19 43.97 -0.05
C PRO A 41 48.03 44.41 -1.49
N GLY A 42 47.18 45.42 -1.74
CA GLY A 42 47.02 45.95 -3.07
C GLY A 42 46.24 45.07 -4.03
N LYS A 43 45.60 44.01 -3.53
CA LYS A 43 44.77 43.12 -4.34
C LYS A 43 43.31 43.32 -3.95
N GLY A 44 42.43 42.48 -4.51
CA GLY A 44 41.01 42.57 -4.23
C GLY A 44 40.58 41.75 -3.03
N LEU A 45 39.27 41.80 -2.77
CA LEU A 45 38.68 41.00 -1.70
C LEU A 45 38.69 39.53 -2.06
N GLU A 46 38.72 38.68 -1.03
CA GLU A 46 38.79 37.24 -1.25
C GLU A 46 38.10 36.52 -0.09
N TRP A 47 36.95 35.94 -0.37
CA TRP A 47 36.26 35.10 0.61
C TRP A 47 37.08 33.84 0.88
N VAL A 48 37.19 33.45 2.16
CA VAL A 48 38.04 32.34 2.57
C VAL A 48 37.24 31.24 3.26
N SER A 49 36.29 31.58 4.12
CA SER A 49 35.59 30.51 4.82
C SER A 49 34.23 31.01 5.28
N SER A 50 33.33 30.06 5.50
CA SER A 50 32.06 30.33 6.15
C SER A 50 31.70 29.16 7.05
N ILE A 51 31.07 29.48 8.17
CA ILE A 51 30.55 28.49 9.11
C ILE A 51 29.10 28.84 9.40
N SER A 52 28.23 27.84 9.40
CA SER A 52 26.81 28.11 9.60
C SER A 52 26.48 28.10 11.09
N SER A 53 25.30 28.62 11.42
CA SER A 53 24.95 28.84 12.83
C SER A 53 25.08 27.55 13.64
N SER A 54 24.43 26.49 13.19
CA SER A 54 24.50 25.18 13.84
C SER A 54 25.80 24.44 13.58
N GLU A 55 26.74 25.06 12.85
CA GLU A 55 28.02 24.48 12.50
C GLU A 55 27.90 23.29 11.57
N SER A 56 26.83 23.18 10.80
CA SER A 56 26.62 21.98 10.00
C SER A 56 27.01 22.14 8.53
N TYR A 57 27.05 23.37 8.03
CA TYR A 57 27.61 23.67 6.71
C TYR A 57 28.87 24.49 6.89
N ILE A 58 30.00 23.93 6.47
CA ILE A 58 31.31 24.55 6.61
C ILE A 58 31.97 24.57 5.23
N TYR A 59 32.50 25.73 4.85
CA TYR A 59 33.00 25.90 3.49
C TYR A 59 34.35 26.60 3.50
N TYR A 60 35.21 26.25 2.54
CA TYR A 60 36.52 26.88 2.42
C TYR A 60 36.81 27.17 0.95
N VAL A 61 37.65 28.17 0.70
CA VAL A 61 38.10 28.43 -0.66
C VAL A 61 39.32 27.56 -0.96
N ASP A 62 39.27 26.82 -2.07
CA ASP A 62 40.20 25.70 -2.27
C ASP A 62 41.67 26.08 -2.10
N SER A 63 42.00 27.36 -2.19
CA SER A 63 43.36 27.81 -1.97
C SER A 63 43.82 27.47 -0.56
N VAL A 64 42.87 27.38 0.37
CA VAL A 64 43.14 27.21 1.80
C VAL A 64 42.56 25.91 2.34
N GLN A 65 41.90 25.13 1.49
CA GLN A 65 41.27 23.88 1.92
C GLN A 65 42.30 22.95 2.54
N GLY A 66 41.92 22.35 3.67
CA GLY A 66 42.81 21.49 4.41
C GLY A 66 43.87 22.20 5.23
N ARG A 67 44.09 23.49 4.98
CA ARG A 67 45.11 24.27 5.68
C ARG A 67 44.49 25.07 6.81
N PHE A 68 43.37 25.74 6.54
CA PHE A 68 42.67 26.55 7.52
C PHE A 68 41.49 25.78 8.09
N THR A 69 41.11 26.14 9.32
CA THR A 69 39.99 25.52 10.01
C THR A 69 39.17 26.61 10.68
N ILE A 70 37.89 26.68 10.33
CA ILE A 70 36.97 27.65 10.91
C ILE A 70 36.20 26.96 12.03
N SER A 71 35.87 27.72 13.06
CA SER A 71 34.88 27.29 14.04
C SER A 71 34.36 28.49 14.80
N ARG A 72 33.40 28.23 15.68
CA ARG A 72 32.67 29.25 16.40
C ARG A 72 32.25 28.69 17.75
N ASP A 73 32.03 29.58 18.71
CA ASP A 73 31.44 29.20 19.99
C ASP A 73 30.29 30.16 20.26
N ASN A 74 29.06 29.63 20.18
CA ASN A 74 27.88 30.48 20.12
C ASN A 74 27.55 31.10 21.47
N ALA A 75 27.94 30.43 22.56
CA ALA A 75 27.75 31.01 23.88
C ALA A 75 28.64 32.22 24.08
N LYS A 76 29.86 32.18 23.55
CA LYS A 76 30.83 33.25 23.78
C LYS A 76 30.71 34.39 22.78
N ASN A 77 29.73 34.28 21.88
CA ASN A 77 29.57 35.08 20.68
C ASN A 77 30.92 35.35 20.00
N SER A 78 31.66 34.26 19.77
CA SER A 78 33.03 34.37 19.25
C SER A 78 33.19 33.53 17.99
N LEU A 79 33.97 34.06 17.05
CA LEU A 79 34.28 33.38 15.79
C LEU A 79 35.79 33.19 15.69
N TYR A 80 36.22 31.98 15.32
CA TYR A 80 37.63 31.63 15.31
C TYR A 80 38.07 31.14 13.94
N LEU A 81 39.35 31.35 13.65
CA LEU A 81 39.95 30.89 12.39
C LEU A 81 41.38 30.48 12.66
N GLN A 82 41.65 29.18 12.58
CA GLN A 82 42.99 28.63 12.79
C GLN A 82 43.70 28.53 11.45
N LEU A 83 44.85 29.19 11.34
CA LEU A 83 45.60 29.25 10.09
C LEU A 83 46.86 28.41 10.23
N ASN A 84 46.95 27.35 9.44
CA ASN A 84 47.98 26.34 9.57
C ASN A 84 48.82 26.28 8.30
N SER A 85 50.10 25.98 8.47
CA SER A 85 51.06 25.92 7.36
C SER A 85 50.99 27.19 6.51
N LEU A 86 51.26 28.32 7.18
CA LEU A 86 51.04 29.62 6.57
C LEU A 86 52.00 29.86 5.41
N ARG A 87 51.51 30.59 4.40
CA ARG A 87 52.22 30.79 3.15
C ARG A 87 52.56 32.26 2.94
N ALA A 88 53.43 32.50 1.96
CA ALA A 88 53.76 33.86 1.55
C ALA A 88 52.55 34.55 0.93
N GLU A 89 51.64 33.79 0.33
CA GLU A 89 50.42 34.34 -0.24
C GLU A 89 49.32 34.51 0.79
N ASP A 90 49.52 34.10 2.03
CA ASP A 90 48.53 34.26 3.08
C ASP A 90 48.60 35.63 3.76
N THR A 91 49.57 36.46 3.40
CA THR A 91 49.65 37.82 3.92
C THR A 91 48.45 38.62 3.43
N ALA A 92 47.57 39.02 4.35
CA ALA A 92 46.33 39.69 4.00
C ALA A 92 45.67 40.21 5.26
N VAL A 93 44.87 41.27 5.12
CA VAL A 93 44.02 41.73 6.19
C VAL A 93 42.75 40.88 6.20
N TYR A 94 42.43 40.30 7.36
CA TYR A 94 41.30 39.39 7.51
C TYR A 94 40.18 40.08 8.28
N TYR A 95 38.98 40.07 7.70
CA TYR A 95 37.77 40.53 8.38
C TYR A 95 36.97 39.30 8.80
N CYS A 96 36.17 39.49 9.86
CA CYS A 96 35.08 38.59 10.19
C CYS A 96 33.78 39.26 9.76
N VAL A 97 33.00 38.57 8.93
CA VAL A 97 31.83 39.17 8.28
C VAL A 97 30.61 38.34 8.62
N ARG A 98 29.51 39.01 9.00
CA ARG A 98 28.25 38.32 9.23
C ARG A 98 27.43 38.26 7.94
N ARG A 99 26.92 37.08 7.62
CA ARG A 99 26.00 36.88 6.51
C ARG A 99 24.58 36.89 7.07
N ASP A 100 23.73 37.74 6.50
CA ASP A 100 22.36 37.89 6.95
C ASP A 100 21.48 36.94 6.15
N ASN A 101 21.05 35.85 6.78
CA ASN A 101 20.34 34.77 6.12
C ASN A 101 18.88 35.10 5.83
N TRP A 102 18.40 36.28 6.24
CA TRP A 102 17.03 36.69 5.96
C TRP A 102 16.97 37.95 5.10
N ASN A 103 18.09 38.40 4.56
CA ASN A 103 18.13 39.48 3.56
C ASN A 103 18.96 39.02 2.36
N TYR A 104 18.66 37.83 1.85
CA TYR A 104 19.33 37.26 0.68
C TYR A 104 20.82 36.98 0.94
N ASP A 105 21.14 36.43 2.12
CA ASP A 105 22.50 35.97 2.45
C ASP A 105 23.56 37.02 2.14
N THR A 106 23.29 38.28 2.49
CA THR A 106 24.22 39.35 2.18
C THR A 106 25.21 39.56 3.32
N LEU A 107 26.45 39.85 2.98
CA LEU A 107 27.51 40.21 3.93
C LEU A 107 27.38 41.70 4.25
N ASP A 108 26.85 42.03 5.42
CA ASP A 108 26.59 43.41 5.78
C ASP A 108 27.40 43.96 6.94
N ILE A 109 27.73 43.15 7.93
CA ILE A 109 28.50 43.59 9.08
C ILE A 109 29.93 43.10 8.94
N TRP A 110 30.83 44.03 8.65
CA TRP A 110 32.26 43.77 8.59
C TRP A 110 32.91 44.34 9.85
N GLY A 111 34.08 43.78 10.18
CA GLY A 111 34.91 44.32 11.24
C GLY A 111 35.97 45.25 10.69
N GLN A 112 36.76 45.80 11.61
CA GLN A 112 37.84 46.69 11.18
C GLN A 112 38.98 45.92 10.54
N GLY A 113 39.12 44.65 10.87
CA GLY A 113 40.13 43.80 10.27
C GLY A 113 41.40 43.73 11.10
N THR A 114 42.11 42.62 10.92
CA THR A 114 43.42 42.42 11.54
C THR A 114 44.41 41.98 10.48
N MET A 115 45.65 42.44 10.63
CA MET A 115 46.73 42.15 9.68
C MET A 115 47.47 40.89 10.10
N VAL A 116 47.65 39.99 9.13
CA VAL A 116 48.40 38.75 9.30
C VAL A 116 49.53 38.79 8.29
N THR A 117 50.76 38.76 8.78
CA THR A 117 51.93 38.85 7.93
C THR A 117 52.74 37.57 8.07
N VAL A 118 53.07 36.97 6.94
CA VAL A 118 53.84 35.73 6.91
C VAL A 118 55.16 36.05 6.22
N SER A 119 56.20 36.29 7.00
CA SER A 119 57.50 36.70 6.48
C SER A 119 58.59 35.73 6.92
N ASP B 1 33.21 26.37 -9.48
CA ASP B 1 33.08 27.62 -8.74
C ASP B 1 32.48 28.73 -9.62
N ILE B 2 31.49 29.44 -9.09
CA ILE B 2 30.88 30.54 -9.81
C ILE B 2 31.88 31.68 -9.98
N VAL B 3 32.07 32.13 -11.23
CA VAL B 3 33.01 33.23 -11.51
C VAL B 3 32.23 34.52 -11.68
N MET B 4 32.92 35.63 -11.38
CA MET B 4 32.35 36.98 -11.36
C MET B 4 33.24 37.93 -12.14
N THR B 5 32.69 38.56 -13.17
CA THR B 5 33.50 39.41 -14.05
C THR B 5 32.96 40.84 -14.00
N GLN B 6 33.69 41.71 -13.33
CA GLN B 6 33.28 43.09 -13.19
C GLN B 6 33.94 43.94 -14.29
N SER B 7 33.23 44.96 -14.75
CA SER B 7 33.74 45.77 -15.84
C SER B 7 33.39 47.24 -15.70
N PRO B 8 34.32 48.15 -16.03
CA PRO B 8 35.69 47.88 -16.43
C PRO B 8 36.55 47.65 -15.19
N SER B 9 37.86 47.49 -15.32
CA SER B 9 38.72 47.41 -14.16
C SER B 9 39.03 48.78 -13.55
N SER B 10 38.96 49.85 -14.35
CA SER B 10 39.08 51.20 -13.82
C SER B 10 38.24 52.12 -14.67
N LEU B 11 37.80 53.23 -14.06
CA LEU B 11 36.89 54.16 -14.70
C LEU B 11 37.19 55.57 -14.22
N SER B 12 37.15 56.52 -15.15
CA SER B 12 37.39 57.93 -14.85
C SER B 12 36.08 58.69 -14.92
N ALA B 13 35.82 59.52 -13.90
CA ALA B 13 34.55 60.24 -13.84
C ALA B 13 34.73 61.54 -13.07
N SER B 14 33.80 62.46 -13.31
CA SER B 14 33.75 63.76 -12.63
C SER B 14 32.53 63.84 -11.73
N VAL B 15 32.46 64.91 -10.95
CA VAL B 15 31.37 65.07 -9.99
C VAL B 15 30.10 65.50 -10.73
N GLY B 16 29.01 64.78 -10.48
CA GLY B 16 27.78 64.98 -11.22
C GLY B 16 27.60 64.06 -12.41
N ASP B 17 28.60 63.23 -12.72
CA ASP B 17 28.57 62.33 -13.85
C ASP B 17 27.77 61.08 -13.52
N ARG B 18 27.35 60.38 -14.56
CA ARG B 18 26.65 59.11 -14.47
C ARG B 18 27.68 58.00 -14.70
N VAL B 19 27.76 57.05 -13.77
CA VAL B 19 28.76 56.00 -13.82
C VAL B 19 28.05 54.66 -13.89
N ILE B 20 28.48 53.82 -14.84
CA ILE B 20 27.86 52.52 -15.06
C ILE B 20 28.91 51.43 -14.82
N ILE B 21 28.64 50.52 -13.88
CA ILE B 21 29.56 49.44 -13.56
C ILE B 21 28.83 48.11 -13.74
N THR B 22 29.44 47.18 -14.47
CA THR B 22 28.72 45.97 -14.82
C THR B 22 29.44 44.76 -14.22
N CYS B 23 28.70 43.64 -14.16
CA CYS B 23 29.02 42.49 -13.34
C CYS B 23 28.35 41.28 -13.99
N ARG B 24 29.13 40.26 -14.32
CA ARG B 24 28.65 39.12 -15.08
C ARG B 24 29.04 37.81 -14.42
N ALA B 25 28.07 36.90 -14.30
CA ALA B 25 28.22 35.63 -13.62
C ALA B 25 28.41 34.48 -14.60
N SER B 26 29.13 33.45 -14.15
CA SER B 26 29.36 32.29 -15.00
C SER B 26 28.10 31.42 -15.10
N GLN B 27 27.40 31.26 -13.99
CA GLN B 27 26.15 30.51 -13.89
C GLN B 27 25.06 31.47 -13.44
N SER B 28 23.83 30.99 -13.28
CA SER B 28 22.76 31.89 -12.88
C SER B 28 22.58 31.83 -11.37
N ILE B 29 22.69 32.99 -10.73
CA ILE B 29 22.72 33.13 -9.28
C ILE B 29 21.47 33.82 -8.76
N SER B 30 20.46 34.00 -9.63
CA SER B 30 19.19 34.62 -9.31
C SER B 30 19.41 36.09 -8.97
N THR B 31 18.94 36.53 -7.82
CA THR B 31 19.14 37.91 -7.41
C THR B 31 20.15 38.03 -6.27
N TYR B 32 21.01 37.04 -6.09
CA TYR B 32 21.91 37.00 -4.93
C TYR B 32 23.23 37.64 -5.31
N LEU B 33 23.17 38.94 -5.50
CA LEU B 33 24.35 39.75 -5.79
C LEU B 33 24.35 40.98 -4.89
N ASN B 34 25.52 41.35 -4.41
CA ASN B 34 25.68 42.53 -3.60
C ASN B 34 26.79 43.38 -4.19
N TRP B 35 26.76 44.66 -3.86
CA TRP B 35 27.78 45.61 -4.28
C TRP B 35 28.41 46.26 -3.05
N TYR B 36 29.71 46.54 -3.12
CA TYR B 36 30.44 47.10 -1.99
C TYR B 36 31.14 48.38 -2.43
N GLN B 37 31.59 49.16 -1.47
CA GLN B 37 32.33 50.39 -1.73
C GLN B 37 33.43 50.51 -0.70
N GLN B 38 34.69 50.41 -1.14
CA GLN B 38 35.83 50.35 -0.24
C GLN B 38 36.79 51.51 -0.49
N LYS B 39 37.20 52.16 0.61
CA LYS B 39 38.19 53.25 0.61
C LYS B 39 39.50 52.78 1.26
N PRO B 40 40.65 53.32 0.81
CA PRO B 40 41.95 52.80 1.28
C PRO B 40 42.10 52.78 2.79
N GLY B 41 42.25 51.57 3.35
CA GLY B 41 42.37 51.43 4.78
C GLY B 41 41.06 51.38 5.53
N LYS B 42 39.97 51.02 4.86
CA LYS B 42 38.67 50.94 5.50
C LYS B 42 37.97 49.66 5.08
N ALA B 43 37.16 49.13 5.99
CA ALA B 43 36.38 47.94 5.67
C ALA B 43 35.36 48.25 4.59
N PRO B 44 35.06 47.29 3.72
CA PRO B 44 34.12 47.57 2.63
C PRO B 44 32.70 47.72 3.17
N LYS B 45 31.93 48.57 2.51
CA LYS B 45 30.60 48.94 2.97
C LYS B 45 29.56 48.49 1.95
N LEU B 46 28.45 47.98 2.45
CA LEU B 46 27.44 47.33 1.63
C LEU B 46 26.47 48.37 1.06
N LEU B 47 26.42 48.47 -0.28
CA LEU B 47 25.54 49.41 -0.95
C LEU B 47 24.29 48.73 -1.51
N ILE B 48 24.45 47.86 -2.51
CA ILE B 48 23.33 47.13 -3.07
C ILE B 48 23.30 45.71 -2.54
N TYR B 49 22.09 45.19 -2.31
CA TYR B 49 21.86 43.78 -2.06
C TYR B 49 20.54 43.34 -2.71
N ALA B 50 20.40 42.03 -2.86
CA ALA B 50 19.30 41.42 -3.61
C ALA B 50 19.27 41.94 -5.05
N ALA B 51 20.45 42.32 -5.54
CA ALA B 51 20.72 42.94 -6.83
C ALA B 51 20.11 44.33 -7.05
N SER B 52 19.17 44.75 -6.20
CA SER B 52 18.56 46.06 -6.43
C SER B 52 18.19 46.83 -5.16
N SER B 53 18.10 46.13 -4.04
CA SER B 53 17.66 46.77 -2.81
C SER B 53 18.74 47.71 -2.26
N LEU B 54 18.31 48.71 -1.51
CA LEU B 54 19.21 49.72 -0.95
C LEU B 54 19.41 49.47 0.54
N GLN B 55 20.67 49.40 0.96
CA GLN B 55 20.99 49.29 2.37
C GLN B 55 20.69 50.60 3.08
N SER B 56 19.92 50.51 4.16
CA SER B 56 19.78 51.61 5.13
C SER B 56 21.05 52.43 5.30
N GLY B 57 20.92 53.75 5.18
CA GLY B 57 22.04 54.66 5.30
C GLY B 57 22.86 54.89 4.05
N VAL B 58 22.46 54.34 2.91
CA VAL B 58 23.15 54.54 1.64
C VAL B 58 22.37 55.55 0.83
N PRO B 59 23.01 56.57 0.25
CA PRO B 59 22.27 57.51 -0.60
C PRO B 59 21.72 56.84 -1.85
N SER B 60 20.72 57.49 -2.44
CA SER B 60 20.00 56.95 -3.58
C SER B 60 20.65 57.28 -4.91
N ARG B 61 21.94 57.61 -4.92
CA ARG B 61 22.64 57.70 -6.20
C ARG B 61 22.98 56.31 -6.71
N PHE B 62 23.37 55.41 -5.81
CA PHE B 62 23.63 54.03 -6.16
C PHE B 62 22.33 53.28 -6.43
N SER B 63 22.34 52.46 -7.48
CA SER B 63 21.14 51.72 -7.87
C SER B 63 21.57 50.48 -8.66
N GLY B 64 20.89 49.37 -8.41
CA GLY B 64 21.24 48.11 -9.03
C GLY B 64 20.09 47.53 -9.83
N SER B 65 20.43 46.86 -10.93
CA SER B 65 19.46 46.21 -11.79
C SER B 65 20.01 44.85 -12.22
N GLU B 66 19.11 43.92 -12.53
CA GLU B 66 19.52 42.59 -12.95
C GLU B 66 18.81 42.18 -14.24
N SER B 67 19.56 41.54 -15.13
CA SER B 67 19.03 41.01 -16.40
C SER B 67 19.71 39.67 -16.66
N GLY B 68 19.13 38.61 -16.13
CA GLY B 68 19.75 37.30 -16.24
C GLY B 68 21.00 37.24 -15.38
N THR B 69 22.08 36.71 -15.97
CA THR B 69 23.37 36.71 -15.29
C THR B 69 24.04 38.07 -15.28
N ASP B 70 23.44 39.09 -15.90
CA ASP B 70 24.11 40.38 -16.03
C ASP B 70 23.57 41.34 -14.99
N PHE B 71 24.46 42.00 -14.27
CA PHE B 71 24.05 42.94 -13.23
C PHE B 71 24.75 44.27 -13.41
N THR B 72 24.12 45.33 -12.92
CA THR B 72 24.59 46.69 -13.17
C THR B 72 24.54 47.50 -11.89
N LEU B 73 25.64 48.20 -11.59
CA LEU B 73 25.71 49.23 -10.56
C LEU B 73 25.57 50.58 -11.24
N THR B 74 24.87 51.53 -10.62
CA THR B 74 24.68 52.78 -11.36
C THR B 74 24.64 53.94 -10.38
N ILE B 75 25.57 54.88 -10.55
CA ILE B 75 25.67 56.07 -9.71
C ILE B 75 25.39 57.26 -10.61
N SER B 76 24.13 57.70 -10.65
CA SER B 76 23.74 58.75 -11.59
C SER B 76 24.39 60.09 -11.26
N GLY B 77 24.50 60.42 -9.97
CA GLY B 77 25.12 61.68 -9.59
C GLY B 77 26.24 61.53 -8.58
N LEU B 78 27.47 61.79 -9.01
CA LEU B 78 28.65 61.51 -8.19
C LEU B 78 28.96 62.65 -7.25
N GLN B 79 29.14 62.34 -5.98
CA GLN B 79 29.64 63.29 -5.02
C GLN B 79 31.15 63.20 -4.92
N PRO B 80 31.81 64.20 -4.33
CA PRO B 80 33.27 64.10 -4.12
C PRO B 80 33.68 63.01 -3.13
N GLU B 81 32.73 62.23 -2.62
CA GLU B 81 33.03 61.13 -1.72
C GLU B 81 32.71 59.77 -2.34
N ASP B 82 32.31 59.74 -3.61
CA ASP B 82 31.97 58.51 -4.30
C ASP B 82 33.13 57.97 -5.15
N PHE B 83 34.34 58.47 -4.93
CA PHE B 83 35.52 57.92 -5.59
C PHE B 83 36.12 56.85 -4.69
N ALA B 84 35.89 55.59 -5.05
CA ALA B 84 36.35 54.46 -4.27
C ALA B 84 36.33 53.22 -5.16
N THR B 85 36.78 52.10 -4.61
CA THR B 85 36.88 50.85 -5.35
C THR B 85 35.70 49.96 -5.00
N TYR B 86 34.92 49.59 -6.01
CA TYR B 86 33.67 48.84 -5.86
C TYR B 86 33.87 47.40 -6.31
N TYR B 87 33.10 46.48 -5.72
CA TYR B 87 33.12 45.08 -6.08
C TYR B 87 31.69 44.53 -6.06
N CYS B 88 31.44 43.50 -6.87
CA CYS B 88 30.22 42.70 -6.76
C CYS B 88 30.57 41.32 -6.21
N LEU B 89 29.69 40.78 -5.38
CA LEU B 89 29.87 39.51 -4.69
C LEU B 89 28.62 38.67 -4.86
N GLN B 90 28.80 37.42 -5.29
CA GLN B 90 27.66 36.53 -5.38
C GLN B 90 27.45 35.83 -4.05
N SER B 91 26.23 35.94 -3.52
CA SER B 91 25.87 35.37 -2.23
C SER B 91 24.98 34.14 -2.38
N TYR B 92 25.24 33.29 -3.38
CA TYR B 92 24.28 32.25 -3.76
C TYR B 92 24.74 30.86 -3.30
N ASP B 93 25.88 30.39 -3.79
CA ASP B 93 26.49 29.14 -3.36
C ASP B 93 27.94 29.37 -2.97
N ALA B 94 28.50 28.40 -2.23
CA ALA B 94 29.86 28.53 -1.75
C ALA B 94 30.80 27.63 -2.54
N PRO B 95 32.00 28.12 -2.87
CA PRO B 95 32.67 29.30 -2.35
C PRO B 95 32.06 30.63 -2.84
N LEU B 96 31.93 31.58 -1.93
CA LEU B 96 31.43 32.89 -2.31
C LEU B 96 32.52 33.66 -3.03
N THR B 97 32.17 34.37 -4.10
CA THR B 97 33.20 34.95 -4.94
C THR B 97 32.97 36.43 -5.21
N PHE B 98 34.05 37.19 -5.18
CA PHE B 98 34.09 38.62 -5.47
C PHE B 98 34.69 38.89 -6.84
N GLY B 99 34.29 40.00 -7.46
CA GLY B 99 34.88 40.41 -8.71
C GLY B 99 36.29 40.95 -8.54
N GLY B 100 36.88 41.35 -9.67
CA GLY B 100 38.19 41.97 -9.62
C GLY B 100 38.16 43.33 -8.97
N GLY B 101 37.08 44.07 -9.18
CA GLY B 101 36.85 45.38 -8.62
C GLY B 101 36.56 46.40 -9.70
N THR B 102 36.61 47.67 -9.32
CA THR B 102 36.54 48.78 -10.27
C THR B 102 37.05 50.02 -9.56
N LYS B 103 38.18 50.55 -10.02
CA LYS B 103 38.77 51.76 -9.48
C LYS B 103 38.16 52.96 -10.17
N VAL B 104 37.44 53.78 -9.43
CA VAL B 104 36.82 55.00 -9.96
C VAL B 104 37.70 56.18 -9.55
N ASP B 105 38.31 56.83 -10.53
CA ASP B 105 39.22 57.94 -10.30
C ASP B 105 38.54 59.25 -10.66
N ILE B 106 39.30 60.33 -10.58
CA ILE B 106 38.82 61.68 -10.85
C ILE B 106 39.25 62.09 -12.24
N LYS B 107 38.34 62.72 -12.98
CA LYS B 107 38.56 62.96 -14.40
C LYS B 107 38.63 64.45 -14.73
N GLY C 39 -4.34 24.98 -2.29
CA GLY C 39 -3.54 23.76 -2.31
C GLY C 39 -3.75 22.93 -3.55
N THR C 40 -2.72 22.89 -4.40
CA THR C 40 -2.81 22.26 -5.71
C THR C 40 -1.94 21.01 -5.74
N LEU C 41 -2.53 19.89 -6.17
CA LEU C 41 -1.82 18.62 -6.30
C LEU C 41 -2.19 18.01 -7.65
N GLN C 42 -1.19 17.63 -8.43
CA GLN C 42 -1.41 17.03 -9.74
C GLN C 42 -1.05 15.55 -9.78
N LYS C 43 0.16 15.17 -9.39
CA LYS C 43 0.45 13.75 -9.23
C LYS C 43 0.90 13.49 -7.80
N THR C 44 1.28 12.23 -7.52
CA THR C 44 1.85 11.92 -6.21
C THR C 44 3.32 12.29 -6.11
N GLU C 45 3.95 12.56 -7.26
CA GLU C 45 5.33 12.97 -7.38
C GLU C 45 5.55 14.39 -6.88
N ASP C 46 4.51 15.21 -6.83
CA ASP C 46 4.56 16.58 -6.33
C ASP C 46 4.73 16.66 -4.82
N VAL C 47 4.60 15.53 -4.14
CA VAL C 47 4.46 15.45 -2.69
C VAL C 47 5.82 14.99 -2.16
N HIS C 48 6.39 15.78 -1.26
CA HIS C 48 7.76 15.63 -0.81
C HIS C 48 7.78 15.46 0.69
N LEU C 49 8.46 14.42 1.16
CA LEU C 49 8.67 14.20 2.58
C LEU C 49 10.15 14.44 2.83
N MET C 50 10.47 15.59 3.42
CA MET C 50 11.84 16.02 3.62
C MET C 50 12.30 15.64 5.02
N GLY C 51 13.48 15.02 5.11
CA GLY C 51 14.01 14.65 6.40
C GLY C 51 14.97 15.69 6.94
N PHE C 52 14.51 16.45 7.94
CA PHE C 52 15.33 17.45 8.59
C PHE C 52 15.97 16.87 9.84
N THR C 53 17.16 17.36 10.17
CA THR C 53 17.99 16.84 11.24
C THR C 53 17.80 17.65 12.51
N LEU C 54 18.18 17.05 13.64
CA LEU C 54 18.13 17.78 14.90
C LEU C 54 19.29 18.75 15.02
N SER C 55 20.42 18.45 14.38
CA SER C 55 21.55 19.37 14.38
C SER C 55 21.14 20.73 13.80
N GLY C 56 20.40 20.71 12.69
CA GLY C 56 19.97 21.94 12.04
C GLY C 56 19.00 22.77 12.85
N GLN C 57 18.43 22.22 13.93
CA GLN C 57 17.57 22.98 14.83
C GLN C 57 18.27 23.26 16.17
N LYS C 58 19.60 23.36 16.15
CA LYS C 58 20.40 23.87 17.26
C LYS C 58 20.35 22.93 18.45
N VAL C 59 20.58 21.64 18.20
CA VAL C 59 20.60 20.60 19.22
C VAL C 59 21.97 19.95 19.22
N ALA C 60 22.49 19.66 20.43
CA ALA C 60 23.86 19.16 20.53
C ALA C 60 23.89 17.67 20.23
N ASP C 61 24.65 17.28 19.19
CA ASP C 61 24.63 15.93 18.64
C ASP C 61 25.93 15.18 18.89
N SER C 62 26.67 15.55 19.94
CA SER C 62 27.81 14.74 20.35
C SER C 62 27.31 13.38 20.81
N PRO C 63 28.15 12.35 20.78
CA PRO C 63 27.66 11.02 21.17
C PRO C 63 27.27 10.95 22.64
N LEU C 64 27.84 11.82 23.49
CA LEU C 64 27.47 11.85 24.90
C LEU C 64 26.18 12.62 25.13
N GLU C 65 25.85 13.57 24.25
CA GLU C 65 24.61 14.31 24.37
C GLU C 65 23.48 13.67 23.60
N ALA C 66 23.80 12.93 22.53
CA ALA C 66 22.77 12.22 21.78
C ALA C 66 22.28 10.99 22.54
N SER C 67 23.19 10.29 23.23
CA SER C 67 22.83 9.07 23.94
C SER C 67 21.69 9.32 24.93
N LYS C 68 21.81 10.39 25.73
CA LYS C 68 20.83 10.72 26.75
C LYS C 68 19.45 11.01 26.19
N ARG C 69 19.32 11.13 24.88
CA ARG C 69 18.02 11.27 24.22
C ARG C 69 17.45 9.92 23.79
N TRP C 70 18.12 8.83 24.14
CA TRP C 70 17.76 7.49 23.74
C TRP C 70 17.56 6.62 24.98
N ALA C 71 16.59 5.72 24.92
CA ALA C 71 16.29 4.84 26.04
C ALA C 71 15.64 3.57 25.55
N PHE C 72 15.93 2.46 26.23
CA PHE C 72 15.34 1.17 25.93
C PHE C 72 14.01 1.01 26.66
N ARG C 73 13.11 0.23 26.08
CA ARG C 73 11.89 -0.08 26.82
C ARG C 73 11.25 -1.27 26.13
N THR C 74 10.31 -1.91 26.82
CA THR C 74 9.65 -3.11 26.30
C THR C 74 8.16 -2.85 26.12
N GLY C 75 7.60 -3.44 25.06
CA GLY C 75 6.18 -3.41 24.82
C GLY C 75 5.74 -2.55 23.64
N VAL C 76 6.63 -1.76 23.08
CA VAL C 76 6.32 -0.92 21.91
C VAL C 76 7.10 -1.46 20.73
N PRO C 77 6.46 -1.71 19.58
CA PRO C 77 7.17 -2.32 18.46
C PRO C 77 7.76 -1.27 17.53
N PRO C 78 8.86 -1.61 16.86
CA PRO C 78 9.41 -0.79 15.77
C PRO C 78 8.34 -0.31 14.78
N LYS C 79 8.58 0.84 14.14
CA LYS C 79 7.68 1.36 13.12
C LYS C 79 8.48 2.18 12.12
N ASN C 80 8.27 1.90 10.84
CA ASN C 80 9.05 2.51 9.76
C ASN C 80 8.15 3.29 8.82
N VAL C 81 8.75 4.27 8.13
CA VAL C 81 8.04 5.14 7.21
C VAL C 81 9.04 5.62 6.16
N GLU C 82 8.58 5.82 4.94
CA GLU C 82 9.45 6.27 3.86
C GLU C 82 9.30 7.77 3.60
N TYR C 83 10.41 8.41 3.24
CA TYR C 83 10.43 9.80 2.85
C TYR C 83 11.30 9.97 1.61
N THR C 84 11.17 11.10 0.93
CA THR C 84 11.69 11.22 -0.42
C THR C 84 13.07 11.86 -0.52
N GLU C 85 13.38 12.90 0.28
CA GLU C 85 14.74 13.39 0.31
C GLU C 85 15.13 13.73 1.74
N GLY C 86 16.36 14.18 1.92
CA GLY C 86 16.89 14.41 3.26
C GLY C 86 17.96 15.48 3.26
N GLU C 87 18.04 16.18 4.39
CA GLU C 87 19.09 17.16 4.63
C GLU C 87 20.42 16.47 4.89
N GLU C 88 21.49 17.03 4.34
CA GLU C 88 22.84 16.54 4.63
C GLU C 88 23.16 16.80 6.09
N ALA C 89 23.30 15.74 6.87
CA ALA C 89 23.48 15.87 8.30
C ALA C 89 24.93 16.10 8.67
N LYS C 90 25.15 16.53 9.89
CA LYS C 90 26.49 16.85 10.39
C LYS C 90 27.06 15.74 11.23
N THR C 91 26.23 15.07 12.02
CA THR C 91 26.66 13.99 12.89
C THR C 91 25.75 12.79 12.69
N CYS C 92 26.33 11.66 12.32
CA CYS C 92 25.62 10.41 12.16
C CYS C 92 26.24 9.36 13.08
N TYR C 93 25.52 8.27 13.29
CA TYR C 93 25.92 7.27 14.27
C TYR C 93 25.85 5.88 13.67
N ASN C 94 26.88 5.09 13.94
CA ASN C 94 26.99 3.70 13.50
C ASN C 94 27.26 2.89 14.76
N ILE C 95 26.20 2.35 15.36
CA ILE C 95 26.24 1.85 16.72
C ILE C 95 26.18 0.32 16.72
N SER C 96 27.13 -0.31 17.39
CA SER C 96 27.25 -1.76 17.42
C SER C 96 27.61 -2.24 18.83
N VAL C 97 26.76 -1.91 19.80
CA VAL C 97 26.98 -2.27 21.20
C VAL C 97 26.27 -3.59 21.52
N THR C 98 26.96 -4.44 22.28
CA THR C 98 26.49 -5.77 22.60
C THR C 98 26.53 -5.98 24.11
N ASP C 99 25.73 -6.95 24.57
CA ASP C 99 25.58 -7.25 25.98
C ASP C 99 26.60 -8.30 26.39
N PRO C 100 26.86 -8.47 27.70
CA PRO C 100 27.89 -9.46 28.10
C PRO C 100 27.56 -10.89 27.66
N SER C 101 26.28 -11.21 27.44
CA SER C 101 25.96 -12.43 26.72
C SER C 101 26.59 -12.44 25.33
N GLY C 102 26.21 -11.47 24.51
CA GLY C 102 26.76 -11.39 23.16
C GLY C 102 25.76 -10.97 22.11
N LYS C 103 24.47 -11.13 22.37
CA LYS C 103 23.48 -10.68 21.42
C LYS C 103 23.43 -9.15 21.39
N SER C 104 23.31 -8.60 20.18
CA SER C 104 23.36 -7.16 20.01
C SER C 104 22.08 -6.51 20.51
N LEU C 105 22.24 -5.45 21.31
CA LEU C 105 21.10 -4.78 21.93
C LEU C 105 20.06 -4.36 20.91
N LEU C 106 20.50 -3.71 19.85
CA LEU C 106 19.60 -3.16 18.84
C LEU C 106 19.06 -4.25 17.92
N LEU C 107 18.09 -3.89 17.09
CA LEU C 107 17.40 -4.85 16.25
C LEU C 107 18.09 -4.99 14.91
N ASP C 108 18.26 -6.24 14.47
CA ASP C 108 18.85 -6.50 13.16
C ASP C 108 18.00 -5.84 12.09
N PRO C 109 18.58 -4.99 11.23
CA PRO C 109 17.76 -4.20 10.32
C PRO C 109 17.18 -5.07 9.23
N PRO C 110 16.03 -4.70 8.67
CA PRO C 110 15.54 -5.35 7.45
C PRO C 110 16.44 -5.00 6.28
N THR C 111 16.19 -5.70 5.16
CA THR C 111 17.06 -5.58 4.00
C THR C 111 17.04 -4.17 3.40
N ASN C 112 15.90 -3.50 3.45
CA ASN C 112 15.75 -2.18 2.84
C ASN C 112 16.37 -1.05 3.67
N ILE C 113 17.12 -1.36 4.72
CA ILE C 113 17.73 -0.35 5.59
C ILE C 113 19.16 -0.11 5.14
N ARG C 114 19.44 1.12 4.71
CA ARG C 114 20.78 1.51 4.28
C ARG C 114 21.22 2.74 5.05
N ASP C 115 22.53 2.99 5.01
CA ASP C 115 23.12 4.07 5.79
C ASP C 115 22.60 5.42 5.31
N TYR C 116 22.81 6.45 6.13
CA TYR C 116 22.38 7.78 5.74
C TYR C 116 23.25 8.28 4.59
N PRO C 117 22.67 8.75 3.49
CA PRO C 117 23.46 9.06 2.30
C PRO C 117 24.59 10.07 2.55
N LYS C 118 24.28 11.24 3.09
CA LYS C 118 25.24 12.34 3.18
C LYS C 118 25.46 12.70 4.65
N CYS C 119 26.57 12.22 5.20
CA CYS C 119 27.01 12.56 6.55
C CYS C 119 28.38 13.23 6.52
N LYS C 120 28.55 14.23 7.37
CA LYS C 120 29.87 14.85 7.43
C LYS C 120 30.78 14.15 8.44
N THR C 121 30.23 13.70 9.56
CA THR C 121 30.98 12.94 10.55
C THR C 121 30.15 11.74 11.00
N ILE C 122 30.80 10.59 11.11
CA ILE C 122 30.17 9.35 11.57
C ILE C 122 30.88 8.90 12.83
N HIS C 123 30.11 8.62 13.88
CA HIS C 123 30.63 8.23 15.18
C HIS C 123 30.38 6.75 15.40
N HIS C 124 31.43 5.93 15.35
CA HIS C 124 31.31 4.49 15.56
C HIS C 124 31.28 4.30 17.07
N ILE C 125 30.11 4.00 17.60
CA ILE C 125 29.90 3.59 18.98
C ILE C 125 29.86 2.06 19.04
N GLN C 126 30.76 1.48 19.84
CA GLN C 126 30.98 0.05 19.82
C GLN C 126 31.39 -0.43 21.21
N GLY C 127 30.76 -1.49 21.70
CA GLY C 127 31.41 -2.07 22.86
C GLY C 127 30.59 -3.10 23.63
N GLN C 128 30.60 -3.01 24.95
CA GLN C 128 29.97 -4.02 25.80
C GLN C 128 29.25 -3.27 26.91
N ASN C 129 27.94 -3.48 27.02
CA ASN C 129 27.12 -2.70 27.92
C ASN C 129 26.29 -3.68 28.74
N PRO C 130 25.92 -3.34 29.98
CA PRO C 130 25.12 -4.28 30.76
C PRO C 130 23.83 -4.66 30.05
N HIS C 131 23.24 -5.77 30.50
CA HIS C 131 22.02 -6.26 29.89
C HIS C 131 20.90 -5.23 30.01
N ALA C 132 20.10 -5.12 28.96
CA ALA C 132 18.99 -4.18 28.91
C ALA C 132 17.93 -4.72 27.97
N GLN C 133 16.69 -4.76 28.45
CA GLN C 133 15.60 -5.40 27.71
C GLN C 133 14.84 -4.39 26.88
N GLY C 134 14.44 -4.81 25.68
CA GLY C 134 13.64 -3.99 24.81
C GLY C 134 14.44 -3.36 23.69
N ILE C 135 13.88 -2.28 23.15
CA ILE C 135 14.45 -1.60 21.99
C ILE C 135 14.61 -0.12 22.31
N ALA C 136 15.61 0.49 21.69
CA ALA C 136 15.97 1.87 21.96
C ALA C 136 15.13 2.81 21.12
N LEU C 137 14.41 3.71 21.78
CA LEU C 137 13.52 4.68 21.14
C LEU C 137 14.04 6.08 21.43
N HIS C 138 13.34 7.08 20.91
CA HIS C 138 13.73 8.48 21.09
C HIS C 138 12.91 9.09 22.22
N LEU C 139 13.57 9.81 23.13
CA LEU C 139 12.89 10.50 24.21
C LEU C 139 12.16 11.75 23.75
N TRP C 140 12.36 12.16 22.50
CA TRP C 140 11.74 13.38 22.00
C TRP C 140 10.54 13.14 21.09
N GLY C 141 10.40 11.92 20.57
CA GLY C 141 9.47 11.63 19.51
C GLY C 141 10.05 11.76 18.12
N ALA C 142 11.34 12.05 18.00
CA ALA C 142 11.96 12.17 16.69
C ALA C 142 12.35 10.80 16.17
N PHE C 143 12.62 10.74 14.86
CA PHE C 143 12.91 9.49 14.19
C PHE C 143 14.40 9.32 13.97
N PHE C 144 14.83 8.06 13.87
CA PHE C 144 16.18 7.74 13.44
C PHE C 144 16.16 7.62 11.93
N LEU C 145 16.79 8.57 11.26
CA LEU C 145 16.69 8.70 9.82
C LEU C 145 17.74 7.83 9.14
N TYR C 146 17.29 6.96 8.25
CA TYR C 146 18.11 6.05 7.47
C TYR C 146 18.07 6.50 6.02
N ASP C 147 18.50 5.63 5.11
CA ASP C 147 18.41 5.99 3.69
C ASP C 147 16.96 5.93 3.24
N ARG C 148 16.30 7.08 3.24
CA ARG C 148 14.90 7.23 2.86
C ARG C 148 13.95 6.39 3.71
N ILE C 149 14.38 5.96 4.89
CA ILE C 149 13.52 5.30 5.85
C ILE C 149 13.70 5.96 7.20
N ALA C 150 12.60 6.34 7.85
CA ALA C 150 12.62 6.85 9.21
C ALA C 150 12.07 5.76 10.13
N SER C 151 12.87 5.35 11.11
CA SER C 151 12.47 4.36 12.09
C SER C 151 12.31 4.98 13.47
N THR C 152 11.38 4.42 14.24
CA THR C 152 11.25 4.77 15.65
C THR C 152 12.25 4.03 16.54
N THR C 153 13.13 3.21 15.96
CA THR C 153 14.13 2.49 16.72
C THR C 153 15.39 2.36 15.85
N MET C 154 16.54 2.29 16.50
CA MET C 154 17.78 2.22 15.74
C MET C 154 18.18 0.77 15.52
N TYR C 155 18.69 0.47 14.33
CA TYR C 155 19.06 -0.89 13.98
C TYR C 155 20.58 -1.04 14.02
N ARG C 156 21.04 -2.22 14.45
CA ARG C 156 22.47 -2.49 14.54
C ARG C 156 23.12 -2.45 13.17
N GLY C 157 24.30 -1.86 13.10
CA GLY C 157 25.12 -1.93 11.91
C GLY C 157 24.84 -0.88 10.85
N LYS C 158 24.07 0.15 11.17
CA LYS C 158 23.57 1.07 10.17
C LYS C 158 23.76 2.52 10.61
N VAL C 159 24.17 3.36 9.67
CA VAL C 159 24.42 4.77 9.94
C VAL C 159 23.11 5.53 9.88
N PHE C 160 22.70 6.10 11.00
CA PHE C 160 21.49 6.92 11.06
C PHE C 160 21.82 8.31 11.59
N THR C 161 20.88 9.23 11.39
CA THR C 161 20.91 10.53 12.04
C THR C 161 19.57 10.75 12.71
N GLU C 162 19.54 11.66 13.68
CA GLU C 162 18.31 12.04 14.34
C GLU C 162 17.65 13.17 13.57
N GLY C 163 16.32 13.10 13.47
CA GLY C 163 15.61 14.14 12.78
C GLY C 163 14.12 13.91 12.76
N ASN C 164 13.48 14.52 11.77
CA ASN C 164 12.02 14.62 11.72
C ASN C 164 11.61 14.63 10.25
N ILE C 165 10.31 14.50 9.99
CA ILE C 165 9.85 14.50 8.60
C ILE C 165 8.83 15.61 8.43
N ALA C 166 8.99 16.39 7.36
CA ALA C 166 8.02 17.40 6.95
C ALA C 166 7.34 16.96 5.66
N ALA C 167 6.18 17.54 5.41
CA ALA C 167 5.45 17.32 4.17
C ALA C 167 5.19 18.66 3.50
N MET C 168 5.59 18.77 2.24
CA MET C 168 5.29 19.94 1.43
C MET C 168 4.86 19.49 0.04
N ILE C 169 3.96 20.25 -0.55
CA ILE C 169 3.40 19.95 -1.86
C ILE C 169 3.73 21.09 -2.81
N VAL C 170 4.29 20.74 -3.96
CA VAL C 170 4.84 21.72 -4.90
C VAL C 170 4.73 21.14 -6.31
N ASN C 171 4.42 21.99 -7.30
CA ASN C 171 4.36 21.53 -8.67
C ASN C 171 5.66 21.89 -9.40
N LYS C 172 5.78 21.53 -10.68
CA LYS C 172 7.11 21.63 -11.29
C LYS C 172 7.52 23.09 -11.46
N THR C 173 6.58 23.95 -11.82
CA THR C 173 6.88 25.37 -12.05
C THR C 173 7.50 26.00 -10.81
N VAL C 174 6.99 25.63 -9.64
CA VAL C 174 7.45 26.22 -8.38
C VAL C 174 8.60 25.40 -7.78
N HIS C 175 8.61 24.09 -8.03
CA HIS C 175 9.72 23.25 -7.59
C HIS C 175 11.02 23.63 -8.30
N LYS C 176 10.94 24.19 -9.50
CA LYS C 176 12.15 24.62 -10.21
C LYS C 176 12.79 25.85 -9.58
N MET C 177 12.02 26.67 -8.87
CA MET C 177 12.55 27.86 -8.22
C MET C 177 12.80 27.67 -6.74
N ILE C 178 12.07 26.76 -6.09
CA ILE C 178 12.29 26.51 -4.67
C ILE C 178 13.44 25.53 -4.44
N PHE C 179 13.71 24.65 -5.41
CA PHE C 179 14.80 23.69 -5.32
C PHE C 179 15.81 23.99 -6.42
N SER C 180 16.99 24.48 -6.04
CA SER C 180 18.05 24.73 -7.00
C SER C 180 18.82 23.44 -7.26
N ARG C 181 18.95 23.07 -8.53
CA ARG C 181 19.69 21.87 -8.90
C ARG C 181 21.17 22.15 -9.08
N LEU C 191 31.63 13.28 -1.34
CA LEU C 191 31.99 13.79 -0.02
C LEU C 191 32.74 12.75 0.79
N THR C 192 33.66 13.20 1.63
CA THR C 192 34.45 12.32 2.48
C THR C 192 34.03 12.50 3.93
N SER C 193 33.67 11.39 4.58
CA SER C 193 33.22 11.41 5.96
C SER C 193 34.41 11.34 6.91
N THR C 194 34.25 12.00 8.06
CA THR C 194 35.20 11.85 9.16
C THR C 194 34.67 10.80 10.12
N ASN C 195 35.50 9.80 10.41
CA ASN C 195 35.10 8.68 11.25
C ASN C 195 35.71 8.85 12.64
N LYS C 196 34.85 8.84 13.65
CA LYS C 196 35.28 8.93 15.04
C LYS C 196 34.83 7.66 15.75
N TYR C 197 35.62 7.17 16.70
CA TYR C 197 35.38 5.86 17.29
C TYR C 197 35.34 5.96 18.80
N TRP C 198 34.34 5.27 19.38
CA TRP C 198 34.02 5.31 20.80
C TRP C 198 33.77 3.89 21.29
N THR C 199 33.96 3.69 22.59
CA THR C 199 33.62 2.40 23.20
C THR C 199 32.93 2.61 24.53
N SER C 200 32.07 1.66 24.88
CA SER C 200 31.35 1.66 26.14
C SER C 200 31.79 0.47 26.99
N SER C 201 31.72 0.64 28.30
CA SER C 201 32.26 -0.32 29.26
C SER C 201 31.13 -0.91 30.11
N ASN C 202 31.21 -2.22 30.36
CA ASN C 202 30.10 -2.91 31.00
C ASN C 202 30.10 -2.64 32.49
N GLY C 203 28.91 -2.40 33.04
CA GLY C 203 28.77 -1.97 34.42
C GLY C 203 27.64 -0.96 34.60
N THR C 204 27.47 -0.45 35.80
CA THR C 204 26.32 0.40 36.11
C THR C 204 26.53 1.80 35.54
N GLN C 205 25.52 2.29 34.81
CA GLN C 205 25.57 3.64 34.29
C GLN C 205 25.36 4.65 35.41
N THR C 206 25.92 5.84 35.24
CA THR C 206 25.70 6.90 36.20
C THR C 206 24.37 7.59 35.92
N ASN C 207 23.91 8.38 36.90
CA ASN C 207 22.63 9.05 36.76
C ASN C 207 22.63 10.10 35.66
N ASP C 208 23.80 10.63 35.30
CA ASP C 208 23.93 11.61 34.23
C ASP C 208 24.65 10.98 33.05
N THR C 209 23.97 10.06 32.37
CA THR C 209 24.62 9.30 31.32
C THR C 209 23.60 8.86 30.28
N GLY C 210 24.09 8.61 29.07
CA GLY C 210 23.26 8.07 28.03
C GLY C 210 22.98 6.60 28.26
N CYS C 211 22.03 6.07 27.48
CA CYS C 211 21.62 4.68 27.64
C CYS C 211 22.77 3.72 27.41
N PHE C 212 23.66 4.06 26.50
CA PHE C 212 24.82 3.24 26.16
C PHE C 212 25.95 3.40 27.16
N GLY C 213 25.77 4.20 28.20
CA GLY C 213 26.79 4.43 29.20
C GLY C 213 27.75 5.52 28.78
N ALA C 214 28.78 5.70 29.60
CA ALA C 214 29.84 6.65 29.28
C ALA C 214 30.65 6.14 28.09
N LEU C 215 30.94 7.05 27.16
CA LEU C 215 31.63 6.71 25.92
C LEU C 215 33.05 7.27 25.95
N GLN C 216 33.98 6.51 25.37
CA GLN C 216 35.39 6.85 25.40
C GLN C 216 35.95 6.80 23.99
N GLU C 217 36.46 7.93 23.52
CA GLU C 217 37.03 7.99 22.17
C GLU C 217 38.39 7.30 22.15
N TYR C 218 38.66 6.58 21.05
CA TYR C 218 39.90 5.82 20.94
C TYR C 218 40.44 5.92 19.52
N ASN C 219 41.64 5.36 19.33
CA ASN C 219 42.26 5.29 18.01
C ASN C 219 42.23 3.87 17.46
N ALA D 68 10.26 41.89 8.67
CA ALA D 68 9.46 40.81 8.12
C ALA D 68 9.96 39.45 8.64
N TYR D 69 11.23 39.15 8.40
CA TYR D 69 11.89 38.01 9.01
C TYR D 69 13.32 38.41 9.32
N SER D 70 13.76 38.11 10.54
CA SER D 70 15.08 38.51 11.02
C SER D 70 15.55 37.50 12.04
N GLY D 71 16.84 37.18 11.99
CA GLY D 71 17.40 36.20 12.89
C GLY D 71 17.49 36.65 14.33
N GLU D 72 17.10 37.88 14.64
CA GLU D 72 16.78 38.22 16.02
C GLU D 72 15.50 37.54 16.50
N ASN D 73 14.77 36.87 15.59
CA ASN D 73 13.56 36.11 15.86
C ASN D 73 13.81 34.61 15.94
N GLU D 74 14.55 34.03 14.99
CA GLU D 74 14.72 32.59 15.07
C GLU D 74 15.83 32.22 16.04
N ASN D 75 15.63 31.12 16.77
CA ASN D 75 16.62 30.63 17.71
C ASN D 75 16.85 29.13 17.65
N ASP D 76 16.06 28.38 16.89
CA ASP D 76 16.16 26.93 16.79
C ASP D 76 16.14 26.49 15.33
N CYS D 77 16.81 27.25 14.47
CA CYS D 77 16.80 26.95 13.05
C CYS D 77 18.06 27.48 12.40
N ASP D 78 18.80 26.59 11.73
CA ASP D 78 19.88 27.02 10.86
C ASP D 78 19.27 27.37 9.51
N ALA D 79 19.50 28.60 9.06
CA ALA D 79 18.85 29.16 7.88
C ALA D 79 19.43 28.66 6.57
N GLU D 80 20.34 27.69 6.62
CA GLU D 80 21.03 27.16 5.45
C GLU D 80 20.60 25.71 5.26
N LEU D 81 20.41 25.29 4.02
CA LEU D 81 19.82 23.99 3.79
C LEU D 81 20.25 23.44 2.45
N ARG D 82 21.00 22.34 2.48
CA ARG D 82 21.31 21.56 1.29
C ARG D 82 20.81 20.15 1.52
N ILE D 83 20.26 19.54 0.47
CA ILE D 83 19.62 18.24 0.60
C ILE D 83 20.09 17.33 -0.53
N TRP D 84 19.91 16.03 -0.30
CA TRP D 84 20.11 15.01 -1.33
C TRP D 84 18.75 14.61 -1.89
N SER D 85 18.57 14.74 -3.20
CA SER D 85 17.32 14.28 -3.80
C SER D 85 17.55 13.51 -5.10
N GLY D 94 19.86 8.55 -22.71
CA GLY D 94 19.53 7.39 -23.53
C GLY D 94 19.15 6.16 -22.74
N LEU D 95 20.08 5.22 -22.64
CA LEU D 95 19.85 3.94 -21.99
C LEU D 95 19.84 4.03 -20.46
N SER D 96 19.78 5.24 -19.89
CA SER D 96 20.04 5.41 -18.47
C SER D 96 18.91 4.89 -17.60
N TRP D 97 17.69 4.82 -18.13
CA TRP D 97 16.57 4.38 -17.32
C TRP D 97 16.56 2.88 -17.09
N ILE D 98 17.40 2.12 -17.79
CA ILE D 98 17.47 0.67 -17.57
C ILE D 98 18.25 0.39 -16.29
N PRO D 99 17.70 -0.42 -15.37
CA PRO D 99 18.40 -0.80 -14.14
C PRO D 99 19.88 -1.11 -14.29
N PHE D 100 20.23 -1.99 -15.24
CA PHE D 100 21.63 -2.39 -15.41
C PHE D 100 22.51 -1.24 -15.85
N PHE D 101 21.95 -0.21 -16.47
CA PHE D 101 22.71 0.92 -16.98
C PHE D 101 22.60 2.17 -16.11
N GLY D 102 21.67 2.21 -15.18
CA GLY D 102 21.46 3.38 -14.37
C GLY D 102 22.46 3.49 -13.24
N PRO D 103 22.28 4.48 -12.37
CA PRO D 103 23.13 4.59 -11.19
C PRO D 103 22.90 3.43 -10.24
N GLY D 104 23.94 3.14 -9.47
CA GLY D 104 23.86 2.26 -8.34
C GLY D 104 23.26 2.92 -7.11
N ILE D 105 23.12 2.12 -6.05
CA ILE D 105 22.37 2.55 -4.89
C ILE D 105 23.07 3.66 -4.11
N GLU D 106 24.32 3.98 -4.47
CA GLU D 106 25.09 5.05 -3.85
C GLU D 106 25.48 6.09 -4.89
N GLY D 107 24.69 6.22 -5.95
CA GLY D 107 24.94 7.19 -7.00
C GLY D 107 23.67 7.82 -7.54
N LEU D 108 22.62 7.75 -6.74
CA LEU D 108 21.26 8.11 -7.11
C LEU D 108 20.90 9.53 -6.71
N TYR D 109 21.69 10.18 -5.89
CA TYR D 109 21.24 11.38 -5.22
C TYR D 109 22.01 12.56 -5.79
N THR D 110 21.28 13.64 -6.08
CA THR D 110 21.75 14.95 -6.50
C THR D 110 21.67 15.95 -5.37
N ALA D 111 22.68 16.80 -5.28
CA ALA D 111 22.69 17.84 -4.26
C ALA D 111 21.85 19.02 -4.73
N VAL D 112 20.99 19.50 -3.84
CA VAL D 112 20.05 20.58 -4.13
C VAL D 112 20.18 21.64 -3.05
N LEU D 113 20.12 22.90 -3.45
CA LEU D 113 20.25 24.02 -2.53
C LEU D 113 18.91 24.73 -2.39
N ILE D 114 18.54 25.01 -1.15
CA ILE D 114 17.28 25.63 -0.79
C ILE D 114 17.59 26.89 0.00
N LYS D 115 17.13 28.04 -0.50
CA LYS D 115 17.41 29.32 0.13
C LYS D 115 16.30 29.70 1.09
N ASN D 116 16.67 30.34 2.19
CA ASN D 116 15.68 30.90 3.11
C ASN D 116 15.12 32.22 2.57
N GLN D 117 14.53 32.15 1.37
CA GLN D 117 14.12 33.38 0.69
C GLN D 117 12.98 34.07 1.43
N ASN D 118 11.90 33.35 1.69
CA ASN D 118 10.78 33.90 2.45
C ASN D 118 10.66 33.23 3.82
N ASN D 119 11.82 33.02 4.46
CA ASN D 119 11.95 32.27 5.70
C ASN D 119 11.54 30.80 5.52
N LEU D 120 11.69 30.29 4.30
CA LEU D 120 11.24 28.93 3.96
C LEU D 120 11.99 27.87 4.76
N VAL D 121 13.30 28.06 4.93
CA VAL D 121 14.06 27.03 5.63
C VAL D 121 13.60 26.93 7.08
N CYS D 122 13.35 28.07 7.73
CA CYS D 122 12.98 27.93 9.14
C CYS D 122 11.53 27.50 9.30
N ARG D 123 10.65 27.84 8.36
CA ARG D 123 9.31 27.25 8.33
C ARG D 123 9.35 25.75 8.10
N LEU D 124 10.35 25.28 7.34
CA LEU D 124 10.37 23.86 7.02
C LEU D 124 10.95 23.05 8.17
N ARG D 125 11.98 23.57 8.82
CA ARG D 125 12.42 23.00 10.08
C ARG D 125 11.29 22.98 11.09
N ARG D 126 10.51 24.07 11.16
CA ARG D 126 9.42 24.11 12.11
C ARG D 126 8.34 23.08 11.78
N LEU D 127 7.95 23.01 10.51
CA LEU D 127 7.01 21.99 10.06
C LEU D 127 7.48 20.58 10.44
N ALA D 128 8.74 20.25 10.11
CA ALA D 128 9.28 18.94 10.45
C ALA D 128 9.17 18.65 11.94
N ASN D 129 9.42 19.66 12.77
CA ASN D 129 9.45 19.44 14.21
C ASN D 129 8.04 19.22 14.77
N GLN D 130 7.05 19.79 14.10
CA GLN D 130 5.65 19.82 14.48
C GLN D 130 4.89 18.58 14.02
N THR D 131 5.27 18.05 12.85
CA THR D 131 4.61 16.91 12.25
C THR D 131 4.82 15.63 13.04
N ALA D 132 5.88 15.55 13.85
CA ALA D 132 6.23 14.31 14.52
C ALA D 132 5.24 13.91 15.60
N LYS D 133 4.18 14.68 15.86
CA LYS D 133 3.15 14.14 16.75
C LYS D 133 2.08 13.42 15.94
N SER D 134 1.56 14.07 14.89
CA SER D 134 0.68 13.41 13.93
C SER D 134 1.28 12.11 13.42
N LEU D 135 2.57 12.17 13.09
CA LEU D 135 3.26 11.06 12.41
C LEU D 135 3.41 9.88 13.35
N GLU D 136 3.85 10.13 14.59
CA GLU D 136 3.96 9.05 15.57
C GLU D 136 2.60 8.45 15.89
N LEU D 137 1.59 9.30 16.07
CA LEU D 137 0.24 8.82 16.39
C LEU D 137 -0.25 7.93 15.26
N LEU D 138 -0.06 8.38 14.02
CA LEU D 138 -0.50 7.61 12.85
C LEU D 138 0.24 6.28 12.78
N LEU D 139 1.56 6.30 12.95
CA LEU D 139 2.34 5.07 12.93
C LEU D 139 2.00 4.15 14.09
N ARG D 140 1.41 4.68 15.15
CA ARG D 140 0.93 3.85 16.23
C ARG D 140 -0.43 3.26 15.90
N VAL D 141 -1.21 3.96 15.08
CA VAL D 141 -2.52 3.47 14.66
C VAL D 141 -2.39 2.17 13.86
N THR D 142 -1.29 2.01 13.15
CA THR D 142 -1.15 1.02 12.09
C THR D 142 -0.43 -0.22 12.59
N THR D 143 -0.71 -1.33 11.92
CA THR D 143 -0.11 -2.63 12.25
C THR D 143 0.96 -3.04 11.26
N GLU D 144 1.29 -2.20 10.29
CA GLU D 144 2.36 -2.51 9.34
C GLU D 144 3.69 -2.54 10.07
N GLU D 145 4.35 -3.69 10.09
CA GLU D 145 5.63 -3.85 10.75
C GLU D 145 6.78 -4.01 9.77
N ARG D 146 6.59 -3.59 8.52
CA ARG D 146 7.63 -3.64 7.51
C ARG D 146 8.05 -2.22 7.10
N THR D 147 7.13 -1.46 6.48
CA THR D 147 7.39 -0.07 6.10
C THR D 147 6.09 0.62 5.69
N PHE D 148 5.78 1.74 6.31
CA PHE D 148 4.56 2.48 6.00
C PHE D 148 4.79 3.41 4.80
N SER D 149 3.74 3.58 4.00
CA SER D 149 3.78 4.42 2.81
C SER D 149 2.88 5.63 3.07
N LEU D 150 3.48 6.82 3.17
CA LEU D 150 2.74 8.00 3.56
C LEU D 150 2.19 8.79 2.36
N ILE D 151 2.69 8.54 1.17
CA ILE D 151 2.44 9.42 0.03
C ILE D 151 1.00 9.29 -0.42
N ASN D 152 0.56 8.05 -0.67
CA ASN D 152 -0.84 7.78 -1.00
C ASN D 152 -1.76 8.23 0.12
N ARG D 153 -1.28 8.18 1.37
CA ARG D 153 -2.10 8.59 2.49
C ARG D 153 -2.43 10.07 2.39
N ILE D 154 -1.39 10.88 2.22
CA ILE D 154 -1.53 12.32 2.01
C ILE D 154 -2.42 12.61 0.80
N ALA D 155 -2.24 11.86 -0.29
CA ALA D 155 -3.02 12.09 -1.50
C ALA D 155 -4.49 11.77 -1.26
N ILE D 156 -4.77 10.61 -0.68
CA ILE D 156 -6.14 10.16 -0.47
C ILE D 156 -6.85 11.13 0.46
N ASP D 157 -6.13 11.69 1.45
CA ASP D 157 -6.82 12.71 2.24
C ASP D 157 -6.94 14.06 1.55
N PHE D 158 -6.06 14.36 0.58
CA PHE D 158 -6.30 15.54 -0.23
C PHE D 158 -7.58 15.39 -1.03
N LEU D 159 -7.73 14.24 -1.68
CA LEU D 159 -8.92 14.01 -2.51
C LEU D 159 -10.18 13.89 -1.66
N LEU D 160 -10.07 13.43 -0.42
CA LEU D 160 -11.24 13.33 0.45
C LEU D 160 -11.56 14.64 1.16
N THR D 161 -10.59 15.55 1.30
CA THR D 161 -10.87 16.82 1.95
C THR D 161 -11.83 17.67 1.11
N ARG D 162 -11.63 17.70 -0.20
CA ARG D 162 -12.47 18.50 -1.08
C ARG D 162 -13.93 18.01 -1.08
N GLU E 1 1.32 -7.76 -57.13
CA GLU E 1 0.56 -9.00 -57.13
C GLU E 1 0.96 -9.90 -55.98
N VAL E 2 0.00 -10.22 -55.10
CA VAL E 2 0.24 -11.09 -53.96
C VAL E 2 -0.10 -12.52 -54.37
N GLN E 3 0.81 -13.46 -54.10
CA GLN E 3 0.70 -14.81 -54.60
C GLN E 3 1.31 -15.77 -53.59
N LEU E 4 0.69 -16.95 -53.45
CA LEU E 4 1.24 -18.06 -52.68
C LEU E 4 1.39 -19.24 -53.62
N VAL E 5 2.51 -19.96 -53.53
CA VAL E 5 2.80 -21.02 -54.49
C VAL E 5 3.15 -22.29 -53.72
N GLU E 6 2.42 -23.37 -54.00
CA GLU E 6 2.59 -24.64 -53.32
C GLU E 6 3.46 -25.58 -54.14
N SER E 7 4.28 -26.37 -53.44
CA SER E 7 5.03 -27.44 -54.09
C SER E 7 5.29 -28.54 -53.07
N GLY E 8 5.93 -29.61 -53.52
CA GLY E 8 6.32 -30.68 -52.62
C GLY E 8 5.26 -31.70 -52.33
N GLY E 9 4.27 -31.86 -53.20
CA GLY E 9 3.22 -32.86 -53.03
C GLY E 9 3.32 -33.94 -54.08
N GLY E 10 3.09 -35.17 -53.69
CA GLY E 10 3.19 -36.30 -54.58
C GLY E 10 2.42 -37.51 -54.12
N LEU E 11 2.93 -38.69 -54.47
CA LEU E 11 2.33 -39.95 -54.08
C LEU E 11 3.16 -40.58 -52.96
N VAL E 12 2.50 -40.94 -51.87
CA VAL E 12 3.16 -41.44 -50.68
C VAL E 12 2.42 -42.68 -50.18
N LYS E 13 3.18 -43.65 -49.67
CA LYS E 13 2.64 -44.90 -49.15
C LYS E 13 2.02 -44.69 -47.76
N PRO E 14 0.87 -45.33 -47.48
CA PRO E 14 0.17 -45.05 -46.21
C PRO E 14 1.03 -45.45 -45.03
N GLY E 15 1.49 -44.46 -44.25
CA GLY E 15 2.31 -44.76 -43.09
C GLY E 15 3.70 -44.16 -43.15
N GLY E 16 3.88 -43.16 -44.02
CA GLY E 16 5.15 -42.47 -44.16
C GLY E 16 4.95 -40.98 -44.31
N SER E 17 6.08 -40.28 -44.45
CA SER E 17 6.11 -38.82 -44.36
C SER E 17 6.18 -38.17 -45.74
N LEU E 18 5.79 -36.89 -45.77
CA LEU E 18 5.69 -36.08 -46.98
C LEU E 18 5.71 -34.62 -46.52
N ARG E 19 6.54 -33.79 -47.14
CA ARG E 19 6.70 -32.41 -46.69
C ARG E 19 6.27 -31.42 -47.77
N LEU E 20 5.34 -30.54 -47.41
CA LEU E 20 4.82 -29.53 -48.31
C LEU E 20 5.48 -28.19 -48.06
N SER E 21 5.54 -27.37 -49.11
CA SER E 21 6.13 -26.05 -49.03
C SER E 21 5.14 -25.02 -49.56
N CYS E 22 5.46 -23.76 -49.28
CA CYS E 22 4.76 -22.61 -49.83
C CYS E 22 5.78 -21.47 -49.86
N ALA E 23 5.65 -20.60 -50.85
CA ALA E 23 6.62 -19.52 -51.05
C ALA E 23 5.87 -18.24 -51.38
N ALA E 24 5.87 -17.30 -50.44
CA ALA E 24 5.10 -16.08 -50.58
C ALA E 24 5.77 -15.11 -51.54
N SER E 25 4.97 -14.20 -52.08
CA SER E 25 5.46 -13.13 -52.94
C SER E 25 4.46 -11.98 -52.88
N GLY E 26 4.99 -10.76 -52.77
CA GLY E 26 4.21 -9.55 -52.93
C GLY E 26 3.81 -8.87 -51.64
N PHE E 27 3.61 -9.63 -50.57
CA PHE E 27 3.19 -9.11 -49.29
C PHE E 27 4.26 -9.44 -48.27
N THR E 28 4.19 -8.81 -47.10
CA THR E 28 5.14 -9.11 -46.03
C THR E 28 4.71 -10.39 -45.34
N PHE E 29 5.52 -11.44 -45.44
CA PHE E 29 5.09 -12.74 -44.96
C PHE E 29 5.28 -12.84 -43.45
N SER E 30 6.23 -12.09 -42.91
CA SER E 30 6.54 -12.12 -41.49
C SER E 30 5.48 -11.41 -40.64
N SER E 31 4.53 -10.72 -41.26
CA SER E 31 3.56 -9.92 -40.53
C SER E 31 2.18 -10.57 -40.43
N TYR E 32 2.02 -11.78 -40.96
CA TYR E 32 0.70 -12.36 -41.18
C TYR E 32 0.64 -13.80 -40.71
N THR E 33 -0.56 -14.21 -40.33
CA THR E 33 -0.80 -15.58 -39.89
C THR E 33 -1.17 -16.44 -41.09
N MET E 34 -0.53 -17.61 -41.17
CA MET E 34 -0.65 -18.49 -42.33
C MET E 34 -1.39 -19.76 -41.93
N ASN E 35 -2.20 -20.27 -42.86
CA ASN E 35 -3.05 -21.42 -42.62
C ASN E 35 -2.80 -22.48 -43.68
N TRP E 36 -3.27 -23.69 -43.39
CA TRP E 36 -3.33 -24.78 -44.34
C TRP E 36 -4.75 -25.33 -44.39
N VAL E 37 -5.33 -25.36 -45.59
CA VAL E 37 -6.68 -25.89 -45.79
C VAL E 37 -6.61 -26.93 -46.89
N ARG E 38 -7.15 -28.12 -46.62
CA ARG E 38 -7.20 -29.14 -47.65
C ARG E 38 -8.64 -29.46 -48.04
N GLN E 39 -8.78 -29.97 -49.27
CA GLN E 39 -10.06 -30.43 -49.79
C GLN E 39 -9.89 -31.86 -50.30
N ALA E 40 -10.54 -32.82 -49.63
CA ALA E 40 -10.51 -34.21 -50.05
C ALA E 40 -11.43 -34.41 -51.26
N PRO E 41 -11.04 -35.33 -52.18
CA PRO E 41 -11.79 -35.52 -53.43
C PRO E 41 -13.30 -35.53 -53.30
N GLY E 42 -13.97 -34.54 -53.90
CA GLY E 42 -15.41 -34.51 -53.88
C GLY E 42 -16.05 -34.15 -52.55
N LYS E 43 -15.26 -33.70 -51.58
CA LYS E 43 -15.76 -33.27 -50.27
C LYS E 43 -15.61 -31.76 -50.15
N GLY E 44 -15.89 -31.22 -48.96
CA GLY E 44 -15.81 -29.80 -48.73
C GLY E 44 -14.43 -29.36 -48.25
N LEU E 45 -14.33 -28.05 -48.01
CA LEU E 45 -13.10 -27.48 -47.48
C LEU E 45 -12.89 -27.90 -46.03
N GLU E 46 -11.63 -27.94 -45.62
CA GLU E 46 -11.28 -28.38 -44.27
C GLU E 46 -10.01 -27.68 -43.82
N TRP E 47 -10.16 -26.76 -42.86
CA TRP E 47 -9.01 -26.13 -42.23
C TRP E 47 -8.22 -27.16 -41.42
N VAL E 48 -6.89 -27.12 -41.53
CA VAL E 48 -6.02 -28.10 -40.90
C VAL E 48 -5.05 -27.49 -39.91
N SER E 49 -4.47 -26.33 -40.22
CA SER E 49 -3.49 -25.79 -39.29
C SER E 49 -3.38 -24.29 -39.50
N SER E 50 -2.90 -23.61 -38.46
CA SER E 50 -2.52 -22.21 -38.54
C SER E 50 -1.28 -21.98 -37.69
N ILE E 51 -0.42 -21.09 -38.16
CA ILE E 51 0.76 -20.66 -37.43
C ILE E 51 0.77 -19.13 -37.42
N SER E 52 1.06 -18.54 -36.27
CA SER E 52 1.02 -17.09 -36.17
C SER E 52 2.37 -16.49 -36.54
N SER E 53 2.37 -15.18 -36.80
CA SER E 53 3.57 -14.54 -37.35
C SER E 53 4.80 -14.81 -36.49
N SER E 54 4.71 -14.53 -35.20
CA SER E 54 5.80 -14.78 -34.25
C SER E 54 5.95 -16.25 -33.89
N GLU E 55 5.15 -17.13 -34.48
CA GLU E 55 5.13 -18.56 -34.21
C GLU E 55 4.71 -18.90 -32.79
N SER E 56 3.93 -18.05 -32.13
CA SER E 56 3.62 -18.28 -30.73
C SER E 56 2.24 -18.89 -30.51
N TYR E 57 1.31 -18.74 -31.46
CA TYR E 57 0.04 -19.44 -31.45
C TYR E 57 0.03 -20.42 -32.62
N ILE E 58 -0.05 -21.70 -32.30
CA ILE E 58 -0.04 -22.78 -33.28
C ILE E 58 -1.25 -23.66 -33.04
N TYR E 59 -1.99 -23.97 -34.11
CA TYR E 59 -3.26 -24.66 -33.96
C TYR E 59 -3.39 -25.78 -34.98
N TYR E 60 -4.06 -26.87 -34.61
CA TYR E 60 -4.29 -27.99 -35.50
C TYR E 60 -5.73 -28.47 -35.36
N VAL E 61 -6.25 -29.08 -36.42
CA VAL E 61 -7.57 -29.70 -36.34
C VAL E 61 -7.42 -31.12 -35.82
N ASP E 62 -8.18 -31.47 -34.76
CA ASP E 62 -7.86 -32.65 -33.97
C ASP E 62 -7.71 -33.93 -34.78
N SER E 63 -8.23 -33.96 -36.01
CA SER E 63 -8.07 -35.11 -36.87
C SER E 63 -6.60 -35.36 -37.17
N VAL E 64 -5.79 -34.31 -37.12
CA VAL E 64 -4.39 -34.33 -37.50
C VAL E 64 -3.46 -33.99 -36.36
N GLN E 65 -4.01 -33.70 -35.18
CA GLN E 65 -3.22 -33.32 -34.02
C GLN E 65 -2.21 -34.40 -33.68
N GLY E 66 -0.98 -33.97 -33.41
CA GLY E 66 0.11 -34.88 -33.13
C GLY E 66 0.70 -35.56 -34.34
N ARG E 67 0.01 -35.52 -35.48
CA ARG E 67 0.47 -36.17 -36.70
C ARG E 67 1.16 -35.18 -37.62
N PHE E 68 0.56 -34.01 -37.81
CA PHE E 68 1.12 -32.97 -38.66
C PHE E 68 1.82 -31.92 -37.81
N THR E 69 2.78 -31.24 -38.43
CA THR E 69 3.55 -30.18 -37.78
C THR E 69 3.69 -29.02 -38.74
N ILE E 70 3.23 -27.85 -38.32
CA ILE E 70 3.33 -26.63 -39.11
C ILE E 70 4.54 -25.85 -38.64
N SER E 71 5.19 -25.17 -39.57
CA SER E 71 6.16 -24.14 -39.21
C SER E 71 6.38 -23.22 -40.40
N ARG E 72 7.20 -22.20 -40.17
CA ARG E 72 7.43 -21.13 -41.12
C ARG E 72 8.84 -20.60 -40.94
N ASP E 73 9.38 -20.00 -41.99
CA ASP E 73 10.65 -19.29 -41.89
C ASP E 73 10.45 -17.91 -42.52
N ASN E 74 10.44 -16.89 -41.66
CA ASN E 74 9.97 -15.57 -42.07
C ASN E 74 10.96 -14.85 -42.96
N ALA E 75 12.26 -15.18 -42.84
CA ALA E 75 13.25 -14.60 -43.74
C ALA E 75 13.08 -15.13 -45.16
N LYS E 76 12.72 -16.40 -45.29
CA LYS E 76 12.62 -17.03 -46.61
C LYS E 76 11.26 -16.84 -47.27
N ASN E 77 10.38 -16.10 -46.59
CA ASN E 77 8.96 -15.98 -46.88
C ASN E 77 8.35 -17.33 -47.27
N SER E 78 8.61 -18.34 -46.45
CA SER E 78 8.22 -19.71 -46.76
C SER E 78 7.37 -20.31 -45.65
N LEU E 79 6.37 -21.11 -46.03
CA LEU E 79 5.50 -21.79 -45.10
C LEU E 79 5.60 -23.29 -45.33
N TYR E 80 5.74 -24.06 -44.24
CA TYR E 80 5.99 -25.49 -44.33
C TYR E 80 4.94 -26.29 -43.56
N LEU E 81 4.72 -27.51 -44.02
CA LEU E 81 3.77 -28.42 -43.37
C LEU E 81 4.30 -29.84 -43.51
N GLN E 82 4.73 -30.41 -42.39
CA GLN E 82 5.26 -31.78 -42.35
C GLN E 82 4.11 -32.74 -42.03
N LEU E 83 3.87 -33.69 -42.91
CA LEU E 83 2.77 -34.63 -42.78
C LEU E 83 3.32 -36.01 -42.42
N ASN E 84 2.99 -36.49 -41.24
CA ASN E 84 3.57 -37.69 -40.67
C ASN E 84 2.50 -38.74 -40.44
N SER E 85 2.88 -40.01 -40.60
CA SER E 85 1.95 -41.14 -40.45
C SER E 85 0.71 -40.94 -41.31
N LEU E 86 0.93 -40.79 -42.61
CA LEU E 86 -0.13 -40.40 -43.52
C LEU E 86 -1.21 -41.48 -43.63
N ARG E 87 -2.45 -41.02 -43.82
CA ARG E 87 -3.61 -41.88 -43.79
C ARG E 87 -4.32 -41.89 -45.14
N ALA E 88 -5.24 -42.86 -45.29
CA ALA E 88 -6.08 -42.93 -46.46
C ALA E 88 -7.02 -41.72 -46.54
N GLU E 89 -7.38 -41.15 -45.40
CA GLU E 89 -8.22 -39.97 -45.34
C GLU E 89 -7.43 -38.67 -45.52
N ASP E 90 -6.11 -38.74 -45.63
CA ASP E 90 -5.29 -37.56 -45.82
C ASP E 90 -5.16 -37.16 -47.29
N THR E 91 -5.71 -37.97 -48.21
CA THR E 91 -5.72 -37.63 -49.62
C THR E 91 -6.58 -36.39 -49.84
N ALA E 92 -5.96 -35.28 -50.24
CA ALA E 92 -6.65 -34.01 -50.38
C ALA E 92 -5.72 -33.01 -51.07
N VAL E 93 -6.32 -32.03 -51.73
CA VAL E 93 -5.57 -30.90 -52.26
C VAL E 93 -5.36 -29.89 -51.15
N TYR E 94 -4.11 -29.51 -50.91
CA TYR E 94 -3.74 -28.62 -49.81
C TYR E 94 -3.38 -27.24 -50.36
N TYR E 95 -4.02 -26.21 -49.82
CA TYR E 95 -3.68 -24.82 -50.10
C TYR E 95 -2.91 -24.27 -48.91
N CYS E 96 -2.08 -23.27 -49.19
CA CYS E 96 -1.54 -22.37 -48.16
C CYS E 96 -2.30 -21.06 -48.26
N VAL E 97 -2.89 -20.63 -47.15
CA VAL E 97 -3.81 -19.50 -47.13
C VAL E 97 -3.30 -18.47 -46.14
N ARG E 98 -3.30 -17.19 -46.55
CA ARG E 98 -2.95 -16.11 -45.64
C ARG E 98 -4.19 -15.59 -44.93
N ARG E 99 -4.10 -15.44 -43.61
CA ARG E 99 -5.14 -14.82 -42.82
C ARG E 99 -4.77 -13.36 -42.59
N ASP E 100 -5.68 -12.45 -42.92
CA ASP E 100 -5.44 -11.02 -42.80
C ASP E 100 -5.91 -10.56 -41.43
N ASN E 101 -4.97 -10.30 -40.55
CA ASN E 101 -5.24 -10.00 -39.15
C ASN E 101 -5.77 -8.58 -38.94
N TRP E 102 -5.86 -7.76 -39.99
CA TRP E 102 -6.40 -6.42 -39.87
C TRP E 102 -7.67 -6.23 -40.69
N ASN E 103 -8.24 -7.29 -41.26
CA ASN E 103 -9.54 -7.25 -41.91
C ASN E 103 -10.41 -8.38 -41.35
N TYR E 104 -10.47 -8.47 -40.02
CA TYR E 104 -11.29 -9.47 -39.30
C TYR E 104 -10.80 -10.90 -39.57
N ASP E 105 -9.49 -11.11 -39.56
CA ASP E 105 -8.89 -12.46 -39.65
C ASP E 105 -9.46 -13.29 -40.80
N THR E 106 -9.63 -12.66 -41.96
CA THR E 106 -10.22 -13.35 -43.09
C THR E 106 -9.15 -14.03 -43.95
N LEU E 107 -9.47 -15.21 -44.45
CA LEU E 107 -8.62 -15.96 -45.39
C LEU E 107 -8.88 -15.42 -46.79
N ASP E 108 -7.96 -14.61 -47.32
CA ASP E 108 -8.17 -13.97 -48.61
C ASP E 108 -7.21 -14.39 -49.72
N ILE E 109 -5.96 -14.71 -49.40
CA ILE E 109 -5.01 -15.13 -50.41
C ILE E 109 -4.82 -16.63 -50.34
N TRP E 110 -5.35 -17.33 -51.33
CA TRP E 110 -5.17 -18.76 -51.50
C TRP E 110 -4.16 -19.01 -52.60
N GLY E 111 -3.54 -20.19 -52.55
CA GLY E 111 -2.68 -20.66 -53.62
C GLY E 111 -3.44 -21.55 -54.58
N GLN E 112 -2.72 -22.00 -55.61
CA GLN E 112 -3.33 -22.89 -56.58
C GLN E 112 -3.55 -24.29 -56.01
N GLY E 113 -2.77 -24.67 -55.01
CA GLY E 113 -2.91 -25.94 -54.34
C GLY E 113 -2.00 -27.01 -54.91
N THR E 114 -1.69 -27.98 -54.07
CA THR E 114 -0.92 -29.16 -54.46
C THR E 114 -1.66 -30.41 -54.00
N MET E 115 -1.58 -31.45 -54.82
CA MET E 115 -2.24 -32.73 -54.57
C MET E 115 -1.34 -33.66 -53.79
N VAL E 116 -1.88 -34.23 -52.71
CA VAL E 116 -1.20 -35.20 -51.86
C VAL E 116 -2.05 -36.45 -51.90
N THR E 117 -1.47 -37.54 -52.39
CA THR E 117 -2.18 -38.80 -52.53
C THR E 117 -1.51 -39.85 -51.65
N VAL E 118 -2.30 -40.53 -50.84
CA VAL E 118 -1.80 -41.55 -49.93
C VAL E 118 -2.44 -42.86 -50.38
N SER E 119 -1.71 -43.65 -51.15
CA SER E 119 -2.22 -44.89 -51.73
C SER E 119 -1.36 -46.07 -51.31
N ASP F 1 -15.42 -27.19 -30.19
CA ASP F 1 -15.21 -26.62 -31.51
C ASP F 1 -16.49 -25.96 -32.04
N ILE F 2 -16.34 -24.75 -32.57
CA ILE F 2 -17.47 -24.04 -33.15
C ILE F 2 -17.97 -24.76 -34.41
N VAL F 3 -19.27 -25.07 -34.46
CA VAL F 3 -19.84 -25.75 -35.63
C VAL F 3 -20.54 -24.74 -36.52
N MET F 4 -20.61 -25.07 -37.81
CA MET F 4 -21.14 -24.21 -38.86
C MET F 4 -22.12 -24.98 -39.71
N THR F 5 -23.37 -24.50 -39.78
CA THR F 5 -24.41 -25.23 -40.50
C THR F 5 -24.95 -24.38 -41.65
N GLN F 6 -24.57 -24.73 -42.85
CA GLN F 6 -25.00 -24.00 -44.02
C GLN F 6 -26.26 -24.63 -44.61
N SER F 7 -27.13 -23.80 -45.18
CA SER F 7 -28.39 -24.29 -45.70
C SER F 7 -28.83 -23.58 -46.96
N PRO F 8 -29.39 -24.33 -47.94
CA PRO F 8 -29.53 -25.77 -47.97
C PRO F 8 -28.22 -26.40 -48.41
N SER F 9 -28.16 -27.71 -48.60
CA SER F 9 -26.97 -28.34 -49.17
C SER F 9 -26.89 -28.19 -50.68
N SER F 10 -28.02 -28.02 -51.36
CA SER F 10 -28.02 -27.72 -52.78
C SER F 10 -29.22 -26.85 -53.09
N LEU F 11 -29.10 -26.07 -54.17
CA LEU F 11 -30.13 -25.10 -54.52
C LEU F 11 -30.18 -24.96 -56.04
N SER F 12 -31.38 -24.87 -56.58
CA SER F 12 -31.61 -24.71 -58.01
C SER F 12 -32.07 -23.29 -58.30
N ALA F 13 -31.45 -22.66 -59.30
CA ALA F 13 -31.77 -21.27 -59.60
C ALA F 13 -31.52 -20.98 -61.07
N SER F 14 -32.17 -19.92 -61.56
CA SER F 14 -32.02 -19.44 -62.92
C SER F 14 -31.33 -18.08 -62.94
N VAL F 15 -31.00 -17.61 -64.14
CA VAL F 15 -30.28 -16.35 -64.29
C VAL F 15 -31.24 -15.20 -64.07
N GLY F 16 -30.85 -14.28 -63.19
CA GLY F 16 -31.71 -13.19 -62.77
C GLY F 16 -32.49 -13.46 -61.50
N ASP F 17 -32.39 -14.68 -60.95
CA ASP F 17 -33.10 -15.07 -59.75
C ASP F 17 -32.41 -14.54 -58.51
N ARG F 18 -33.16 -14.50 -57.41
CA ARG F 18 -32.66 -14.13 -56.10
C ARG F 18 -32.38 -15.41 -55.33
N VAL F 19 -31.16 -15.53 -54.80
CA VAL F 19 -30.72 -16.73 -54.12
C VAL F 19 -30.37 -16.40 -52.68
N ILE F 20 -30.89 -17.18 -51.75
CA ILE F 20 -30.68 -16.95 -50.32
C ILE F 20 -29.97 -18.16 -49.72
N ILE F 21 -28.79 -17.94 -49.14
CA ILE F 21 -28.01 -19.01 -48.54
C ILE F 21 -27.75 -18.67 -47.07
N THR F 22 -28.03 -19.61 -46.18
CA THR F 22 -27.97 -19.27 -44.76
C THR F 22 -26.91 -20.13 -44.07
N CYS F 23 -26.51 -19.68 -42.89
CA CYS F 23 -25.30 -20.10 -42.20
C CYS F 23 -25.52 -19.87 -40.71
N ARG F 24 -25.37 -20.92 -39.91
CA ARG F 24 -25.71 -20.87 -38.50
C ARG F 24 -24.58 -21.43 -37.65
N ALA F 25 -24.23 -20.71 -36.58
CA ALA F 25 -23.11 -21.02 -35.72
C ALA F 25 -23.58 -21.66 -34.41
N SER F 26 -22.72 -22.51 -33.84
CA SER F 26 -23.06 -23.16 -32.58
C SER F 26 -22.95 -22.19 -31.41
N GLN F 27 -21.92 -21.34 -31.42
CA GLN F 27 -21.67 -20.31 -30.42
C GLN F 27 -21.70 -18.96 -31.12
N SER F 28 -21.49 -17.87 -30.38
CA SER F 28 -21.55 -16.56 -31.02
C SER F 28 -20.15 -16.12 -31.40
N ILE F 29 -19.97 -15.83 -32.69
CA ILE F 29 -18.68 -15.55 -33.30
C ILE F 29 -18.57 -14.10 -33.74
N SER F 30 -19.52 -13.26 -33.32
CA SER F 30 -19.57 -11.83 -33.62
C SER F 30 -19.79 -11.63 -35.11
N THR F 31 -18.92 -10.86 -35.74
CA THR F 31 -19.03 -10.66 -37.19
C THR F 31 -17.93 -11.37 -37.96
N TYR F 32 -17.32 -12.40 -37.37
CA TYR F 32 -16.15 -13.04 -37.97
C TYR F 32 -16.61 -14.23 -38.81
N LEU F 33 -17.28 -13.89 -39.90
CA LEU F 33 -17.73 -14.88 -40.88
C LEU F 33 -17.35 -14.42 -42.26
N ASN F 34 -16.93 -15.36 -43.10
CA ASN F 34 -16.60 -15.09 -44.48
C ASN F 34 -17.36 -16.05 -45.37
N TRP F 35 -17.53 -15.65 -46.62
CA TRP F 35 -18.17 -16.47 -47.63
C TRP F 35 -17.22 -16.69 -48.79
N TYR F 36 -17.27 -17.88 -49.40
CA TYR F 36 -16.36 -18.23 -50.49
C TYR F 36 -17.17 -18.68 -51.69
N GLN F 37 -16.52 -18.73 -52.85
CA GLN F 37 -17.15 -19.20 -54.08
C GLN F 37 -16.14 -20.03 -54.85
N GLN F 38 -16.39 -21.33 -54.96
CA GLN F 38 -15.44 -22.26 -55.54
C GLN F 38 -16.01 -22.95 -56.77
N LYS F 39 -15.20 -22.99 -57.85
CA LYS F 39 -15.50 -23.67 -59.11
C LYS F 39 -14.61 -24.90 -59.27
N PRO F 40 -15.11 -25.96 -59.95
CA PRO F 40 -14.37 -27.23 -60.01
C PRO F 40 -12.95 -27.10 -60.53
N GLY F 41 -11.98 -27.42 -59.68
CA GLY F 41 -10.59 -27.30 -60.04
C GLY F 41 -9.99 -25.92 -59.87
N LYS F 42 -10.58 -25.09 -59.02
CA LYS F 42 -10.08 -23.75 -58.78
C LYS F 42 -10.07 -23.47 -57.29
N ALA F 43 -9.10 -22.65 -56.87
CA ALA F 43 -9.03 -22.25 -55.48
C ALA F 43 -10.24 -21.40 -55.11
N PRO F 44 -10.73 -21.51 -53.87
CA PRO F 44 -11.91 -20.75 -53.49
C PRO F 44 -11.60 -19.26 -53.38
N LYS F 45 -12.59 -18.45 -53.72
CA LYS F 45 -12.43 -17.01 -53.82
C LYS F 45 -13.31 -16.32 -52.78
N LEU F 46 -12.75 -15.28 -52.16
CA LEU F 46 -13.36 -14.62 -51.02
C LEU F 46 -14.37 -13.56 -51.48
N LEU F 47 -15.64 -13.75 -51.13
CA LEU F 47 -16.69 -12.82 -51.50
C LEU F 47 -17.08 -11.89 -50.34
N ILE F 48 -17.66 -12.44 -49.27
CA ILE F 48 -18.02 -11.65 -48.11
C ILE F 48 -17.00 -11.85 -47.00
N TYR F 49 -16.71 -10.78 -46.26
CA TYR F 49 -15.99 -10.84 -45.00
C TYR F 49 -16.54 -9.82 -44.02
N ALA F 50 -16.21 -10.02 -42.75
CA ALA F 50 -16.79 -9.26 -41.64
C ALA F 50 -18.31 -9.37 -41.62
N ALA F 51 -18.80 -10.50 -42.14
CA ALA F 51 -20.20 -10.86 -42.35
C ALA F 51 -20.96 -9.99 -43.35
N SER F 52 -20.42 -8.84 -43.75
CA SER F 52 -21.17 -7.98 -44.67
C SER F 52 -20.31 -7.21 -45.66
N SER F 53 -19.02 -7.08 -45.39
CA SER F 53 -18.16 -6.27 -46.24
C SER F 53 -17.90 -6.98 -47.57
N LEU F 54 -17.61 -6.19 -48.60
CA LEU F 54 -17.38 -6.71 -49.95
C LEU F 54 -15.90 -6.68 -50.28
N GLN F 55 -15.37 -7.81 -50.72
CA GLN F 55 -13.99 -7.88 -51.16
C GLN F 55 -13.84 -7.15 -52.49
N SER F 56 -12.87 -6.24 -52.55
CA SER F 56 -12.41 -5.67 -53.80
C SER F 56 -12.42 -6.64 -54.97
N GLY F 57 -13.04 -6.23 -56.08
CA GLY F 57 -13.15 -7.06 -57.26
C GLY F 57 -14.32 -8.02 -57.30
N VAL F 58 -15.21 -7.99 -56.31
CA VAL F 58 -16.39 -8.84 -56.28
C VAL F 58 -17.60 -8.00 -56.69
N PRO F 59 -18.44 -8.48 -57.59
CA PRO F 59 -19.64 -7.72 -57.96
C PRO F 59 -20.60 -7.58 -56.78
N SER F 60 -21.48 -6.59 -56.88
CA SER F 60 -22.40 -6.24 -55.81
C SER F 60 -23.70 -7.03 -55.86
N ARG F 61 -23.71 -8.19 -56.53
CA ARG F 61 -24.86 -9.07 -56.39
C ARG F 61 -24.79 -9.83 -55.07
N PHE F 62 -23.59 -10.25 -54.68
CA PHE F 62 -23.39 -10.89 -53.39
C PHE F 62 -23.48 -9.87 -52.25
N SER F 63 -24.15 -10.27 -51.17
CA SER F 63 -24.35 -9.38 -50.03
C SER F 63 -24.58 -10.23 -48.79
N GLY F 64 -24.00 -9.80 -47.67
CA GLY F 64 -24.08 -10.54 -46.43
C GLY F 64 -24.72 -9.74 -45.31
N SER F 65 -25.46 -10.42 -44.45
CA SER F 65 -26.10 -9.81 -43.30
C SER F 65 -25.95 -10.74 -42.10
N GLU F 66 -25.99 -10.17 -40.90
CA GLU F 66 -25.85 -10.95 -39.68
C GLU F 66 -26.96 -10.61 -38.69
N SER F 67 -27.48 -11.65 -38.03
CA SER F 67 -28.51 -11.51 -37.00
C SER F 67 -28.19 -12.53 -35.90
N GLY F 68 -27.36 -12.11 -34.94
CA GLY F 68 -26.92 -13.04 -33.92
C GLY F 68 -26.00 -14.09 -34.49
N THR F 69 -26.24 -15.35 -34.15
CA THR F 69 -25.50 -16.46 -34.74
C THR F 69 -25.93 -16.77 -36.16
N ASP F 70 -26.93 -16.07 -36.70
CA ASP F 70 -27.46 -16.43 -38.01
C ASP F 70 -26.90 -15.49 -39.06
N PHE F 71 -26.39 -16.05 -40.15
CA PHE F 71 -25.81 -15.24 -41.21
C PHE F 71 -26.41 -15.63 -42.55
N THR F 72 -26.40 -14.68 -43.48
CA THR F 72 -27.08 -14.85 -44.76
C THR F 72 -26.20 -14.37 -45.91
N LEU F 73 -26.09 -15.20 -46.94
CA LEU F 73 -25.51 -14.83 -48.22
C LEU F 73 -26.64 -14.51 -49.18
N THR F 74 -26.48 -13.49 -50.03
CA THR F 74 -27.64 -13.16 -50.86
C THR F 74 -27.17 -12.66 -52.21
N ILE F 75 -27.58 -13.35 -53.27
CA ILE F 75 -27.23 -13.00 -54.64
C ILE F 75 -28.53 -12.64 -55.34
N SER F 76 -28.83 -11.33 -55.37
CA SER F 76 -30.12 -10.88 -55.88
C SER F 76 -30.26 -11.13 -57.38
N GLY F 77 -29.18 -10.91 -58.13
CA GLY F 77 -29.24 -11.13 -59.56
C GLY F 77 -28.14 -12.04 -60.09
N LEU F 78 -28.52 -13.24 -60.54
CA LEU F 78 -27.55 -14.27 -60.89
C LEU F 78 -27.08 -14.12 -62.32
N GLN F 79 -25.77 -14.13 -62.50
CA GLN F 79 -25.18 -14.20 -63.83
C GLN F 79 -24.91 -15.65 -64.22
N PRO F 80 -24.68 -15.93 -65.50
CA PRO F 80 -24.31 -17.31 -65.90
C PRO F 80 -22.96 -17.77 -65.36
N GLU F 81 -22.28 -16.95 -64.55
CA GLU F 81 -21.02 -17.32 -63.94
C GLU F 81 -21.12 -17.45 -62.43
N ASP F 82 -22.33 -17.32 -61.86
CA ASP F 82 -22.54 -17.42 -60.44
C ASP F 82 -23.03 -18.80 -60.01
N PHE F 83 -22.90 -19.81 -60.88
CA PHE F 83 -23.20 -21.19 -60.51
C PHE F 83 -21.92 -21.84 -60.01
N ALA F 84 -21.80 -21.98 -58.70
CA ALA F 84 -20.62 -22.55 -58.07
C ALA F 84 -21.00 -22.99 -56.65
N THR F 85 -20.04 -23.58 -55.95
CA THR F 85 -20.26 -24.11 -54.62
C THR F 85 -19.71 -23.14 -53.59
N TYR F 86 -20.58 -22.66 -52.70
CA TYR F 86 -20.28 -21.63 -51.72
C TYR F 86 -20.15 -22.24 -50.33
N TYR F 87 -19.33 -21.61 -49.48
CA TYR F 87 -19.15 -22.03 -48.10
C TYR F 87 -19.06 -20.80 -47.20
N CYS F 88 -19.45 -20.95 -45.93
CA CYS F 88 -19.18 -19.97 -44.90
C CYS F 88 -18.13 -20.52 -43.94
N LEU F 89 -17.24 -19.64 -43.48
CA LEU F 89 -16.12 -19.99 -42.61
C LEU F 89 -16.08 -19.03 -41.44
N GLN F 90 -16.01 -19.58 -40.23
CA GLN F 90 -15.87 -18.72 -39.06
C GLN F 90 -14.40 -18.44 -38.81
N SER F 91 -14.07 -17.14 -38.73
CA SER F 91 -12.69 -16.71 -38.55
C SER F 91 -12.46 -16.18 -37.13
N TYR F 92 -13.04 -16.80 -36.12
CA TYR F 92 -13.10 -16.21 -34.78
C TYR F 92 -12.12 -16.88 -33.81
N ASP F 93 -12.30 -18.18 -33.55
CA ASP F 93 -11.39 -18.97 -32.75
C ASP F 93 -10.98 -20.23 -33.50
N ALA F 94 -9.88 -20.85 -33.04
CA ALA F 94 -9.37 -22.04 -33.69
C ALA F 94 -9.68 -23.29 -32.90
N PRO F 95 -10.05 -24.38 -33.58
CA PRO F 95 -9.95 -24.64 -35.01
C PRO F 95 -10.95 -23.83 -35.86
N LEU F 96 -10.47 -23.32 -36.97
CA LEU F 96 -11.34 -22.59 -37.88
C LEU F 96 -12.19 -23.59 -38.66
N THR F 97 -13.48 -23.28 -38.83
CA THR F 97 -14.36 -24.29 -39.40
C THR F 97 -15.18 -23.77 -40.57
N PHE F 98 -15.34 -24.62 -41.58
CA PHE F 98 -16.13 -24.37 -42.78
C PHE F 98 -17.44 -25.14 -42.73
N GLY F 99 -18.45 -24.60 -43.41
CA GLY F 99 -19.71 -25.31 -43.54
C GLY F 99 -19.63 -26.49 -44.50
N GLY F 100 -20.76 -27.17 -44.65
CA GLY F 100 -20.82 -28.27 -45.60
C GLY F 100 -20.73 -27.80 -47.03
N GLY F 101 -21.29 -26.62 -47.32
CA GLY F 101 -21.28 -26.00 -48.62
C GLY F 101 -22.68 -25.68 -49.09
N THR F 102 -22.78 -25.35 -50.38
CA THR F 102 -24.08 -25.21 -51.04
C THR F 102 -23.82 -25.26 -52.54
N LYS F 103 -24.35 -26.30 -53.18
CA LYS F 103 -24.23 -26.48 -54.63
C LYS F 103 -25.38 -25.74 -55.30
N VAL F 104 -25.05 -24.72 -56.08
CA VAL F 104 -26.05 -23.94 -56.82
C VAL F 104 -26.02 -24.41 -58.27
N ASP F 105 -27.11 -25.03 -58.70
CA ASP F 105 -27.22 -25.59 -60.04
C ASP F 105 -28.10 -24.70 -60.90
N ILE F 106 -28.35 -25.15 -62.14
CA ILE F 106 -29.14 -24.42 -63.11
C ILE F 106 -30.55 -25.00 -63.15
N LYS F 107 -31.55 -24.13 -63.20
CA LYS F 107 -32.93 -24.55 -63.02
C LYS F 107 -33.77 -24.32 -64.27
N GLY G 39 -11.70 9.62 -20.46
CA GLY G 39 -11.18 8.57 -19.59
C GLY G 39 -12.05 8.33 -18.38
N THR G 40 -12.72 7.19 -18.36
CA THR G 40 -13.72 6.88 -17.33
C THR G 40 -13.21 5.75 -16.45
N LEU G 41 -13.25 5.96 -15.14
CA LEU G 41 -12.84 4.95 -14.16
C LEU G 41 -13.89 4.91 -13.06
N GLN G 42 -14.39 3.72 -12.75
CA GLN G 42 -15.40 3.55 -11.71
C GLN G 42 -14.85 2.85 -10.47
N LYS G 43 -14.25 1.67 -10.60
CA LYS G 43 -13.55 1.09 -9.47
C LYS G 43 -12.09 0.87 -9.83
N THR G 44 -11.34 0.27 -8.90
CA THR G 44 -9.96 -0.10 -9.22
C THR G 44 -9.87 -1.41 -10.00
N GLU G 45 -10.96 -2.15 -10.05
CA GLU G 45 -11.10 -3.40 -10.78
C GLU G 45 -11.15 -3.19 -12.29
N ASP G 46 -11.49 -1.98 -12.73
CA ASP G 46 -11.54 -1.62 -14.15
C ASP G 46 -10.14 -1.47 -14.76
N VAL G 47 -9.11 -1.49 -13.94
CA VAL G 47 -7.76 -1.10 -14.30
C VAL G 47 -6.98 -2.40 -14.45
N HIS G 48 -6.37 -2.58 -15.62
CA HIS G 48 -5.78 -3.84 -16.02
C HIS G 48 -4.32 -3.62 -16.37
N LEU G 49 -3.45 -4.42 -15.79
CA LEU G 49 -2.04 -4.41 -16.12
C LEU G 49 -1.75 -5.72 -16.84
N MET G 50 -1.60 -5.64 -18.17
CA MET G 50 -1.44 -6.81 -19.02
C MET G 50 0.03 -7.08 -19.26
N GLY G 51 0.45 -8.33 -19.08
CA GLY G 51 1.82 -8.68 -19.32
C GLY G 51 2.04 -9.24 -20.71
N PHE G 52 2.63 -8.44 -21.59
CA PHE G 52 2.95 -8.86 -22.94
C PHE G 52 4.37 -9.38 -23.01
N THR G 53 4.60 -10.33 -23.91
CA THR G 53 5.86 -11.04 -24.03
C THR G 53 6.73 -10.43 -25.11
N LEU G 54 8.03 -10.72 -25.05
CA LEU G 54 8.92 -10.26 -26.11
C LEU G 54 8.78 -11.12 -27.36
N SER G 55 8.40 -12.38 -27.20
CA SER G 55 8.17 -13.24 -28.36
C SER G 55 7.09 -12.64 -29.27
N GLY G 56 6.01 -12.15 -28.69
CA GLY G 56 4.91 -11.56 -29.44
C GLY G 56 5.27 -10.29 -30.18
N GLN G 57 6.42 -9.69 -29.88
CA GLN G 57 6.89 -8.52 -30.61
C GLN G 57 8.09 -8.85 -31.49
N LYS G 58 8.16 -10.11 -31.97
CA LYS G 58 9.07 -10.54 -33.02
C LYS G 58 10.52 -10.49 -32.55
N VAL G 59 10.78 -11.07 -31.38
CA VAL G 59 12.11 -11.13 -30.78
C VAL G 59 12.48 -12.60 -30.60
N ALA G 60 13.74 -12.94 -30.88
CA ALA G 60 14.15 -14.34 -30.86
C ALA G 60 14.42 -14.77 -29.43
N ASP G 61 13.67 -15.79 -28.96
CA ASP G 61 13.66 -16.19 -27.55
C ASP G 61 14.28 -17.57 -27.34
N SER G 62 15.19 -17.99 -28.23
CA SER G 62 15.96 -19.19 -27.97
C SER G 62 16.84 -18.94 -26.75
N PRO G 63 17.28 -20.00 -26.05
CA PRO G 63 18.09 -19.76 -24.85
C PRO G 63 19.43 -19.14 -25.15
N LEU G 64 19.95 -19.31 -26.36
CA LEU G 64 21.20 -18.69 -26.76
C LEU G 64 21.03 -17.23 -27.17
N GLU G 65 19.83 -16.86 -27.62
CA GLU G 65 19.55 -15.47 -27.97
C GLU G 65 18.97 -14.69 -26.81
N ALA G 66 18.28 -15.38 -25.89
CA ALA G 66 17.76 -14.71 -24.71
C ALA G 66 18.86 -14.40 -23.71
N SER G 67 19.84 -15.29 -23.58
CA SER G 67 20.92 -15.10 -22.61
C SER G 67 21.63 -13.78 -22.84
N LYS G 68 21.99 -13.49 -24.08
CA LYS G 68 22.73 -12.28 -24.44
C LYS G 68 21.98 -11.00 -24.11
N ARG G 69 20.70 -11.09 -23.74
CA ARG G 69 19.92 -9.95 -23.27
C ARG G 69 19.98 -9.81 -21.77
N TRP G 70 20.77 -10.63 -21.11
CA TRP G 70 20.85 -10.68 -19.65
C TRP G 70 22.29 -10.47 -19.22
N ALA G 71 22.48 -9.76 -18.11
CA ALA G 71 23.82 -9.48 -17.61
C ALA G 71 23.77 -9.26 -16.11
N PHE G 72 24.84 -9.66 -15.42
CA PHE G 72 24.98 -9.46 -14.00
C PHE G 72 25.59 -8.10 -13.72
N ARG G 73 25.25 -7.53 -12.55
CA ARG G 73 25.94 -6.30 -12.16
C ARG G 73 25.68 -6.11 -10.68
N THR G 74 26.47 -5.23 -10.06
CA THR G 74 26.37 -4.98 -8.63
C THR G 74 25.97 -3.54 -8.37
N GLY G 75 25.16 -3.34 -7.33
CA GLY G 75 24.79 -2.03 -6.86
C GLY G 75 23.34 -1.63 -7.12
N VAL G 76 22.61 -2.39 -7.91
CA VAL G 76 21.20 -2.12 -8.20
C VAL G 76 20.37 -3.21 -7.54
N PRO G 77 19.35 -2.88 -6.76
CA PRO G 77 18.60 -3.91 -6.04
C PRO G 77 17.41 -4.39 -6.85
N PRO G 78 17.01 -5.65 -6.64
CA PRO G 78 15.74 -6.18 -7.18
C PRO G 78 14.56 -5.24 -6.98
N LYS G 79 13.56 -5.32 -7.86
CA LYS G 79 12.35 -4.53 -7.75
C LYS G 79 11.19 -5.28 -8.38
N ASN G 80 10.08 -5.40 -7.65
CA ASN G 80 8.94 -6.19 -8.07
C ASN G 80 7.70 -5.33 -8.21
N VAL G 81 6.76 -5.80 -9.03
CA VAL G 81 5.52 -5.09 -9.31
C VAL G 81 4.47 -6.13 -9.69
N GLU G 82 3.21 -5.87 -9.33
CA GLU G 82 2.14 -6.79 -9.64
C GLU G 82 1.33 -6.35 -10.85
N TYR G 83 0.86 -7.33 -11.63
CA TYR G 83 -0.01 -7.09 -12.76
C TYR G 83 -1.14 -8.10 -12.75
N THR G 84 -2.19 -7.83 -13.51
CA THR G 84 -3.44 -8.56 -13.32
C THR G 84 -3.64 -9.74 -14.27
N GLU G 85 -3.26 -9.64 -15.55
CA GLU G 85 -3.28 -10.82 -16.41
C GLU G 85 -2.05 -10.84 -17.29
N GLY G 86 -1.93 -11.87 -18.11
CA GLY G 86 -0.73 -12.07 -18.90
C GLY G 86 -1.03 -12.83 -20.18
N GLU G 87 -0.23 -12.54 -21.20
CA GLU G 87 -0.27 -13.26 -22.46
C GLU G 87 0.34 -14.64 -22.30
N GLU G 88 -0.28 -15.64 -22.94
CA GLU G 88 0.30 -16.98 -22.99
C GLU G 88 1.59 -16.94 -23.80
N ALA G 89 2.71 -17.19 -23.13
CA ALA G 89 4.00 -17.05 -23.77
C ALA G 89 4.38 -18.32 -24.52
N LYS G 90 5.39 -18.19 -25.38
CA LYS G 90 5.85 -19.30 -26.21
C LYS G 90 7.09 -19.95 -25.64
N THR G 91 7.99 -19.16 -25.07
CA THR G 91 9.23 -19.67 -24.50
C THR G 91 9.40 -19.12 -23.10
N CYS G 92 9.53 -20.02 -22.13
CA CYS G 92 9.77 -19.67 -20.75
C CYS G 92 11.06 -20.34 -20.28
N TYR G 93 11.59 -19.87 -19.16
CA TYR G 93 12.91 -20.29 -18.70
C TYR G 93 12.86 -20.67 -17.23
N ASN G 94 13.49 -21.79 -16.91
CA ASN G 94 13.61 -22.31 -15.54
C ASN G 94 15.10 -22.52 -15.31
N ILE G 95 15.75 -21.52 -14.72
CA ILE G 95 17.20 -21.42 -14.73
C ILE G 95 17.74 -21.73 -13.33
N SER G 96 18.69 -22.66 -13.26
CA SER G 96 19.26 -23.11 -12.00
C SER G 96 20.77 -23.30 -12.13
N VAL G 97 21.48 -22.23 -12.50
CA VAL G 97 22.92 -22.27 -12.71
C VAL G 97 23.64 -21.84 -11.42
N THR G 98 24.72 -22.55 -11.10
CA THR G 98 25.46 -22.36 -9.87
C THR G 98 26.94 -22.16 -10.19
N ASP G 99 27.65 -21.54 -9.24
CA ASP G 99 29.05 -21.21 -9.38
C ASP G 99 29.91 -22.36 -8.87
N PRO G 100 31.21 -22.40 -9.23
CA PRO G 100 32.03 -23.53 -8.77
C PRO G 100 32.11 -23.65 -7.24
N SER G 101 31.92 -22.55 -6.51
CA SER G 101 31.67 -22.66 -5.08
C SER G 101 30.45 -23.52 -4.80
N GLY G 102 29.28 -23.09 -5.29
CA GLY G 102 28.07 -23.85 -5.08
C GLY G 102 26.85 -23.00 -4.83
N LYS G 103 27.04 -21.75 -4.40
CA LYS G 103 25.90 -20.87 -4.20
C LYS G 103 25.30 -20.48 -5.55
N SER G 104 23.97 -20.45 -5.61
CA SER G 104 23.28 -20.20 -6.87
C SER G 104 23.39 -18.73 -7.25
N LEU G 105 23.76 -18.48 -8.51
CA LEU G 105 23.99 -17.12 -8.98
C LEU G 105 22.79 -16.22 -8.73
N LEU G 106 21.60 -16.68 -9.09
CA LEU G 106 20.40 -15.88 -9.00
C LEU G 106 19.89 -15.81 -7.56
N LEU G 107 18.91 -14.94 -7.34
CA LEU G 107 18.41 -14.68 -5.99
C LEU G 107 17.29 -15.62 -5.63
N ASP G 108 17.36 -16.16 -4.41
CA ASP G 108 16.29 -17.03 -3.91
C ASP G 108 14.98 -16.27 -3.91
N PRO G 109 13.93 -16.78 -4.56
CA PRO G 109 12.72 -15.97 -4.73
C PRO G 109 11.98 -15.84 -3.42
N PRO G 110 11.23 -14.75 -3.24
CA PRO G 110 10.28 -14.67 -2.13
C PRO G 110 9.15 -15.68 -2.30
N THR G 111 8.35 -15.81 -1.24
CA THR G 111 7.31 -16.83 -1.21
C THR G 111 6.24 -16.59 -2.28
N ASN G 112 5.93 -15.34 -2.58
CA ASN G 112 4.87 -14.99 -3.52
C ASN G 112 5.28 -15.16 -4.99
N ILE G 113 6.43 -15.76 -5.27
CA ILE G 113 6.92 -15.92 -6.63
C ILE G 113 6.55 -17.32 -7.12
N ARG G 114 5.73 -17.38 -8.16
CA ARG G 114 5.30 -18.64 -8.75
C ARG G 114 5.61 -18.63 -10.24
N ASP G 115 5.60 -19.82 -10.84
CA ASP G 115 5.98 -19.98 -12.23
C ASP G 115 4.99 -19.26 -13.14
N TYR G 116 5.39 -19.06 -14.39
CA TYR G 116 4.50 -18.41 -15.33
C TYR G 116 3.34 -19.33 -15.66
N PRO G 117 2.10 -18.87 -15.55
CA PRO G 117 0.94 -19.78 -15.68
C PRO G 117 0.91 -20.57 -16.98
N LYS G 118 0.96 -19.90 -18.13
CA LYS G 118 0.72 -20.54 -19.43
C LYS G 118 1.97 -20.38 -20.30
N CYS G 119 2.75 -21.45 -20.36
CA CYS G 119 3.92 -21.54 -21.24
C CYS G 119 3.78 -22.68 -22.23
N LYS G 120 4.21 -22.45 -23.46
CA LYS G 120 4.16 -23.55 -24.41
C LYS G 120 5.43 -24.39 -24.37
N THR G 121 6.58 -23.77 -24.17
CA THR G 121 7.85 -24.48 -24.04
C THR G 121 8.63 -23.88 -22.87
N ILE G 122 9.21 -24.76 -22.06
CA ILE G 122 10.03 -24.37 -20.92
C ILE G 122 11.43 -24.91 -21.13
N HIS G 123 12.43 -24.04 -21.00
CA HIS G 123 13.83 -24.39 -21.22
C HIS G 123 14.56 -24.45 -19.89
N HIS G 124 14.91 -25.66 -19.44
CA HIS G 124 15.61 -25.85 -18.18
C HIS G 124 17.08 -25.59 -18.50
N ILE G 125 17.57 -24.44 -18.06
CA ILE G 125 18.98 -24.07 -18.09
C ILE G 125 19.59 -24.39 -16.72
N GLN G 126 20.63 -25.23 -16.72
CA GLN G 126 21.16 -25.78 -15.48
C GLN G 126 22.66 -26.03 -15.63
N GLY G 127 23.45 -25.59 -14.66
CA GLY G 127 24.80 -26.12 -14.71
C GLY G 127 25.81 -25.45 -13.80
N GLN G 128 27.00 -25.18 -14.32
CA GLN G 128 28.10 -24.66 -13.51
C GLN G 128 28.79 -23.59 -14.32
N ASN G 129 28.84 -22.37 -13.80
CA ASN G 129 29.31 -21.24 -14.56
C ASN G 129 30.36 -20.53 -13.71
N PRO G 130 31.34 -19.85 -14.32
CA PRO G 130 32.34 -19.16 -13.50
C PRO G 130 31.71 -18.16 -12.56
N HIS G 131 32.48 -17.78 -11.54
CA HIS G 131 31.98 -16.84 -10.53
C HIS G 131 31.61 -15.51 -11.18
N ALA G 132 30.52 -14.92 -10.70
CA ALA G 132 30.03 -13.65 -11.21
C ALA G 132 29.27 -12.94 -10.12
N GLN G 133 29.61 -11.68 -9.87
CA GLN G 133 29.07 -10.93 -8.75
C GLN G 133 27.85 -10.12 -9.16
N GLY G 134 26.86 -10.07 -8.28
CA GLY G 134 25.67 -9.28 -8.49
C GLY G 134 24.48 -10.10 -8.92
N ILE G 135 23.53 -9.41 -9.55
CA ILE G 135 22.26 -10.02 -9.95
C ILE G 135 22.03 -9.75 -11.43
N ALA G 136 21.32 -10.68 -12.07
CA ALA G 136 21.11 -10.64 -13.51
C ALA G 136 19.90 -9.78 -13.83
N LEU G 137 20.11 -8.75 -14.64
CA LEU G 137 19.08 -7.80 -15.04
C LEU G 137 18.89 -7.91 -16.55
N HIS G 138 17.97 -7.10 -17.09
CA HIS G 138 17.67 -7.11 -18.51
C HIS G 138 18.41 -5.97 -19.19
N LEU G 139 19.05 -6.27 -20.34
CA LEU G 139 19.73 -5.24 -21.11
C LEU G 139 18.77 -4.34 -21.87
N TRP G 140 17.49 -4.66 -21.89
CA TRP G 140 16.52 -3.88 -22.64
C TRP G 140 15.66 -2.97 -21.78
N GLY G 141 15.62 -3.21 -20.48
CA GLY G 141 14.65 -2.60 -19.60
C GLY G 141 13.38 -3.38 -19.43
N ALA G 142 13.27 -4.56 -20.01
CA ALA G 142 12.08 -5.37 -19.88
C ALA G 142 12.12 -6.17 -18.58
N PHE G 143 10.96 -6.69 -18.18
CA PHE G 143 10.83 -7.38 -16.91
C PHE G 143 10.82 -8.89 -17.13
N PHE G 144 11.24 -9.62 -16.09
CA PHE G 144 11.09 -11.06 -16.05
C PHE G 144 9.72 -11.36 -15.43
N LEU G 145 8.81 -11.85 -16.25
CA LEU G 145 7.41 -12.00 -15.86
C LEU G 145 7.21 -13.33 -15.16
N TYR G 146 6.67 -13.28 -13.96
CA TYR G 146 6.35 -14.42 -13.13
C TYR G 146 4.83 -14.55 -13.04
N ASP G 147 4.35 -15.33 -12.08
CA ASP G 147 2.90 -15.44 -11.91
C ASP G 147 2.38 -14.15 -11.29
N ARG G 148 1.88 -13.25 -12.13
CA ARG G 148 1.35 -11.95 -11.73
C ARG G 148 2.36 -11.08 -10.99
N ILE G 149 3.65 -11.37 -11.11
CA ILE G 149 4.71 -10.52 -10.58
C ILE G 149 5.73 -10.29 -11.67
N ALA G 150 6.09 -9.03 -11.91
CA ALA G 150 7.17 -8.68 -12.82
C ALA G 150 8.37 -8.24 -11.99
N SER G 151 9.50 -8.91 -12.18
CA SER G 151 10.73 -8.58 -11.49
C SER G 151 11.77 -8.01 -12.45
N THR G 152 12.60 -7.12 -11.94
CA THR G 152 13.76 -6.65 -12.67
C THR G 152 14.95 -7.61 -12.58
N THR G 153 14.80 -8.75 -11.91
CA THR G 153 15.85 -9.74 -11.81
C THR G 153 15.22 -11.12 -11.77
N MET G 154 15.95 -12.12 -12.25
CA MET G 154 15.38 -13.46 -12.30
C MET G 154 15.75 -14.22 -11.03
N TYR G 155 14.81 -15.00 -10.53
CA TYR G 155 15.01 -15.76 -9.30
C TYR G 155 15.24 -17.23 -9.61
N ARG G 156 16.11 -17.86 -8.82
CA ARG G 156 16.43 -19.27 -9.02
C ARG G 156 15.20 -20.14 -8.78
N GLY G 157 15.03 -21.14 -9.65
CA GLY G 157 14.03 -22.16 -9.42
C GLY G 157 12.64 -21.84 -9.94
N LYS G 158 12.48 -20.80 -10.75
CA LYS G 158 11.17 -20.30 -11.11
C LYS G 158 11.07 -20.05 -12.60
N VAL G 159 9.93 -20.42 -13.17
CA VAL G 159 9.68 -20.28 -14.60
C VAL G 159 9.22 -18.85 -14.88
N PHE G 160 10.02 -18.11 -15.65
CA PHE G 160 9.66 -16.76 -16.05
C PHE G 160 9.67 -16.64 -17.57
N THR G 161 9.07 -15.57 -18.07
CA THR G 161 9.19 -15.17 -19.46
C THR G 161 9.60 -13.72 -19.49
N GLU G 162 10.16 -13.29 -20.62
CA GLU G 162 10.53 -11.91 -20.82
C GLU G 162 9.34 -11.15 -21.39
N GLY G 163 9.15 -9.92 -20.92
CA GLY G 163 8.07 -9.12 -21.42
C GLY G 163 8.00 -7.75 -20.77
N ASN G 164 6.79 -7.19 -20.81
CA ASN G 164 6.57 -5.79 -20.46
C ASN G 164 5.18 -5.67 -19.88
N ILE G 165 4.86 -4.51 -19.30
CA ILE G 165 3.54 -4.34 -18.71
C ILE G 165 2.88 -3.13 -19.35
N ALA G 166 1.61 -3.30 -19.75
CA ALA G 166 0.78 -2.22 -20.26
C ALA G 166 -0.32 -1.91 -19.23
N ALA G 167 -0.87 -0.72 -19.34
CA ALA G 167 -2.00 -0.30 -18.52
C ALA G 167 -3.13 0.14 -19.43
N MET G 168 -4.31 -0.46 -19.23
CA MET G 168 -5.52 -0.05 -19.93
C MET G 168 -6.67 0.00 -18.95
N ILE G 169 -7.58 0.92 -19.18
CA ILE G 169 -8.73 1.14 -18.31
C ILE G 169 -10.00 0.91 -19.12
N VAL G 170 -10.90 0.08 -18.59
CA VAL G 170 -12.08 -0.39 -19.32
C VAL G 170 -13.18 -0.69 -18.31
N ASN G 171 -14.43 -0.38 -18.66
CA ASN G 171 -15.54 -0.69 -17.77
C ASN G 171 -16.22 -1.98 -18.25
N LYS G 172 -17.27 -2.42 -17.52
CA LYS G 172 -17.74 -3.77 -17.80
C LYS G 172 -18.40 -3.86 -19.17
N THR G 173 -19.14 -2.82 -19.56
CA THR G 173 -19.84 -2.81 -20.84
C THR G 173 -18.87 -3.02 -22.00
N VAL G 174 -17.70 -2.41 -21.91
CA VAL G 174 -16.71 -2.46 -22.97
C VAL G 174 -15.74 -3.64 -22.77
N HIS G 175 -15.49 -4.01 -21.52
CA HIS G 175 -14.68 -5.18 -21.22
C HIS G 175 -15.35 -6.47 -21.70
N LYS G 176 -16.68 -6.49 -21.79
CA LYS G 176 -17.38 -7.67 -22.29
C LYS G 176 -17.19 -7.87 -23.79
N MET G 177 -16.91 -6.80 -24.53
CA MET G 177 -16.70 -6.91 -25.97
C MET G 177 -15.22 -6.91 -26.36
N ILE G 178 -14.36 -6.31 -25.55
CA ILE G 178 -12.94 -6.31 -25.86
C ILE G 178 -12.26 -7.60 -25.38
N PHE G 179 -12.81 -8.25 -24.35
CA PHE G 179 -12.27 -9.50 -23.82
C PHE G 179 -13.31 -10.60 -24.02
N SER G 180 -13.03 -11.53 -24.93
CA SER G 180 -13.91 -12.66 -25.15
C SER G 180 -13.61 -13.76 -24.13
N ARG G 181 -14.64 -14.21 -23.42
CA ARG G 181 -14.47 -15.26 -22.43
C ARG G 181 -14.60 -16.63 -23.05
N LEU G 191 -3.22 -27.25 -20.63
CA LEU G 191 -2.16 -27.23 -21.62
C LEU G 191 -0.95 -28.04 -21.17
N THR G 192 -0.26 -28.65 -22.12
CA THR G 192 0.92 -29.45 -21.84
C THR G 192 2.15 -28.74 -22.35
N SER G 193 3.13 -28.53 -21.46
CA SER G 193 4.36 -27.84 -21.81
C SER G 193 5.38 -28.81 -22.39
N THR G 194 6.18 -28.29 -23.33
CA THR G 194 7.34 -29.02 -23.83
C THR G 194 8.57 -28.58 -23.04
N ASN G 195 9.28 -29.56 -22.48
CA ASN G 195 10.44 -29.28 -21.63
C ASN G 195 11.72 -29.56 -22.41
N LYS G 196 12.58 -28.55 -22.49
CA LYS G 196 13.87 -28.68 -23.14
C LYS G 196 14.94 -28.42 -22.11
N TYR G 197 16.08 -29.12 -22.21
CA TYR G 197 17.08 -29.08 -21.15
C TYR G 197 18.45 -28.73 -21.72
N TRP G 198 19.14 -27.84 -21.01
CA TRP G 198 20.41 -27.26 -21.42
C TRP G 198 21.37 -27.26 -20.23
N THR G 199 22.67 -27.25 -20.54
CA THR G 199 23.66 -27.11 -19.47
C THR G 199 24.75 -26.15 -19.90
N SER G 200 25.35 -25.50 -18.91
CA SER G 200 26.45 -24.57 -19.11
C SER G 200 27.72 -25.11 -18.46
N SER G 201 28.87 -24.75 -19.02
CA SER G 201 30.15 -25.31 -18.63
C SER G 201 31.05 -24.23 -18.05
N ASN G 202 31.78 -24.56 -16.98
CA ASN G 202 32.51 -23.54 -16.25
C ASN G 202 33.80 -23.20 -16.98
N GLY G 203 34.11 -21.91 -17.03
CA GLY G 203 35.22 -21.41 -17.83
C GLY G 203 34.90 -20.07 -18.47
N THR G 204 35.82 -19.55 -19.28
CA THR G 204 35.67 -18.20 -19.80
C THR G 204 34.66 -18.16 -20.94
N GLN G 205 33.71 -17.23 -20.85
CA GLN G 205 32.74 -17.06 -21.91
C GLN G 205 33.39 -16.40 -23.12
N THR G 206 32.84 -16.69 -24.30
CA THR G 206 33.32 -16.05 -25.51
C THR G 206 32.69 -14.67 -25.65
N ASN G 207 33.26 -13.86 -26.55
CA ASN G 207 32.77 -12.50 -26.74
C ASN G 207 31.36 -12.47 -27.32
N ASP G 208 30.95 -13.52 -28.02
CA ASP G 208 29.60 -13.61 -28.58
C ASP G 208 28.81 -14.67 -27.83
N THR G 209 28.47 -14.37 -26.59
CA THR G 209 27.83 -15.36 -25.75
C THR G 209 26.94 -14.69 -24.72
N GLY G 210 25.95 -15.45 -24.24
CA GLY G 210 25.11 -14.99 -23.17
C GLY G 210 25.83 -15.02 -21.84
N CYS G 211 25.22 -14.39 -20.84
CA CYS G 211 25.84 -14.29 -19.52
C CYS G 211 26.09 -15.66 -18.91
N PHE G 212 25.19 -16.61 -19.17
CA PHE G 212 25.30 -17.96 -18.66
C PHE G 212 26.27 -18.81 -19.45
N GLY G 213 26.91 -18.26 -20.47
CA GLY G 213 27.85 -18.99 -21.30
C GLY G 213 27.15 -19.73 -22.43
N ALA G 214 27.94 -20.51 -23.14
CA ALA G 214 27.39 -21.35 -24.20
C ALA G 214 26.55 -22.47 -23.58
N LEU G 215 25.39 -22.71 -24.19
CA LEU G 215 24.43 -23.67 -23.68
C LEU G 215 24.37 -24.89 -24.59
N GLN G 216 24.20 -26.07 -23.99
CA GLN G 216 24.24 -27.33 -24.71
C GLN G 216 23.00 -28.14 -24.37
N GLU G 217 22.19 -28.45 -25.37
CA GLU G 217 20.98 -29.23 -25.15
C GLU G 217 21.33 -30.69 -24.91
N TYR G 218 20.61 -31.33 -24.00
CA TYR G 218 20.90 -32.71 -23.62
C TYR G 218 19.60 -33.47 -23.40
N ASN G 219 19.74 -34.77 -23.18
CA ASN G 219 18.60 -35.64 -22.86
C ASN G 219 18.60 -36.05 -21.39
N ALA H 68 -6.43 1.77 -43.49
CA ALA H 68 -6.60 2.18 -42.10
C ALA H 68 -5.58 1.48 -41.20
N TYR H 69 -5.58 0.15 -41.20
CA TYR H 69 -4.53 -0.63 -40.57
C TYR H 69 -4.26 -1.84 -41.45
N SER H 70 -2.98 -2.10 -41.71
CA SER H 70 -2.57 -3.18 -42.60
C SER H 70 -1.20 -3.67 -42.16
N GLY H 71 -1.02 -4.98 -42.24
CA GLY H 71 0.23 -5.58 -41.81
C GLY H 71 1.40 -5.29 -42.71
N GLU H 72 1.20 -4.56 -43.81
CA GLU H 72 2.32 -3.92 -44.47
C GLU H 72 2.90 -2.77 -43.64
N ASN H 73 2.24 -2.41 -42.55
CA ASN H 73 2.66 -1.38 -41.60
C ASN H 73 3.30 -1.97 -40.35
N GLU H 74 2.71 -2.99 -39.73
CA GLU H 74 3.32 -3.47 -38.51
C GLU H 74 4.47 -4.44 -38.82
N ASN H 75 5.52 -4.37 -38.00
CA ASN H 75 6.66 -5.25 -38.16
C ASN H 75 7.18 -5.84 -36.85
N ASP H 76 6.68 -5.40 -35.70
CA ASP H 76 7.13 -5.86 -34.39
C ASP H 76 5.95 -6.22 -33.52
N CYS H 77 4.92 -6.85 -34.11
CA CYS H 77 3.72 -7.17 -33.36
C CYS H 77 3.04 -8.37 -34.01
N ASP H 78 2.82 -9.41 -33.20
CA ASP H 78 1.94 -10.50 -33.61
C ASP H 78 0.51 -10.10 -33.30
N ALA H 79 -0.34 -10.11 -34.32
CA ALA H 79 -1.69 -9.57 -34.26
C ALA H 79 -2.67 -10.50 -33.54
N GLU H 80 -2.18 -11.58 -32.94
CA GLU H 80 -3.00 -12.58 -32.28
C GLU H 80 -2.68 -12.55 -30.79
N LEU H 81 -3.70 -12.70 -29.96
CA LEU H 81 -3.48 -12.49 -28.53
C LEU H 81 -4.49 -13.29 -27.73
N ARG H 82 -4.00 -14.26 -26.97
CA ARG H 82 -4.78 -14.97 -25.97
C ARG H 82 -4.09 -14.77 -24.63
N ILE H 83 -4.88 -14.58 -23.57
CA ILE H 83 -4.36 -14.26 -22.26
C ILE H 83 -5.01 -15.15 -21.21
N TRP H 84 -4.35 -15.24 -20.06
CA TRP H 84 -4.91 -15.87 -18.87
C TRP H 84 -5.40 -14.76 -17.93
N SER H 85 -6.68 -14.80 -17.56
CA SER H 85 -7.18 -13.84 -16.59
C SER H 85 -8.07 -14.48 -15.54
N GLY H 94 -22.35 -21.18 -5.96
CA GLY H 94 -22.71 -21.29 -4.56
C GLY H 94 -21.56 -21.07 -3.60
N LEU H 95 -21.03 -22.16 -3.05
CA LEU H 95 -19.99 -22.12 -2.05
C LEU H 95 -18.61 -21.81 -2.62
N SER H 96 -18.53 -21.36 -3.88
CA SER H 96 -17.26 -21.30 -4.58
C SER H 96 -16.36 -20.18 -4.06
N TRP H 97 -16.94 -19.13 -3.49
CA TRP H 97 -16.13 -18.01 -3.03
C TRP H 97 -15.36 -18.32 -1.75
N ILE H 98 -15.65 -19.43 -1.08
CA ILE H 98 -14.92 -19.80 0.13
C ILE H 98 -13.55 -20.36 -0.27
N PRO H 99 -12.46 -19.86 0.32
CA PRO H 99 -11.11 -20.39 0.06
C PRO H 99 -11.01 -21.90 -0.05
N PHE H 100 -11.52 -22.62 0.95
CA PHE H 100 -11.40 -24.08 0.98
C PHE H 100 -12.16 -24.73 -0.18
N PHE H 101 -13.17 -24.07 -0.73
CA PHE H 101 -13.98 -24.63 -1.80
C PHE H 101 -13.65 -24.07 -3.18
N GLY H 102 -12.88 -22.98 -3.25
CA GLY H 102 -12.58 -22.36 -4.51
C GLY H 102 -11.48 -23.08 -5.27
N PRO H 103 -11.06 -22.50 -6.39
CA PRO H 103 -9.93 -23.07 -7.13
C PRO H 103 -8.64 -22.94 -6.33
N GLY H 104 -7.73 -23.86 -6.62
CA GLY H 104 -6.36 -23.77 -6.17
C GLY H 104 -5.53 -22.82 -7.01
N ILE H 105 -4.27 -22.67 -6.58
CA ILE H 105 -3.41 -21.63 -7.15
C ILE H 105 -3.04 -21.90 -8.59
N GLU H 106 -3.37 -23.08 -9.12
CA GLU H 106 -3.12 -23.44 -10.51
C GLU H 106 -4.44 -23.76 -11.23
N GLY H 107 -5.54 -23.18 -10.76
CA GLY H 107 -6.84 -23.39 -11.36
C GLY H 107 -7.68 -22.13 -11.38
N LEU H 108 -7.01 -20.99 -11.28
CA LEU H 108 -7.61 -19.68 -11.09
C LEU H 108 -7.80 -18.93 -12.39
N TYR H 109 -7.21 -19.37 -13.48
CA TYR H 109 -7.07 -18.53 -14.65
C TYR H 109 -7.96 -19.09 -15.75
N THR H 110 -8.69 -18.19 -16.41
CA THR H 110 -9.52 -18.42 -17.58
C THR H 110 -8.84 -17.89 -18.83
N ALA H 111 -8.98 -18.63 -19.92
CA ALA H 111 -8.42 -18.20 -21.19
C ALA H 111 -9.36 -17.22 -21.86
N VAL H 112 -8.79 -16.11 -22.33
CA VAL H 112 -9.55 -15.02 -22.94
C VAL H 112 -8.92 -14.68 -24.29
N LEU H 113 -9.77 -14.40 -25.27
CA LEU H 113 -9.31 -14.09 -26.62
C LEU H 113 -9.56 -12.62 -26.92
N ILE H 114 -8.55 -11.96 -27.46
CA ILE H 114 -8.57 -10.54 -27.78
C ILE H 114 -8.27 -10.39 -29.26
N LYS H 115 -9.19 -9.77 -29.99
CA LYS H 115 -9.07 -9.63 -31.43
C LYS H 115 -8.42 -8.30 -31.77
N ASN H 116 -7.59 -8.29 -32.82
CA ASN H 116 -7.04 -7.04 -33.32
C ASN H 116 -8.07 -6.30 -34.18
N GLN H 117 -9.21 -5.97 -33.56
CA GLN H 117 -10.33 -5.42 -34.31
C GLN H 117 -10.01 -4.03 -34.85
N ASN H 118 -9.60 -3.12 -33.98
CA ASN H 118 -9.20 -1.77 -34.40
C ASN H 118 -7.70 -1.57 -34.21
N ASN H 119 -6.93 -2.60 -34.57
CA ASN H 119 -5.48 -2.67 -34.34
C ASN H 119 -5.15 -2.66 -32.85
N LEU H 120 -6.07 -3.15 -32.02
CA LEU H 120 -5.93 -3.11 -30.56
C LEU H 120 -4.74 -3.93 -30.10
N VAL H 121 -4.52 -5.10 -30.69
CA VAL H 121 -3.43 -5.94 -30.22
C VAL H 121 -2.11 -5.25 -30.47
N CYS H 122 -1.93 -4.62 -31.64
CA CYS H 122 -0.61 -4.03 -31.86
C CYS H 122 -0.44 -2.73 -31.11
N ARG H 123 -1.51 -1.98 -30.85
CA ARG H 123 -1.45 -0.85 -29.93
C ARG H 123 -1.11 -1.29 -28.52
N LEU H 124 -1.54 -2.49 -28.13
CA LEU H 124 -1.32 -2.91 -26.75
C LEU H 124 0.10 -3.44 -26.56
N ARG H 125 0.60 -4.18 -27.56
CA ARG H 125 2.01 -4.49 -27.58
C ARG H 125 2.86 -3.23 -27.56
N ARG H 126 2.45 -2.21 -28.34
CA ARG H 126 3.22 -0.98 -28.38
C ARG H 126 3.19 -0.26 -27.04
N LEU H 127 1.99 -0.15 -26.43
CA LEU H 127 1.88 0.42 -25.09
C LEU H 127 2.79 -0.29 -24.10
N ALA H 128 2.72 -1.63 -24.05
CA ALA H 128 3.56 -2.39 -23.14
C ALA H 128 5.04 -2.07 -23.34
N ASN H 129 5.46 -1.92 -24.59
CA ASN H 129 6.88 -1.72 -24.89
C ASN H 129 7.35 -0.33 -24.46
N GLN H 130 6.43 0.63 -24.46
CA GLN H 130 6.64 2.04 -24.20
C GLN H 130 6.60 2.37 -22.73
N THR H 131 5.74 1.67 -21.98
CA THR H 131 5.54 1.91 -20.56
C THR H 131 6.77 1.56 -19.73
N ALA H 132 7.64 0.68 -20.23
CA ALA H 132 8.75 0.18 -19.44
C ALA H 132 9.81 1.24 -19.14
N LYS H 133 9.67 2.48 -19.61
CA LYS H 133 10.60 3.50 -19.13
C LYS H 133 10.01 4.19 -17.90
N SER H 134 8.75 4.64 -18.00
CA SER H 134 8.03 5.16 -16.83
C SER H 134 8.09 4.17 -15.67
N LEU H 135 7.88 2.89 -15.98
CA LEU H 135 7.73 1.84 -14.98
C LEU H 135 9.04 1.60 -14.25
N GLU H 136 10.14 1.48 -15.01
CA GLU H 136 11.45 1.29 -14.40
C GLU H 136 11.84 2.52 -13.57
N LEU H 137 11.60 3.71 -14.09
CA LEU H 137 11.95 4.94 -13.39
C LEU H 137 11.19 5.00 -12.06
N LEU H 138 9.89 4.68 -12.12
CA LEU H 138 9.06 4.70 -10.92
C LEU H 138 9.55 3.67 -9.91
N LEU H 139 9.81 2.44 -10.37
CA LEU H 139 10.32 1.40 -9.47
C LEU H 139 11.70 1.73 -8.93
N ARG H 140 12.43 2.62 -9.60
CA ARG H 140 13.70 3.09 -9.06
C ARG H 140 13.48 4.18 -8.02
N VAL H 141 12.39 4.93 -8.16
CA VAL H 141 12.06 5.98 -7.21
C VAL H 141 11.82 5.40 -5.82
N THR H 142 11.32 4.17 -5.76
CA THR H 142 10.72 3.61 -4.56
C THR H 142 11.70 2.73 -3.81
N THR H 143 11.46 2.60 -2.52
CA THR H 143 12.29 1.79 -1.63
C THR H 143 11.62 0.48 -1.24
N GLU H 144 10.45 0.18 -1.77
CA GLU H 144 9.79 -1.09 -1.49
C GLU H 144 10.59 -2.22 -2.09
N GLU H 145 11.09 -3.12 -1.24
CA GLU H 145 11.89 -4.25 -1.69
C GLU H 145 11.14 -5.57 -1.56
N ARG H 146 9.81 -5.53 -1.47
CA ARG H 146 8.98 -6.73 -1.40
C ARG H 146 8.13 -6.86 -2.65
N THR H 147 7.19 -5.92 -2.87
CA THR H 147 6.35 -5.91 -4.07
C THR H 147 5.59 -4.58 -4.17
N PHE H 148 5.73 -3.91 -5.31
CA PHE H 148 5.06 -2.63 -5.52
C PHE H 148 3.63 -2.85 -6.02
N SER H 149 2.73 -1.97 -5.61
CA SER H 149 1.33 -2.02 -6.00
C SER H 149 1.03 -0.83 -6.90
N LEU H 150 0.75 -1.11 -8.18
CA LEU H 150 0.61 -0.04 -9.15
C LEU H 150 -0.83 0.45 -9.31
N ILE H 151 -1.81 -0.33 -8.84
CA ILE H 151 -3.20 -0.09 -9.19
C ILE H 151 -3.70 1.18 -8.50
N ASN H 152 -3.52 1.25 -7.18
CA ASN H 152 -3.86 2.45 -6.43
C ASN H 152 -3.07 3.65 -6.94
N ARG H 153 -1.86 3.41 -7.43
CA ARG H 153 -1.04 4.51 -7.94
C ARG H 153 -1.71 5.15 -9.14
N ILE H 154 -2.08 4.32 -10.11
CA ILE H 154 -2.80 4.76 -11.29
C ILE H 154 -4.11 5.44 -10.91
N ALA H 155 -4.83 4.89 -9.93
CA ALA H 155 -6.11 5.46 -9.51
C ALA H 155 -5.91 6.82 -8.88
N ILE H 156 -4.96 6.93 -7.94
CA ILE H 156 -4.73 8.17 -7.21
C ILE H 156 -4.28 9.25 -8.19
N ASP H 157 -3.51 8.89 -9.22
CA ASP H 157 -3.22 9.93 -10.20
C ASP H 157 -4.37 10.23 -11.15
N PHE H 158 -5.29 9.29 -11.36
CA PHE H 158 -6.50 9.64 -12.09
C PHE H 158 -7.30 10.68 -11.32
N LEU H 159 -7.49 10.43 -10.02
CA LEU H 159 -8.28 11.35 -9.21
C LEU H 159 -7.57 12.69 -9.01
N LEU H 160 -6.24 12.70 -9.04
CA LEU H 160 -5.51 13.95 -8.90
C LEU H 160 -5.36 14.70 -10.21
N THR H 161 -5.47 14.02 -11.35
CA THR H 161 -5.36 14.71 -12.64
C THR H 161 -6.54 15.67 -12.86
N ARG H 162 -7.75 15.24 -12.50
CA ARG H 162 -8.94 16.07 -12.68
C ARG H 162 -8.89 17.34 -11.84
N GLU I 1 -49.91 -13.84 25.36
CA GLU I 1 -49.53 -13.42 26.70
C GLU I 1 -48.08 -13.80 27.01
N VAL I 2 -47.26 -12.80 27.29
CA VAL I 2 -45.85 -13.01 27.64
C VAL I 2 -45.74 -13.11 29.15
N GLN I 3 -45.06 -14.15 29.63
CA GLN I 3 -45.04 -14.45 31.05
C GLN I 3 -43.69 -15.07 31.41
N LEU I 4 -43.18 -14.73 32.59
CA LEU I 4 -42.02 -15.37 33.18
C LEU I 4 -42.44 -15.98 34.52
N VAL I 5 -41.98 -17.20 34.80
CA VAL I 5 -42.46 -17.91 35.99
C VAL I 5 -41.24 -18.39 36.78
N GLU I 6 -41.18 -18.01 38.05
CA GLU I 6 -40.07 -18.35 38.92
C GLU I 6 -40.40 -19.55 39.79
N SER I 7 -39.39 -20.38 40.03
CA SER I 7 -39.53 -21.48 40.98
C SER I 7 -38.16 -21.79 41.56
N GLY I 8 -38.12 -22.74 42.49
CA GLY I 8 -36.86 -23.20 43.05
C GLY I 8 -36.31 -22.38 44.18
N GLY I 9 -37.15 -21.63 44.90
CA GLY I 9 -36.72 -20.83 46.03
C GLY I 9 -37.29 -21.39 47.32
N GLY I 10 -36.49 -21.38 48.37
CA GLY I 10 -36.90 -21.92 49.66
C GLY I 10 -36.10 -21.38 50.81
N LEU I 11 -35.93 -22.21 51.84
CA LEU I 11 -35.16 -21.86 53.02
C LEU I 11 -33.83 -22.59 52.98
N VAL I 12 -32.74 -21.85 53.14
CA VAL I 12 -31.39 -22.37 53.00
C VAL I 12 -30.55 -21.87 54.16
N LYS I 13 -29.65 -22.72 54.65
CA LYS I 13 -28.76 -22.41 55.76
C LYS I 13 -27.61 -21.50 55.29
N PRO I 14 -27.21 -20.51 56.11
CA PRO I 14 -26.21 -19.53 55.65
C PRO I 14 -24.89 -20.23 55.36
N GLY I 15 -24.49 -20.28 54.10
CA GLY I 15 -23.23 -20.92 53.74
C GLY I 15 -23.39 -22.12 52.82
N GLY I 16 -24.54 -22.21 52.16
CA GLY I 16 -24.80 -23.28 51.21
C GLY I 16 -25.51 -22.77 49.98
N SER I 17 -25.80 -23.70 49.07
CA SER I 17 -26.25 -23.38 47.72
C SER I 17 -27.75 -23.54 47.57
N LEU I 18 -28.28 -22.87 46.55
CA LEU I 18 -29.71 -22.82 46.24
C LEU I 18 -29.83 -22.40 44.77
N ARG I 19 -30.63 -23.11 43.98
CA ARG I 19 -30.70 -22.85 42.55
C ARG I 19 -32.10 -22.41 42.15
N LEU I 20 -32.18 -21.25 41.49
CA LEU I 20 -33.43 -20.68 41.04
C LEU I 20 -33.63 -20.95 39.55
N SER I 21 -34.90 -21.01 39.15
CA SER I 21 -35.25 -21.24 37.76
C SER I 21 -36.21 -20.16 37.29
N CYS I 22 -36.39 -20.11 35.98
CA CYS I 22 -37.38 -19.27 35.32
C CYS I 22 -37.74 -19.98 34.02
N ALA I 23 -38.99 -19.84 33.60
CA ALA I 23 -39.47 -20.54 32.42
C ALA I 23 -40.32 -19.59 31.58
N ALA I 24 -39.80 -19.19 30.43
CA ALA I 24 -40.44 -18.18 29.61
C ALA I 24 -41.63 -18.78 28.86
N SER I 25 -42.54 -17.90 28.44
CA SER I 25 -43.68 -18.28 27.62
C SER I 25 -44.14 -17.05 26.85
N GLY I 26 -44.43 -17.23 25.57
CA GLY I 26 -45.10 -16.23 24.76
C GLY I 26 -44.19 -15.45 23.84
N PHE I 27 -42.94 -15.24 24.23
CA PHE I 27 -41.98 -14.47 23.46
C PHE I 27 -40.82 -15.38 23.11
N THR I 28 -39.97 -14.94 22.18
CA THR I 28 -38.79 -15.73 21.82
C THR I 28 -37.72 -15.48 22.88
N PHE I 29 -37.36 -16.53 23.62
CA PHE I 29 -36.47 -16.34 24.75
C PHE I 29 -35.03 -16.25 24.31
N SER I 30 -34.71 -16.88 23.17
CA SER I 30 -33.36 -16.91 22.64
C SER I 30 -32.93 -15.58 22.04
N SER I 31 -33.83 -14.62 21.89
CA SER I 31 -33.54 -13.37 21.21
C SER I 31 -33.35 -12.20 22.16
N TYR I 32 -33.40 -12.43 23.46
CA TYR I 32 -33.51 -11.35 24.44
C TYR I 32 -32.55 -11.54 25.60
N THR I 33 -32.16 -10.43 26.19
CA THR I 33 -31.27 -10.43 27.34
C THR I 33 -32.10 -10.51 28.62
N MET I 34 -31.69 -11.41 29.52
CA MET I 34 -32.45 -11.72 30.72
C MET I 34 -31.68 -11.24 31.95
N ASN I 35 -32.43 -10.78 32.95
CA ASN I 35 -31.86 -10.19 34.14
C ASN I 35 -32.43 -10.88 35.38
N TRP I 36 -31.76 -10.66 36.51
CA TRP I 36 -32.25 -11.05 37.81
C TRP I 36 -32.22 -9.83 38.72
N VAL I 37 -33.37 -9.51 39.32
CA VAL I 37 -33.49 -8.39 40.24
C VAL I 37 -34.11 -8.90 41.53
N ARG I 38 -33.48 -8.62 42.67
CA ARG I 38 -34.06 -9.00 43.94
C ARG I 38 -34.44 -7.79 44.76
N GLN I 39 -35.39 -8.00 45.67
CA GLN I 39 -35.83 -6.99 46.63
C GLN I 39 -35.76 -7.58 48.03
N ALA I 40 -34.85 -7.06 48.86
CA ALA I 40 -34.73 -7.50 50.23
C ALA I 40 -35.86 -6.91 51.08
N PRO I 41 -36.33 -7.66 52.10
CA PRO I 41 -37.49 -7.24 52.90
C PRO I 41 -37.51 -5.78 53.30
N GLY I 42 -38.48 -5.01 52.79
CA GLY I 42 -38.61 -3.62 53.18
C GLY I 42 -37.57 -2.68 52.60
N LYS I 43 -36.76 -3.15 51.65
CA LYS I 43 -35.75 -2.33 50.98
C LYS I 43 -36.19 -2.09 49.54
N GLY I 44 -35.31 -1.46 48.76
CA GLY I 44 -35.61 -1.17 47.37
C GLY I 44 -35.20 -2.28 46.41
N LEU I 45 -35.44 -2.02 45.13
CA LEU I 45 -35.06 -2.96 44.08
C LEU I 45 -33.54 -2.99 43.93
N GLU I 46 -33.03 -4.13 43.47
CA GLU I 46 -31.58 -4.30 43.32
C GLU I 46 -31.31 -5.26 42.17
N TRP I 47 -30.77 -4.72 41.07
CA TRP I 47 -30.31 -5.55 39.97
C TRP I 47 -29.11 -6.39 40.40
N VAL I 48 -29.11 -7.68 40.01
CA VAL I 48 -28.09 -8.62 40.45
C VAL I 48 -27.31 -9.21 39.28
N SER I 49 -27.97 -9.55 38.18
CA SER I 49 -27.21 -10.17 37.11
C SER I 49 -27.95 -9.97 35.79
N SER I 50 -27.19 -10.07 34.71
CA SER I 50 -27.75 -10.12 33.37
C SER I 50 -26.93 -11.08 32.52
N ILE I 51 -27.61 -11.78 31.62
CA ILE I 51 -26.99 -12.67 30.65
C ILE I 51 -27.54 -12.30 29.28
N SER I 52 -26.66 -12.23 28.28
CA SER I 52 -27.11 -11.83 26.95
C SER I 52 -27.55 -13.04 26.15
N SER I 53 -28.26 -12.78 25.05
CA SER I 53 -28.91 -13.87 24.32
C SER I 53 -27.90 -14.95 23.92
N SER I 54 -26.81 -14.55 23.26
CA SER I 54 -25.75 -15.48 22.87
C SER I 54 -24.86 -15.90 24.03
N GLU I 55 -25.15 -15.45 25.25
CA GLU I 55 -24.38 -15.73 26.44
C GLU I 55 -22.98 -15.14 26.41
N SER I 56 -22.75 -14.07 25.65
CA SER I 56 -21.40 -13.57 25.49
C SER I 56 -21.09 -12.34 26.36
N TYR I 57 -22.11 -11.62 26.81
CA TYR I 57 -21.97 -10.56 27.80
C TYR I 57 -22.69 -11.00 29.07
N ILE I 58 -21.93 -11.17 30.15
CA ILE I 58 -22.44 -11.62 31.43
C ILE I 58 -22.00 -10.63 32.50
N TYR I 59 -22.95 -10.20 33.33
CA TYR I 59 -22.67 -9.13 34.28
C TYR I 59 -23.22 -9.46 35.65
N TYR I 60 -22.53 -9.00 36.70
CA TYR I 60 -22.97 -9.22 38.07
C TYR I 60 -22.81 -7.94 38.87
N VAL I 61 -23.61 -7.79 39.92
CA VAL I 61 -23.42 -6.66 40.83
C VAL I 61 -22.40 -7.05 41.89
N ASP I 62 -21.37 -6.21 42.08
CA ASP I 62 -20.16 -6.64 42.79
C ASP I 62 -20.44 -7.23 44.16
N SER I 63 -21.61 -6.98 44.74
CA SER I 63 -21.97 -7.57 46.01
C SER I 63 -22.02 -9.09 45.92
N VAL I 64 -22.29 -9.59 44.71
CA VAL I 64 -22.51 -11.01 44.45
C VAL I 64 -21.48 -11.59 43.51
N GLN I 65 -20.55 -10.78 43.03
CA GLN I 65 -19.54 -11.22 42.06
C GLN I 65 -18.74 -12.38 42.64
N GLY I 66 -18.53 -13.40 41.80
CA GLY I 66 -17.84 -14.61 42.22
C GLY I 66 -18.66 -15.56 43.07
N ARG I 67 -19.79 -15.11 43.59
CA ARG I 67 -20.65 -15.93 44.45
C ARG I 67 -21.79 -16.52 43.66
N PHE I 68 -22.45 -15.71 42.84
CA PHE I 68 -23.57 -16.15 42.02
C PHE I 68 -23.11 -16.41 40.60
N THR I 69 -23.84 -17.28 39.91
CA THR I 69 -23.56 -17.65 38.53
C THR I 69 -24.86 -17.68 37.75
N ILE I 70 -24.94 -16.88 36.70
CA ILE I 70 -26.11 -16.84 35.83
C ILE I 70 -25.85 -17.72 34.63
N SER I 71 -26.91 -18.36 34.13
CA SER I 71 -26.86 -18.97 32.80
C SER I 71 -28.28 -19.18 32.31
N ARG I 72 -28.38 -19.69 31.09
CA ARG I 72 -29.62 -19.83 30.36
C ARG I 72 -29.51 -21.01 29.42
N ASP I 73 -30.67 -21.58 29.07
CA ASP I 73 -30.72 -22.60 28.03
C ASP I 73 -31.82 -22.20 27.07
N ASN I 74 -31.41 -21.80 25.86
CA ASN I 74 -32.30 -21.11 24.94
C ASN I 74 -33.30 -22.05 24.30
N ALA I 75 -32.96 -23.34 24.19
CA ALA I 75 -33.90 -24.32 23.67
C ALA I 75 -35.04 -24.54 24.67
N LYS I 76 -34.73 -24.53 25.97
CA LYS I 76 -35.72 -24.83 26.98
C LYS I 76 -36.54 -23.62 27.41
N ASN I 77 -36.26 -22.48 26.78
CA ASN I 77 -36.70 -21.15 27.19
C ASN I 77 -36.62 -20.96 28.70
N SER I 78 -35.46 -21.29 29.27
CA SER I 78 -35.29 -21.31 30.71
C SER I 78 -34.12 -20.43 31.13
N LEU I 79 -34.27 -19.74 32.26
CA LEU I 79 -33.24 -18.89 32.83
C LEU I 79 -32.89 -19.39 34.22
N TYR I 80 -31.59 -19.50 34.51
CA TYR I 80 -31.12 -20.09 35.75
C TYR I 80 -30.22 -19.14 36.52
N LEU I 81 -30.21 -19.30 37.84
CA LEU I 81 -29.36 -18.49 38.73
C LEU I 81 -28.92 -19.36 39.89
N GLN I 82 -27.63 -19.70 39.91
CA GLN I 82 -27.04 -20.51 40.97
C GLN I 82 -26.50 -19.59 42.05
N LEU I 83 -26.99 -19.75 43.28
CA LEU I 83 -26.62 -18.89 44.40
C LEU I 83 -25.74 -19.68 45.36
N ASN I 84 -24.50 -19.26 45.50
CA ASN I 84 -23.47 -19.99 46.22
C ASN I 84 -22.97 -19.17 47.40
N SER I 85 -22.62 -19.86 48.49
CA SER I 85 -22.15 -19.23 49.72
C SER I 85 -23.13 -18.14 50.19
N LEU I 86 -24.37 -18.57 50.41
CA LEU I 86 -25.45 -17.63 50.66
C LEU I 86 -25.26 -16.89 51.98
N ARG I 87 -25.72 -15.63 51.99
CA ARG I 87 -25.49 -14.72 53.10
C ARG I 87 -26.79 -14.30 53.76
N ALA I 88 -26.66 -13.69 54.93
CA ALA I 88 -27.80 -13.12 55.63
C ALA I 88 -28.40 -11.95 54.84
N GLU I 89 -27.58 -11.26 54.05
CA GLU I 89 -28.04 -10.17 53.21
C GLU I 89 -28.61 -10.65 51.88
N ASP I 90 -28.56 -11.94 51.59
CA ASP I 90 -29.11 -12.48 50.35
C ASP I 90 -30.59 -12.79 50.45
N THR I 91 -31.20 -12.63 51.63
CA THR I 91 -32.63 -12.80 51.78
C THR I 91 -33.37 -11.73 51.00
N ALA I 92 -34.10 -12.14 49.95
CA ALA I 92 -34.75 -11.21 49.05
C ALA I 92 -35.66 -11.98 48.11
N VAL I 93 -36.70 -11.31 47.62
CA VAL I 93 -37.54 -11.85 46.55
C VAL I 93 -36.85 -11.60 45.22
N TYR I 94 -36.65 -12.65 44.44
CA TYR I 94 -35.93 -12.59 43.17
C TYR I 94 -36.92 -12.70 42.02
N TYR I 95 -36.85 -11.75 41.09
CA TYR I 95 -37.59 -11.80 39.83
C TYR I 95 -36.62 -12.18 38.73
N CYS I 96 -37.18 -12.79 37.68
CA CYS I 96 -36.51 -12.90 36.39
C CYS I 96 -37.14 -11.88 35.46
N VAL I 97 -36.32 -11.01 34.88
CA VAL I 97 -36.81 -9.86 34.12
C VAL I 97 -36.22 -9.91 32.71
N ARG I 98 -37.08 -9.69 31.71
CA ARG I 98 -36.60 -9.60 30.33
C ARG I 98 -36.25 -8.15 29.99
N ARG I 99 -35.08 -7.96 29.39
CA ARG I 99 -34.66 -6.67 28.87
C ARG I 99 -34.96 -6.64 27.38
N ASP I 100 -35.68 -5.62 26.93
CA ASP I 100 -36.07 -5.49 25.54
C ASP I 100 -35.02 -4.67 24.82
N ASN I 101 -34.20 -5.33 24.01
CA ASN I 101 -33.05 -4.74 23.37
C ASN I 101 -33.41 -3.86 22.17
N TRP I 102 -34.70 -3.78 21.80
CA TRP I 102 -35.13 -2.92 20.72
C TRP I 102 -36.08 -1.82 21.17
N ASN I 103 -36.26 -1.64 22.48
CA ASN I 103 -37.00 -0.51 23.04
C ASN I 103 -36.15 0.15 24.13
N TYR I 104 -34.89 0.44 23.78
CA TYR I 104 -33.94 1.12 24.68
C TYR I 104 -33.61 0.27 25.92
N ASP I 105 -33.40 -1.04 25.73
CA ASP I 105 -32.93 -1.94 26.79
C ASP I 105 -33.75 -1.81 28.08
N THR I 106 -35.07 -1.72 27.94
CA THR I 106 -35.92 -1.53 29.11
C THR I 106 -36.36 -2.87 29.68
N LEU I 107 -36.42 -2.95 31.01
CA LEU I 107 -36.94 -4.11 31.74
C LEU I 107 -38.46 -3.99 31.80
N ASP I 108 -39.16 -4.77 30.98
CA ASP I 108 -40.61 -4.68 30.89
C ASP I 108 -41.40 -5.89 31.36
N ILE I 109 -40.87 -7.09 31.18
CA ILE I 109 -41.56 -8.31 31.60
C ILE I 109 -40.92 -8.82 32.87
N TRP I 110 -41.63 -8.66 33.99
CA TRP I 110 -41.25 -9.21 35.27
C TRP I 110 -42.09 -10.45 35.57
N GLY I 111 -41.55 -11.30 36.43
CA GLY I 111 -42.28 -12.43 36.96
C GLY I 111 -42.92 -12.10 38.30
N GLN I 112 -43.64 -13.09 38.84
CA GLN I 112 -44.27 -12.89 40.14
C GLN I 112 -43.24 -12.91 41.27
N GLY I 113 -42.11 -13.56 41.04
CA GLY I 113 -41.03 -13.60 42.01
C GLY I 113 -41.09 -14.83 42.91
N THR I 114 -39.92 -15.19 43.41
CA THR I 114 -39.79 -16.27 44.38
C THR I 114 -38.97 -15.79 45.56
N MET I 115 -39.33 -16.27 46.74
CA MET I 115 -38.70 -15.89 48.00
C MET I 115 -37.55 -16.83 48.33
N VAL I 116 -36.40 -16.25 48.64
CA VAL I 116 -35.19 -16.96 49.03
C VAL I 116 -34.83 -16.45 50.42
N THR I 117 -34.84 -17.35 51.40
CA THR I 117 -34.57 -17.01 52.78
C THR I 117 -33.31 -17.73 53.23
N VAL I 118 -32.38 -16.97 53.81
CA VAL I 118 -31.12 -17.53 54.29
C VAL I 118 -31.11 -17.31 55.80
N SER I 119 -31.47 -18.34 56.55
CA SER I 119 -31.59 -18.25 58.00
C SER I 119 -30.70 -19.28 58.68
N ASP J 1 -19.37 2.58 38.82
CA ASP J 1 -20.78 2.26 38.69
C ASP J 1 -21.63 3.53 38.63
N ILE J 2 -22.55 3.59 37.67
CA ILE J 2 -23.46 4.72 37.55
C ILE J 2 -24.40 4.78 38.75
N VAL J 3 -24.44 5.94 39.42
CA VAL J 3 -25.33 6.10 40.59
C VAL J 3 -26.59 6.84 40.17
N MET J 4 -27.67 6.59 40.91
CA MET J 4 -29.01 7.10 40.64
C MET J 4 -29.61 7.70 41.89
N THR J 5 -29.96 8.98 41.84
CA THR J 5 -30.45 9.67 43.03
C THR J 5 -31.87 10.17 42.80
N GLN J 6 -32.82 9.50 43.41
CA GLN J 6 -34.22 9.85 43.25
C GLN J 6 -34.65 10.80 44.38
N SER J 7 -35.56 11.72 44.07
CA SER J 7 -35.97 12.71 45.05
C SER J 7 -37.45 13.05 44.95
N PRO J 8 -38.13 13.22 46.10
CA PRO J 8 -37.63 13.02 47.45
C PRO J 8 -37.69 11.53 47.78
N SER J 9 -37.38 11.13 49.01
CA SER J 9 -37.57 9.74 49.41
C SER J 9 -39.01 9.41 49.75
N SER J 10 -39.81 10.40 50.15
CA SER J 10 -41.23 10.20 50.35
C SER J 10 -41.95 11.50 50.02
N LEU J 11 -43.22 11.37 49.63
CA LEU J 11 -44.01 12.50 49.17
C LEU J 11 -45.46 12.30 49.56
N SER J 12 -46.10 13.37 50.00
CA SER J 12 -47.51 13.35 50.39
C SER J 12 -48.34 14.07 49.34
N ALA J 13 -49.44 13.45 48.92
CA ALA J 13 -50.26 14.03 47.86
C ALA J 13 -51.71 13.58 48.02
N SER J 14 -52.61 14.35 47.41
CA SER J 14 -54.03 14.07 47.39
C SER J 14 -54.48 13.73 45.97
N VAL J 15 -55.74 13.30 45.86
CA VAL J 15 -56.27 12.88 44.56
C VAL J 15 -56.58 14.11 43.71
N GLY J 16 -56.07 14.13 42.49
CA GLY J 16 -56.15 15.29 41.62
C GLY J 16 -54.95 16.20 41.68
N ASP J 17 -53.99 15.92 42.56
CA ASP J 17 -52.80 16.73 42.72
C ASP J 17 -51.78 16.43 41.64
N ARG J 18 -50.85 17.36 41.46
CA ARG J 18 -49.72 17.23 40.55
C ARG J 18 -48.51 16.80 41.36
N VAL J 19 -47.87 15.71 40.95
CA VAL J 19 -46.76 15.13 41.69
C VAL J 19 -45.52 15.14 40.80
N ILE J 20 -44.42 15.63 41.36
CA ILE J 20 -43.16 15.75 40.62
C ILE J 20 -42.10 14.90 41.30
N ILE J 21 -41.53 13.95 40.58
CA ILE J 21 -40.51 13.05 41.12
C ILE J 21 -39.26 13.17 40.25
N THR J 22 -38.10 13.38 40.88
CA THR J 22 -36.91 13.67 40.10
C THR J 22 -35.87 12.58 40.34
N CYS J 23 -34.89 12.53 39.43
CA CYS J 23 -34.00 11.41 39.22
C CYS J 23 -32.72 11.95 38.60
N ARG J 24 -31.57 11.72 39.24
CA ARG J 24 -30.32 12.32 38.83
C ARG J 24 -29.23 11.26 38.73
N ALA J 25 -28.48 11.30 37.63
CA ALA J 25 -27.45 10.32 37.30
C ALA J 25 -26.05 10.87 37.58
N SER J 26 -25.13 9.96 37.91
CA SER J 26 -23.76 10.36 38.18
C SER J 26 -23.02 10.71 36.89
N GLN J 27 -23.25 9.93 35.84
CA GLN J 27 -22.68 10.11 34.51
C GLN J 27 -23.83 10.33 33.53
N SER J 28 -23.53 10.53 32.25
CA SER J 28 -24.60 10.78 31.30
C SER J 28 -24.99 9.48 30.62
N ILE J 29 -26.27 9.14 30.74
CA ILE J 29 -26.82 7.86 30.32
C ILE J 29 -27.74 8.01 29.12
N SER J 30 -27.76 9.20 28.50
CA SER J 30 -28.56 9.53 27.34
C SER J 30 -30.03 9.50 27.70
N THR J 31 -30.83 8.73 26.97
CA THR J 31 -32.24 8.62 27.29
C THR J 31 -32.60 7.25 27.86
N TYR J 32 -31.62 6.53 28.42
CA TYR J 32 -31.84 5.16 28.86
C TYR J 32 -32.22 5.16 30.34
N LEU J 33 -33.41 5.67 30.59
CA LEU J 33 -33.99 5.67 31.92
C LEU J 33 -35.42 5.17 31.85
N ASN J 34 -35.80 4.39 32.85
CA ASN J 34 -37.15 3.88 32.96
C ASN J 34 -37.69 4.20 34.34
N TRP J 35 -39.01 4.22 34.44
CA TRP J 35 -39.70 4.46 35.70
C TRP J 35 -40.61 3.27 35.99
N TYR J 36 -40.74 2.92 37.29
CA TYR J 36 -41.53 1.78 37.69
C TYR J 36 -42.56 2.22 38.73
N GLN J 37 -43.54 1.36 38.97
CA GLN J 37 -44.57 1.62 39.97
C GLN J 37 -44.88 0.32 40.68
N GLN J 38 -44.54 0.23 41.96
CA GLN J 38 -44.64 -1.01 42.71
C GLN J 38 -45.58 -0.87 43.90
N LYS J 39 -46.50 -1.85 44.06
CA LYS J 39 -47.44 -1.96 45.17
C LYS J 39 -47.05 -3.13 46.08
N PRO J 40 -47.34 -3.03 47.39
CA PRO J 40 -46.86 -4.05 48.34
C PRO J 40 -47.26 -5.47 47.98
N GLY J 41 -46.26 -6.31 47.71
CA GLY J 41 -46.52 -7.68 47.33
C GLY J 41 -46.81 -7.88 45.86
N LYS J 42 -46.37 -6.97 45.00
CA LYS J 42 -46.61 -7.08 43.57
C LYS J 42 -45.33 -6.75 42.82
N ALA J 43 -45.15 -7.39 41.68
CA ALA J 43 -44.00 -7.11 40.83
C ALA J 43 -44.08 -5.68 40.30
N PRO J 44 -42.94 -5.01 40.14
CA PRO J 44 -42.97 -3.63 39.66
C PRO J 44 -43.40 -3.55 38.21
N LYS J 45 -44.11 -2.49 37.87
CA LYS J 45 -44.71 -2.31 36.57
C LYS J 45 -44.08 -1.12 35.85
N LEU J 46 -43.83 -1.28 34.55
CA LEU J 46 -43.07 -0.33 33.76
C LEU J 46 -43.98 0.79 33.25
N LEU J 47 -43.70 2.03 33.67
CA LEU J 47 -44.48 3.18 33.25
C LEU J 47 -43.79 3.99 32.15
N ILE J 48 -42.65 4.62 32.47
CA ILE J 48 -41.90 5.37 31.48
C ILE J 48 -40.70 4.56 31.00
N TYR J 49 -40.39 4.67 29.71
CA TYR J 49 -39.12 4.20 29.14
C TYR J 49 -38.66 5.15 28.06
N ALA J 50 -37.37 5.03 27.73
CA ALA J 50 -36.67 5.98 26.85
C ALA J 50 -36.76 7.40 27.38
N ALA J 51 -36.87 7.49 28.71
CA ALA J 51 -37.06 8.71 29.50
C ALA J 51 -38.38 9.45 29.27
N SER J 52 -39.12 9.13 28.21
CA SER J 52 -40.35 9.88 27.96
C SER J 52 -41.48 9.06 27.34
N SER J 53 -41.15 7.91 26.75
CA SER J 53 -42.16 7.12 26.06
C SER J 53 -43.10 6.45 27.06
N LEU J 54 -44.32 6.17 26.61
CA LEU J 54 -45.36 5.58 27.45
C LEU J 54 -45.54 4.11 27.10
N GLN J 55 -45.47 3.25 28.11
CA GLN J 55 -45.75 1.83 27.92
C GLN J 55 -47.23 1.62 27.65
N SER J 56 -47.53 0.90 26.57
CA SER J 56 -48.86 0.35 26.34
C SER J 56 -49.57 -0.07 27.62
N GLY J 57 -50.81 0.40 27.78
CA GLY J 57 -51.61 0.09 28.95
C GLY J 57 -51.39 0.97 30.16
N VAL J 58 -50.58 2.01 30.06
CA VAL J 58 -50.34 2.94 31.16
C VAL J 58 -51.15 4.20 30.89
N PRO J 59 -51.88 4.73 31.87
CA PRO J 59 -52.61 5.98 31.64
C PRO J 59 -51.66 7.15 31.41
N SER J 60 -52.19 8.20 30.80
CA SER J 60 -51.41 9.36 30.40
C SER J 60 -51.29 10.41 31.51
N ARG J 61 -51.48 10.02 32.77
CA ARG J 61 -51.14 10.93 33.84
C ARG J 61 -49.63 10.94 34.07
N PHE J 62 -49.01 9.77 33.98
CA PHE J 62 -47.56 9.66 34.06
C PHE J 62 -46.89 10.21 32.81
N SER J 63 -45.80 10.96 33.01
CA SER J 63 -45.09 11.57 31.90
C SER J 63 -43.65 11.82 32.31
N GLY J 64 -42.71 11.59 31.40
CA GLY J 64 -41.30 11.72 31.68
C GLY J 64 -40.63 12.73 30.77
N SER J 65 -39.65 13.43 31.32
CA SER J 65 -38.86 14.40 30.58
C SER J 65 -37.40 14.27 30.98
N GLU J 66 -36.50 14.66 30.07
CA GLU J 66 -35.07 14.57 30.33
C GLU J 66 -34.38 15.90 30.03
N SER J 67 -33.43 16.27 30.89
CA SER J 67 -32.62 17.48 30.72
C SER J 67 -31.21 17.14 31.18
N GLY J 68 -30.40 16.63 30.27
CA GLY J 68 -29.06 16.19 30.63
C GLY J 68 -29.13 14.95 31.50
N THR J 69 -28.36 14.95 32.59
CA THR J 69 -28.44 13.86 33.56
C THR J 69 -29.68 13.94 34.44
N ASP J 70 -30.52 14.96 34.28
CA ASP J 70 -31.65 15.13 35.18
C ASP J 70 -32.93 14.62 34.52
N PHE J 71 -33.68 13.80 35.23
CA PHE J 71 -34.91 13.23 34.69
C PHE J 71 -36.06 13.46 35.65
N THR J 72 -37.27 13.50 35.09
CA THR J 72 -38.45 13.87 35.88
C THR J 72 -39.61 12.93 35.56
N LEU J 73 -40.25 12.43 36.61
CA LEU J 73 -41.52 11.72 36.53
C LEU J 73 -42.63 12.70 36.88
N THR J 74 -43.78 12.63 36.21
CA THR J 74 -44.77 13.66 36.51
C THR J 74 -46.16 13.07 36.37
N ILE J 75 -46.92 13.10 37.45
CA ILE J 75 -48.29 12.59 37.49
C ILE J 75 -49.19 13.78 37.77
N SER J 76 -49.73 14.38 36.69
CA SER J 76 -50.48 15.62 36.84
C SER J 76 -51.79 15.40 37.58
N GLY J 77 -52.47 14.29 37.33
CA GLY J 77 -53.72 14.02 38.00
C GLY J 77 -53.78 12.66 38.69
N LEU J 78 -53.79 12.65 40.01
CA LEU J 78 -53.64 11.42 40.78
C LEU J 78 -54.98 10.73 40.98
N GLN J 79 -55.02 9.45 40.67
CA GLN J 79 -56.17 8.62 41.00
C GLN J 79 -55.97 7.96 42.35
N PRO J 80 -57.03 7.42 42.96
CA PRO J 80 -56.86 6.67 44.22
C PRO J 80 -56.08 5.37 44.06
N GLU J 81 -55.56 5.08 42.88
CA GLU J 81 -54.75 3.89 42.64
C GLU J 81 -53.31 4.25 42.30
N ASP J 82 -52.95 5.53 42.33
CA ASP J 82 -51.60 5.99 42.02
C ASP J 82 -50.74 6.20 43.27
N PHE J 83 -51.17 5.67 44.40
CA PHE J 83 -50.35 5.71 45.62
C PHE J 83 -49.54 4.42 45.67
N ALA J 84 -48.25 4.53 45.33
CA ALA J 84 -47.36 3.38 45.30
C ALA J 84 -45.92 3.90 45.34
N THR J 85 -44.96 2.99 45.36
CA THR J 85 -43.55 3.32 45.47
C THR J 85 -42.90 3.22 44.08
N TYR J 86 -42.34 4.33 43.62
CA TYR J 86 -41.79 4.47 42.29
C TYR J 86 -40.26 4.46 42.35
N TYR J 87 -39.63 3.99 41.26
CA TYR J 87 -38.18 3.99 41.14
C TYR J 87 -37.80 4.35 39.70
N CYS J 88 -36.60 4.93 39.54
CA CYS J 88 -35.98 5.10 38.23
C CYS J 88 -34.80 4.15 38.12
N LEU J 89 -34.61 3.60 36.92
CA LEU J 89 -33.58 2.61 36.63
C LEU J 89 -32.84 3.02 35.37
N GLN J 90 -31.50 3.05 35.43
CA GLN J 90 -30.73 3.34 34.24
C GLN J 90 -30.47 2.05 33.47
N SER J 91 -30.84 2.06 32.20
CA SER J 91 -30.70 0.88 31.34
C SER J 91 -29.57 1.05 30.33
N TYR J 92 -28.45 1.65 30.73
CA TYR J 92 -27.43 2.10 29.79
C TYR J 92 -26.20 1.20 29.79
N ASP J 93 -25.50 1.10 30.92
CA ASP J 93 -24.38 0.20 31.11
C ASP J 93 -24.58 -0.63 32.36
N ALA J 94 -23.82 -1.73 32.45
CA ALA J 94 -23.95 -2.63 33.58
C ALA J 94 -22.79 -2.48 34.55
N PRO J 95 -23.05 -2.51 35.86
CA PRO J 95 -24.27 -2.95 36.53
C PRO J 95 -25.44 -1.96 36.37
N LEU J 96 -26.62 -2.51 36.13
CA LEU J 96 -27.81 -1.68 36.03
C LEU J 96 -28.23 -1.24 37.43
N THR J 97 -28.63 0.02 37.58
CA THR J 97 -28.85 0.52 38.93
C THR J 97 -30.21 1.20 39.07
N PHE J 98 -30.84 0.96 40.22
CA PHE J 98 -32.12 1.55 40.61
C PHE J 98 -31.91 2.63 41.68
N GLY J 99 -32.83 3.59 41.71
CA GLY J 99 -32.81 4.60 42.75
C GLY J 99 -33.26 4.05 44.10
N GLY J 100 -33.25 4.95 45.09
CA GLY J 100 -33.73 4.57 46.41
C GLY J 100 -35.23 4.32 46.42
N GLY J 101 -35.97 5.08 45.63
CA GLY J 101 -37.40 4.97 45.48
C GLY J 101 -38.08 6.29 45.75
N THR J 102 -39.40 6.23 45.91
CA THR J 102 -40.18 7.37 46.38
C THR J 102 -41.53 6.84 46.85
N LYS J 103 -41.79 6.97 48.14
CA LYS J 103 -43.05 6.54 48.74
C LYS J 103 -44.05 7.68 48.63
N VAL J 104 -45.12 7.47 47.87
CA VAL J 104 -46.18 8.47 47.70
C VAL J 104 -47.34 8.05 48.60
N ASP J 105 -47.62 8.86 49.61
CA ASP J 105 -48.67 8.58 50.58
C ASP J 105 -49.87 9.48 50.32
N ILE J 106 -50.86 9.37 51.21
CA ILE J 106 -52.11 10.11 51.10
C ILE J 106 -52.06 11.31 52.04
N LYS J 107 -52.53 12.46 51.56
CA LYS J 107 -52.33 13.71 52.28
C LYS J 107 -53.64 14.33 52.72
N GLY K 39 -23.54 9.58 1.45
CA GLY K 39 -22.30 9.00 1.95
C GLY K 39 -21.18 10.00 2.02
N THR K 40 -20.79 10.38 3.23
CA THR K 40 -19.82 11.44 3.46
C THR K 40 -18.54 10.86 4.05
N LEU K 41 -17.41 11.19 3.43
CA LEU K 41 -16.10 10.75 3.90
C LEU K 41 -15.16 11.95 3.88
N GLN K 42 -14.48 12.19 4.99
CA GLN K 42 -13.55 13.31 5.10
C GLN K 42 -12.10 12.86 5.16
N LYS K 43 -11.73 11.98 6.09
CA LYS K 43 -10.40 11.40 6.04
C LYS K 43 -10.52 9.88 5.93
N THR K 44 -9.37 9.20 5.96
CA THR K 44 -9.40 7.73 5.99
C THR K 44 -9.65 7.19 7.40
N GLU K 45 -9.51 8.05 8.40
CA GLU K 45 -9.75 7.75 9.81
C GLU K 45 -11.23 7.56 10.12
N ASP K 46 -12.11 8.09 9.28
CA ASP K 46 -13.56 7.95 9.43
C ASP K 46 -14.05 6.55 9.09
N VAL K 47 -13.18 5.72 8.54
CA VAL K 47 -13.54 4.44 7.92
C VAL K 47 -13.13 3.36 8.91
N HIS K 48 -14.09 2.52 9.29
CA HIS K 48 -13.95 1.59 10.39
C HIS K 48 -14.22 0.18 9.88
N LEU K 49 -13.30 -0.73 10.16
CA LEU K 49 -13.48 -2.14 9.85
C LEU K 49 -13.65 -2.85 11.18
N MET K 50 -14.89 -3.23 11.50
CA MET K 50 -15.23 -3.81 12.79
C MET K 50 -15.23 -5.33 12.68
N GLY K 51 -14.56 -5.99 13.62
CA GLY K 51 -14.53 -7.43 13.63
C GLY K 51 -15.59 -8.03 14.53
N PHE K 52 -16.64 -8.57 13.92
CA PHE K 52 -17.71 -9.23 14.65
C PHE K 52 -17.45 -10.72 14.72
N THR K 53 -17.91 -11.33 15.82
CA THR K 53 -17.65 -12.72 16.13
C THR K 53 -18.80 -13.62 15.69
N LEU K 54 -18.52 -14.90 15.57
CA LEU K 54 -19.58 -15.85 15.24
C LEU K 54 -20.44 -16.15 16.45
N SER K 55 -19.86 -16.06 17.65
CA SER K 55 -20.64 -16.25 18.86
C SER K 55 -21.80 -15.26 18.94
N GLY K 56 -21.54 -14.00 18.61
CA GLY K 56 -22.56 -12.97 18.66
C GLY K 56 -23.67 -13.14 17.64
N GLN K 57 -23.51 -14.03 16.68
CA GLN K 57 -24.57 -14.34 15.72
C GLN K 57 -25.15 -15.73 15.97
N LYS K 58 -25.12 -16.18 17.23
CA LYS K 58 -25.86 -17.35 17.71
C LYS K 58 -25.31 -18.65 17.08
N VAL K 59 -23.99 -18.81 17.15
CA VAL K 59 -23.30 -19.98 16.62
C VAL K 59 -22.55 -20.64 17.78
N ALA K 60 -22.57 -21.97 17.81
CA ALA K 60 -22.00 -22.69 18.94
C ALA K 60 -20.49 -22.77 18.80
N ASP K 61 -19.75 -22.21 19.76
CA ASP K 61 -18.31 -22.04 19.67
C ASP K 61 -17.55 -22.93 20.66
N SER K 62 -18.13 -24.04 21.07
CA SER K 62 -17.38 -25.02 21.84
C SER K 62 -16.26 -25.57 20.96
N PRO K 63 -15.19 -26.11 21.55
CA PRO K 63 -14.09 -26.60 20.71
C PRO K 63 -14.47 -27.78 19.86
N LEU K 64 -15.49 -28.55 20.27
CA LEU K 64 -15.96 -29.67 19.48
C LEU K 64 -16.89 -29.23 18.36
N GLU K 65 -17.56 -28.09 18.51
CA GLU K 65 -18.42 -27.57 17.46
C GLU K 65 -17.68 -26.60 16.55
N ALA K 66 -16.64 -25.94 17.06
CA ALA K 66 -15.85 -25.06 16.23
C ALA K 66 -14.94 -25.85 15.30
N SER K 67 -14.39 -26.97 15.78
CA SER K 67 -13.46 -27.77 14.97
C SER K 67 -14.10 -28.18 13.65
N LYS K 68 -15.33 -28.69 13.70
CA LYS K 68 -16.03 -29.17 12.51
C LYS K 68 -16.27 -28.09 11.47
N ARG K 69 -16.01 -26.82 11.81
CA ARG K 69 -16.07 -25.73 10.85
C ARG K 69 -14.72 -25.46 10.21
N TRP K 70 -13.73 -26.28 10.51
CA TRP K 70 -12.36 -26.10 10.05
C TRP K 70 -11.91 -27.34 9.30
N ALA K 71 -11.12 -27.15 8.24
CA ALA K 71 -10.64 -28.26 7.44
C ALA K 71 -9.34 -27.88 6.76
N PHE K 72 -8.46 -28.86 6.60
CA PHE K 72 -7.19 -28.68 5.90
C PHE K 72 -7.38 -28.88 4.41
N ARG K 73 -6.54 -28.22 3.61
CA ARG K 73 -6.56 -28.50 2.18
C ARG K 73 -5.29 -27.93 1.58
N THR K 74 -4.97 -28.36 0.37
CA THR K 74 -3.74 -27.94 -0.30
C THR K 74 -4.07 -27.16 -1.56
N GLY K 75 -3.25 -26.15 -1.84
CA GLY K 75 -3.34 -25.40 -3.07
C GLY K 75 -3.85 -23.98 -2.93
N VAL K 76 -4.37 -23.61 -1.76
CA VAL K 76 -4.88 -22.25 -1.51
C VAL K 76 -3.94 -21.60 -0.51
N PRO K 77 -3.43 -20.40 -0.78
CA PRO K 77 -2.46 -19.79 0.14
C PRO K 77 -3.13 -18.92 1.18
N PRO K 78 -2.52 -18.80 2.36
CA PRO K 78 -2.93 -17.83 3.37
C PRO K 78 -3.21 -16.43 2.81
N LYS K 79 -4.09 -15.67 3.46
CA LYS K 79 -4.37 -14.29 3.05
C LYS K 79 -4.80 -13.50 4.27
N ASN K 80 -4.18 -12.33 4.46
CA ASN K 80 -4.38 -11.51 5.64
C ASN K 80 -4.93 -10.14 5.27
N VAL K 81 -5.61 -9.52 6.22
CA VAL K 81 -6.24 -8.22 6.04
C VAL K 81 -6.31 -7.53 7.41
N GLU K 82 -6.18 -6.21 7.41
CA GLU K 82 -6.23 -5.46 8.67
C GLU K 82 -7.60 -4.82 8.89
N TYR K 83 -8.00 -4.75 10.16
CA TYR K 83 -9.21 -4.07 10.57
C TYR K 83 -8.93 -3.24 11.80
N THR K 84 -9.83 -2.31 12.12
CA THR K 84 -9.50 -1.26 13.06
C THR K 84 -9.96 -1.52 14.50
N GLU K 85 -11.15 -2.10 14.72
CA GLU K 85 -11.51 -2.52 16.07
C GLU K 85 -12.21 -3.87 16.01
N GLY K 86 -12.57 -4.38 17.17
CA GLY K 86 -13.14 -5.72 17.28
C GLY K 86 -14.06 -5.86 18.46
N GLU K 87 -15.04 -6.75 18.31
CA GLU K 87 -15.95 -7.11 19.38
C GLU K 87 -15.24 -7.99 20.40
N GLU K 88 -15.52 -7.76 21.68
CA GLU K 88 -15.01 -8.63 22.73
C GLU K 88 -15.66 -10.01 22.59
N ALA K 89 -14.85 -11.01 22.28
CA ALA K 89 -15.37 -12.33 21.98
C ALA K 89 -15.56 -13.14 23.27
N LYS K 90 -16.31 -14.22 23.15
CA LYS K 90 -16.63 -15.08 24.28
C LYS K 90 -15.76 -16.31 24.33
N THR K 91 -15.43 -16.88 23.17
CA THR K 91 -14.62 -18.07 23.08
C THR K 91 -13.49 -17.83 22.08
N CYS K 92 -12.26 -18.00 22.52
CA CYS K 92 -11.08 -17.88 21.68
C CYS K 92 -10.29 -19.19 21.76
N TYR K 93 -9.38 -19.36 20.82
CA TYR K 93 -8.67 -20.63 20.67
C TYR K 93 -7.18 -20.40 20.53
N ASN K 94 -6.41 -21.20 21.26
CA ASN K 94 -4.95 -21.18 21.24
C ASN K 94 -4.52 -22.60 20.92
N ILE K 95 -4.28 -22.88 19.65
CA ILE K 95 -4.19 -24.24 19.15
C ILE K 95 -2.74 -24.57 18.80
N SER K 96 -2.25 -25.68 19.35
CA SER K 96 -0.86 -26.09 19.17
C SER K 96 -0.77 -27.61 18.95
N VAL K 97 -1.44 -28.09 17.91
CA VAL K 97 -1.48 -29.51 17.58
C VAL K 97 -0.38 -29.86 16.58
N THR K 98 0.27 -30.99 16.80
CA THR K 98 1.41 -31.42 16.01
C THR K 98 1.17 -32.84 15.52
N ASP K 99 1.89 -33.19 14.44
CA ASP K 99 1.76 -34.48 13.78
C ASP K 99 2.74 -35.48 14.39
N PRO K 100 2.54 -36.78 14.17
CA PRO K 100 3.46 -37.76 14.80
C PRO K 100 4.92 -37.58 14.39
N SER K 101 5.17 -36.99 13.22
CA SER K 101 6.52 -36.51 12.92
C SER K 101 6.98 -35.50 13.95
N GLY K 102 6.26 -34.38 14.06
CA GLY K 102 6.62 -33.36 15.02
C GLY K 102 6.43 -31.95 14.52
N LYS K 103 6.39 -31.75 13.21
CA LYS K 103 6.15 -30.42 12.68
C LYS K 103 4.70 -30.01 12.94
N SER K 104 4.51 -28.75 13.32
CA SER K 104 3.19 -28.27 13.70
C SER K 104 2.31 -28.10 12.47
N LEU K 105 1.08 -28.62 12.57
CA LEU K 105 0.16 -28.61 11.43
C LEU K 105 -0.04 -27.21 10.88
N LEU K 106 -0.31 -26.26 11.76
CA LEU K 106 -0.63 -24.90 11.36
C LEU K 106 0.62 -24.13 10.96
N LEU K 107 0.43 -22.94 10.39
CA LEU K 107 1.53 -22.16 9.85
C LEU K 107 2.11 -21.24 10.92
N ASP K 108 3.44 -21.20 10.98
CA ASP K 108 4.12 -20.30 11.90
C ASP K 108 3.73 -18.86 11.60
N PRO K 109 3.22 -18.11 12.57
CA PRO K 109 2.65 -16.80 12.26
C PRO K 109 3.75 -15.81 11.92
N PRO K 110 3.44 -14.81 11.10
CA PRO K 110 4.36 -13.68 10.93
C PRO K 110 4.46 -12.87 12.21
N THR K 111 5.42 -11.94 12.22
CA THR K 111 5.72 -11.18 13.43
C THR K 111 4.55 -10.30 13.87
N ASN K 112 3.79 -9.77 12.93
CA ASN K 112 2.69 -8.86 13.24
C ASN K 112 1.43 -9.56 13.75
N ILE K 113 1.50 -10.86 14.05
CA ILE K 113 0.34 -11.62 14.51
C ILE K 113 0.37 -11.68 16.02
N ARG K 114 -0.65 -11.11 16.66
CA ARG K 114 -0.77 -11.12 18.11
C ARG K 114 -2.12 -11.68 18.50
N ASP K 115 -2.24 -12.07 19.78
CA ASP K 115 -3.44 -12.74 20.27
C ASP K 115 -4.64 -11.79 20.20
N TYR K 116 -5.82 -12.35 20.32
CA TYR K 116 -7.02 -11.54 20.29
C TYR K 116 -7.08 -10.70 21.57
N PRO K 117 -7.27 -9.39 21.48
CA PRO K 117 -7.16 -8.54 22.66
C PRO K 117 -8.08 -8.94 23.81
N LYS K 118 -9.38 -9.04 23.57
CA LYS K 118 -10.38 -9.21 24.65
C LYS K 118 -11.12 -10.52 24.43
N CYS K 119 -10.72 -11.54 25.19
CA CYS K 119 -11.39 -12.83 25.22
C CYS K 119 -11.90 -13.16 26.61
N LYS K 120 -13.08 -13.74 26.68
CA LYS K 120 -13.57 -14.14 28.00
C LYS K 120 -13.10 -15.54 28.38
N THR K 121 -13.04 -16.45 27.41
CA THR K 121 -12.55 -17.81 27.64
C THR K 121 -11.61 -18.19 26.51
N ILE K 122 -10.49 -18.80 26.85
CA ILE K 122 -9.49 -19.27 25.89
C ILE K 122 -9.36 -20.78 26.04
N HIS K 123 -9.47 -21.49 24.93
CA HIS K 123 -9.42 -22.95 24.92
C HIS K 123 -8.09 -23.41 24.33
N HIS K 124 -7.21 -23.95 25.17
CA HIS K 124 -5.91 -24.43 24.72
C HIS K 124 -6.17 -25.83 24.16
N ILE K 125 -6.14 -25.94 22.85
CA ILE K 125 -6.16 -27.20 22.12
C ILE K 125 -4.72 -27.60 21.78
N GLN K 126 -4.32 -28.79 22.23
CA GLN K 126 -2.93 -29.19 22.17
C GLN K 126 -2.84 -30.70 22.02
N GLY K 127 -2.02 -31.17 21.07
CA GLY K 127 -1.75 -32.59 21.17
C GLY K 127 -1.06 -33.22 19.98
N GLN K 128 -1.53 -34.40 19.57
CA GLN K 128 -0.87 -35.16 18.52
C GLN K 128 -1.97 -35.72 17.62
N ASN K 129 -1.92 -35.38 16.34
CA ASN K 129 -3.00 -35.71 15.42
C ASN K 129 -2.38 -36.38 14.21
N PRO K 130 -3.10 -37.27 13.52
CA PRO K 130 -2.51 -37.91 12.34
C PRO K 130 -2.05 -36.88 11.32
N HIS K 131 -1.18 -37.34 10.41
CA HIS K 131 -0.64 -36.45 9.39
C HIS K 131 -1.76 -35.91 8.51
N ALA K 132 -1.63 -34.64 8.13
CA ALA K 132 -2.62 -33.97 7.30
C ALA K 132 -1.93 -32.86 6.52
N GLN K 133 -2.14 -32.85 5.21
CA GLN K 133 -1.43 -31.94 4.32
C GLN K 133 -2.21 -30.66 4.08
N GLY K 134 -1.50 -29.54 4.02
CA GLY K 134 -2.11 -28.27 3.72
C GLY K 134 -2.30 -27.40 4.96
N ILE K 135 -3.23 -26.46 4.82
CA ILE K 135 -3.50 -25.47 5.86
C ILE K 135 -4.99 -25.46 6.18
N ALA K 136 -5.29 -25.12 7.42
CA ALA K 136 -6.66 -25.18 7.92
C ALA K 136 -7.39 -23.89 7.60
N LEU K 137 -8.50 -24.00 6.88
CA LEU K 137 -9.31 -22.87 6.45
C LEU K 137 -10.69 -22.99 7.10
N HIS K 138 -11.56 -22.03 6.81
CA HIS K 138 -12.91 -22.01 7.38
C HIS K 138 -13.89 -22.58 6.36
N LEU K 139 -14.77 -23.46 6.82
CA LEU K 139 -15.81 -24.02 5.95
C LEU K 139 -16.93 -23.04 5.67
N TRP K 140 -16.95 -21.89 6.33
CA TRP K 140 -18.03 -20.93 6.16
C TRP K 140 -17.64 -19.72 5.31
N GLY K 141 -16.34 -19.50 5.11
CA GLY K 141 -15.84 -18.27 4.54
C GLY K 141 -15.52 -17.20 5.57
N ALA K 142 -15.64 -17.50 6.85
CA ALA K 142 -15.32 -16.52 7.87
C ALA K 142 -13.82 -16.51 8.15
N PHE K 143 -13.36 -15.45 8.82
CA PHE K 143 -11.95 -15.25 9.07
C PHE K 143 -11.60 -15.65 10.50
N PHE K 144 -10.34 -16.02 10.69
CA PHE K 144 -9.77 -16.20 12.02
C PHE K 144 -9.23 -14.86 12.48
N LEU K 145 -9.89 -14.26 13.46
CA LEU K 145 -9.59 -12.90 13.86
C LEU K 145 -8.48 -12.88 14.89
N TYR K 146 -7.44 -12.13 14.61
CA TYR K 146 -6.27 -11.94 15.45
C TYR K 146 -6.28 -10.51 15.98
N ASP K 147 -5.15 -10.06 16.50
CA ASP K 147 -5.09 -8.67 16.96
C ASP K 147 -5.03 -7.74 15.75
N ARG K 148 -6.19 -7.22 15.36
CA ARG K 148 -6.35 -6.33 14.22
C ARG K 148 -5.88 -6.94 12.89
N ILE K 149 -5.78 -8.27 12.82
CA ILE K 149 -5.49 -8.97 11.58
C ILE K 149 -6.51 -10.10 11.44
N ALA K 150 -7.15 -10.18 10.28
CA ALA K 150 -8.03 -11.30 9.95
C ALA K 150 -7.30 -12.18 8.93
N SER K 151 -7.13 -13.46 9.27
CA SER K 151 -6.50 -14.42 8.39
C SER K 151 -7.51 -15.46 7.90
N THR K 152 -7.28 -15.94 6.68
CA THR K 152 -8.03 -17.08 6.16
C THR K 152 -7.49 -18.42 6.67
N THR K 153 -6.46 -18.42 7.51
CA THR K 153 -5.91 -19.64 8.06
C THR K 153 -5.41 -19.35 9.48
N MET K 154 -5.43 -20.37 10.33
CA MET K 154 -5.03 -20.16 11.71
C MET K 154 -3.55 -20.45 11.87
N TYR K 155 -2.87 -19.64 12.69
CA TYR K 155 -1.45 -19.79 12.89
C TYR K 155 -1.17 -20.42 14.25
N ARG K 156 -0.12 -21.24 14.31
CA ARG K 156 0.23 -21.92 15.56
C ARG K 156 0.66 -20.91 16.62
N GLY K 157 0.22 -21.15 17.84
CA GLY K 157 0.70 -20.40 18.98
C GLY K 157 -0.02 -19.09 19.26
N LYS K 158 -1.16 -18.85 18.63
CA LYS K 158 -1.80 -17.55 18.68
C LYS K 158 -3.29 -17.67 18.98
N VAL K 159 -3.78 -16.78 19.83
CA VAL K 159 -5.18 -16.78 20.24
C VAL K 159 -6.00 -16.06 19.18
N PHE K 160 -6.92 -16.79 18.54
CA PHE K 160 -7.82 -16.20 17.56
C PHE K 160 -9.27 -16.46 17.95
N THR K 161 -10.18 -15.73 17.33
CA THR K 161 -11.60 -16.01 17.39
C THR K 161 -12.12 -16.07 15.96
N GLU K 162 -13.27 -16.71 15.79
CA GLU K 162 -13.93 -16.77 14.50
C GLU K 162 -14.85 -15.57 14.36
N GLY K 163 -14.88 -15.00 13.15
CA GLY K 163 -15.74 -13.88 12.91
C GLY K 163 -15.64 -13.36 11.50
N ASN K 164 -16.00 -12.09 11.34
CA ASN K 164 -16.21 -11.49 10.03
C ASN K 164 -15.84 -10.02 10.13
N ILE K 165 -15.76 -9.33 8.99
CA ILE K 165 -15.40 -7.92 9.02
C ILE K 165 -16.50 -7.12 8.34
N ALA K 166 -16.92 -6.04 8.98
CA ALA K 166 -17.86 -5.08 8.43
C ALA K 166 -17.14 -3.77 8.13
N ALA K 167 -17.72 -2.98 7.24
CA ALA K 167 -17.21 -1.65 6.93
C ALA K 167 -18.32 -0.64 7.16
N MET K 168 -18.03 0.37 7.97
CA MET K 168 -18.93 1.50 8.18
C MET K 168 -18.15 2.79 8.15
N ILE K 169 -18.78 3.84 7.65
CA ILE K 169 -18.17 5.15 7.51
C ILE K 169 -18.95 6.15 8.34
N VAL K 170 -18.24 6.91 9.18
CA VAL K 170 -18.84 7.78 10.17
C VAL K 170 -17.90 8.95 10.43
N ASN K 171 -18.45 10.15 10.63
CA ASN K 171 -17.62 11.30 10.95
C ASN K 171 -17.64 11.56 12.45
N LYS K 172 -16.91 12.59 12.91
CA LYS K 172 -16.71 12.67 14.35
C LYS K 172 -18.01 13.02 15.07
N THR K 173 -18.82 13.89 14.47
CA THR K 173 -20.07 14.32 15.10
C THR K 173 -20.98 13.13 15.38
N VAL K 174 -21.02 12.17 14.46
CA VAL K 174 -21.89 11.01 14.58
C VAL K 174 -21.18 9.85 15.28
N HIS K 175 -19.86 9.77 15.14
CA HIS K 175 -19.09 8.77 15.86
C HIS K 175 -19.12 9.01 17.37
N LYS K 176 -19.31 10.26 17.81
CA LYS K 176 -19.40 10.55 19.23
C LYS K 176 -20.70 10.05 19.85
N MET K 177 -21.76 9.88 19.05
CA MET K 177 -23.03 9.38 19.56
C MET K 177 -23.26 7.91 19.26
N ILE K 178 -22.65 7.38 18.21
CA ILE K 178 -22.80 5.97 17.89
C ILE K 178 -21.82 5.11 18.69
N PHE K 179 -20.69 5.66 19.11
CA PHE K 179 -19.69 4.97 19.92
C PHE K 179 -19.56 5.66 21.26
N SER K 180 -20.04 4.99 22.32
CA SER K 180 -19.90 5.53 23.66
C SER K 180 -18.52 5.17 24.22
N ARG K 181 -17.80 6.18 24.69
CA ARG K 181 -16.47 5.96 25.26
C ARG K 181 -16.56 5.64 26.75
N LEU K 191 -9.38 -7.27 32.22
CA LEU K 191 -10.21 -8.46 32.21
C LEU K 191 -9.38 -9.72 32.45
N THR K 192 -9.98 -10.70 33.10
CA THR K 192 -9.31 -11.96 33.40
C THR K 192 -9.94 -13.07 32.56
N SER K 193 -9.10 -13.79 31.81
CA SER K 193 -9.57 -14.86 30.94
C SER K 193 -9.66 -16.17 31.71
N THR K 194 -10.64 -16.99 31.32
CA THR K 194 -10.72 -18.36 31.80
C THR K 194 -10.04 -19.27 30.81
N ASN K 195 -9.09 -20.08 31.28
CA ASN K 195 -8.31 -20.96 30.43
C ASN K 195 -8.81 -22.38 30.57
N LYS K 196 -9.18 -22.98 29.44
CA LYS K 196 -9.62 -24.37 29.40
C LYS K 196 -8.66 -25.14 28.51
N TYR K 197 -8.39 -26.41 28.84
CA TYR K 197 -7.34 -27.16 28.17
C TYR K 197 -7.87 -28.48 27.65
N TRP K 198 -7.47 -28.79 26.42
CA TRP K 198 -7.94 -29.94 25.66
C TRP K 198 -6.76 -30.64 25.00
N THR K 199 -6.92 -31.92 24.71
CA THR K 199 -5.90 -32.64 23.95
C THR K 199 -6.55 -33.54 22.92
N SER K 200 -5.82 -33.76 21.83
CA SER K 200 -6.25 -34.63 20.74
C SER K 200 -5.32 -35.84 20.65
N SER K 201 -5.87 -36.96 20.18
CA SER K 201 -5.19 -38.24 20.18
C SER K 201 -4.97 -38.74 18.76
N ASN K 202 -3.79 -39.30 18.50
CA ASN K 202 -3.42 -39.62 17.13
C ASN K 202 -4.11 -40.91 16.69
N GLY K 203 -4.60 -40.91 15.46
CA GLY K 203 -5.42 -42.00 14.96
C GLY K 203 -6.54 -41.50 14.05
N THR K 204 -7.39 -42.40 13.59
CA THR K 204 -8.38 -42.04 12.58
C THR K 204 -9.53 -41.28 13.22
N GLN K 205 -9.89 -40.14 12.62
CA GLN K 205 -11.02 -39.37 13.10
C GLN K 205 -12.33 -40.07 12.72
N THR K 206 -13.35 -39.83 13.52
CA THR K 206 -14.67 -40.36 13.20
C THR K 206 -15.37 -39.47 12.18
N ASN K 207 -16.44 -39.98 11.59
CA ASN K 207 -17.16 -39.22 10.58
C ASN K 207 -17.84 -37.99 11.14
N ASP K 208 -18.14 -37.98 12.43
CA ASP K 208 -18.75 -36.82 13.09
C ASP K 208 -17.74 -36.18 14.02
N THR K 209 -16.72 -35.53 13.44
CA THR K 209 -15.65 -35.01 14.26
C THR K 209 -15.02 -33.81 13.56
N GLY K 210 -14.39 -32.95 14.38
CA GLY K 210 -13.64 -31.84 13.84
C GLY K 210 -12.34 -32.29 13.23
N CYS K 211 -11.70 -31.37 12.52
CA CYS K 211 -10.46 -31.70 11.81
C CYS K 211 -9.37 -32.13 12.78
N PHE K 212 -9.34 -31.56 13.96
CA PHE K 212 -8.36 -31.88 14.98
C PHE K 212 -8.70 -33.16 15.74
N GLY K 213 -9.79 -33.83 15.39
CA GLY K 213 -10.19 -35.05 16.04
C GLY K 213 -11.03 -34.78 17.27
N ALA K 214 -11.33 -35.85 17.99
CA ALA K 214 -12.05 -35.72 19.25
C ALA K 214 -11.15 -35.07 20.30
N LEU K 215 -11.72 -34.12 21.05
CA LEU K 215 -10.98 -33.34 22.02
C LEU K 215 -11.39 -33.76 23.43
N GLN K 216 -10.41 -33.75 24.35
CA GLN K 216 -10.62 -34.23 25.71
C GLN K 216 -10.11 -33.17 26.68
N GLU K 217 -11.01 -32.67 27.52
CA GLU K 217 -10.62 -31.65 28.50
C GLU K 217 -9.83 -32.29 29.63
N TYR K 218 -8.82 -31.58 30.11
CA TYR K 218 -7.93 -32.12 31.14
C TYR K 218 -7.58 -31.02 32.14
N ASN K 219 -6.88 -31.41 33.19
CA ASN K 219 -6.37 -30.47 34.19
C ASN K 219 -4.86 -30.30 34.08
N ALA L 68 -41.49 -1.64 14.54
CA ALA L 68 -40.38 -1.12 13.77
C ALA L 68 -39.19 -2.09 13.81
N TYR L 69 -38.70 -2.40 15.01
CA TYR L 69 -37.74 -3.47 15.20
C TYR L 69 -38.08 -4.18 16.49
N SER L 70 -38.11 -5.51 16.44
CA SER L 70 -38.50 -6.32 17.59
C SER L 70 -37.80 -7.66 17.50
N GLY L 71 -37.35 -8.15 18.64
CA GLY L 71 -36.63 -9.41 18.68
C GLY L 71 -37.46 -10.62 18.39
N GLU L 72 -38.76 -10.47 18.14
CA GLU L 72 -39.51 -11.52 17.46
C GLU L 72 -39.11 -11.63 15.99
N ASN L 73 -38.29 -10.71 15.50
CA ASN L 73 -37.76 -10.68 14.14
C ASN L 73 -36.33 -11.21 14.07
N GLU L 74 -35.43 -10.76 14.95
CA GLU L 74 -34.07 -11.24 14.81
C GLU L 74 -33.89 -12.61 15.45
N ASN L 75 -33.07 -13.45 14.82
CA ASN L 75 -32.78 -14.77 15.33
C ASN L 75 -31.31 -15.16 15.29
N ASP L 76 -30.45 -14.37 14.65
CA ASP L 76 -29.03 -14.66 14.51
C ASP L 76 -28.20 -13.45 14.89
N CYS L 77 -28.60 -12.73 15.94
CA CYS L 77 -27.91 -11.52 16.33
C CYS L 77 -28.12 -11.28 17.82
N ASP L 78 -27.02 -11.17 18.55
CA ASP L 78 -27.07 -10.66 19.92
C ASP L 78 -27.07 -9.14 19.87
N ALA L 79 -28.09 -8.53 20.46
CA ALA L 79 -28.34 -7.11 20.35
C ALA L 79 -27.44 -6.26 21.23
N GLU L 80 -26.44 -6.87 21.87
CA GLU L 80 -25.53 -6.20 22.77
C GLU L 80 -24.14 -6.21 22.18
N LEU L 81 -23.40 -5.11 22.33
CA LEU L 81 -22.14 -5.00 21.61
C LEU L 81 -21.19 -4.08 22.35
N ARG L 82 -20.09 -4.65 22.83
CA ARG L 82 -18.98 -3.88 23.37
C ARG L 82 -17.75 -4.23 22.56
N ILE L 83 -16.91 -3.23 22.27
CA ILE L 83 -15.77 -3.42 21.39
C ILE L 83 -14.53 -2.80 22.03
N TRP L 84 -13.37 -3.24 21.54
CA TRP L 84 -12.09 -2.63 21.88
C TRP L 84 -11.67 -1.73 20.73
N SER L 85 -11.43 -0.45 21.01
CA SER L 85 -10.93 0.44 19.97
C SER L 85 -9.80 1.34 20.45
N GLY L 94 0.22 15.17 27.45
CA GLY L 94 1.52 15.74 27.20
C GLY L 94 2.44 14.88 26.35
N LEU L 95 3.39 14.23 27.01
CA LEU L 95 4.40 13.42 26.33
C LEU L 95 3.88 12.07 25.84
N SER L 96 2.56 11.87 25.83
CA SER L 96 2.00 10.54 25.63
C SER L 96 2.15 10.05 24.21
N TRP L 97 2.25 10.96 23.24
CA TRP L 97 2.34 10.53 21.85
C TRP L 97 3.70 9.97 21.48
N ILE L 98 4.70 10.11 22.35
CA ILE L 98 6.03 9.55 22.07
C ILE L 98 5.99 8.04 22.31
N PRO L 99 6.45 7.22 21.34
CA PRO L 99 6.52 5.77 21.52
C PRO L 99 6.99 5.29 22.89
N PHE L 100 8.14 5.80 23.35
CA PHE L 100 8.70 5.35 24.62
C PHE L 100 7.81 5.70 25.81
N PHE L 101 6.96 6.71 25.68
CA PHE L 101 6.10 7.15 26.77
C PHE L 101 4.66 6.71 26.62
N GLY L 102 4.26 6.22 25.45
CA GLY L 102 2.88 5.84 25.22
C GLY L 102 2.55 4.48 25.79
N PRO L 103 1.34 4.01 25.52
CA PRO L 103 0.96 2.65 25.96
C PRO L 103 1.77 1.60 25.21
N GLY L 104 1.93 0.47 25.86
CA GLY L 104 2.43 -0.74 25.25
C GLY L 104 1.39 -1.46 24.42
N ILE L 105 1.84 -2.54 23.79
CA ILE L 105 1.02 -3.22 22.79
C ILE L 105 -0.19 -3.91 23.39
N GLU L 106 -0.27 -3.97 24.73
CA GLU L 106 -1.41 -4.56 25.44
C GLU L 106 -2.06 -3.51 26.34
N GLY L 107 -1.95 -2.24 25.98
CA GLY L 107 -2.55 -1.16 26.74
C GLY L 107 -3.11 -0.06 25.85
N LEU L 108 -3.37 -0.41 24.61
CA LEU L 108 -3.74 0.50 23.54
C LEU L 108 -5.23 0.62 23.34
N TYR L 109 -6.02 -0.26 23.93
CA TYR L 109 -7.40 -0.41 23.51
C TYR L 109 -8.29 0.11 24.64
N THR L 110 -9.30 0.88 24.25
CA THR L 110 -10.38 1.41 25.09
C THR L 110 -11.67 0.65 24.82
N ALA L 111 -12.41 0.40 25.89
CA ALA L 111 -13.70 -0.27 25.76
C ALA L 111 -14.77 0.73 25.36
N VAL L 112 -15.56 0.36 24.35
CA VAL L 112 -16.59 1.23 23.80
C VAL L 112 -17.90 0.45 23.75
N LEU L 113 -18.99 1.14 24.07
CA LEU L 113 -20.31 0.53 24.10
C LEU L 113 -21.15 1.06 22.95
N ILE L 114 -21.81 0.15 22.24
CA ILE L 114 -22.62 0.44 21.07
C ILE L 114 -24.02 -0.09 21.34
N LYS L 115 -25.02 0.80 21.30
CA LYS L 115 -26.39 0.44 21.60
C LYS L 115 -27.13 0.07 20.32
N ASN L 116 -28.02 -0.90 20.42
CA ASN L 116 -28.91 -1.23 19.31
C ASN L 116 -30.06 -0.23 19.22
N GLN L 117 -29.71 1.05 19.05
CA GLN L 117 -30.72 2.10 19.12
C GLN L 117 -31.69 2.02 17.95
N ASN L 118 -31.19 2.01 16.73
CA ASN L 118 -32.03 1.87 15.55
C ASN L 118 -31.79 0.53 14.87
N ASN L 119 -31.68 -0.53 15.69
CA ASN L 119 -31.30 -1.87 15.26
C ASN L 119 -29.90 -1.91 14.66
N LEU L 120 -29.04 -0.98 15.10
CA LEU L 120 -27.69 -0.84 14.55
C LEU L 120 -26.84 -2.08 14.78
N VAL L 121 -26.95 -2.67 15.97
CA VAL L 121 -26.10 -3.82 16.25
C VAL L 121 -26.47 -4.98 15.33
N CYS L 122 -27.76 -5.21 15.10
CA CYS L 122 -28.07 -6.37 14.27
C CYS L 122 -27.84 -6.09 12.79
N ARG L 123 -27.97 -4.84 12.35
CA ARG L 123 -27.52 -4.45 11.01
C ARG L 123 -26.03 -4.62 10.85
N LEU L 124 -25.26 -4.42 11.91
CA LEU L 124 -23.82 -4.47 11.78
C LEU L 124 -23.32 -5.90 11.80
N ARG L 125 -23.92 -6.75 12.64
CA ARG L 125 -23.70 -8.18 12.52
C ARG L 125 -24.06 -8.67 11.13
N ARG L 126 -25.19 -8.19 10.59
CA ARG L 126 -25.61 -8.64 9.28
C ARG L 126 -24.63 -8.19 8.20
N LEU L 127 -24.23 -6.91 8.23
CA LEU L 127 -23.22 -6.42 7.32
C LEU L 127 -21.94 -7.27 7.36
N ALA L 128 -21.42 -7.51 8.58
CA ALA L 128 -20.21 -8.32 8.72
C ALA L 128 -20.38 -9.69 8.08
N ASN L 129 -21.56 -10.28 8.22
CA ASN L 129 -21.77 -11.65 7.74
C ASN L 129 -21.84 -11.68 6.22
N GLN L 130 -22.27 -10.57 5.61
CA GLN L 130 -22.55 -10.40 4.20
C GLN L 130 -21.30 -10.00 3.43
N THR L 131 -20.43 -9.22 4.06
CA THR L 131 -19.23 -8.70 3.43
C THR L 131 -18.21 -9.80 3.11
N ALA L 132 -18.28 -10.93 3.82
CA ALA L 132 -17.26 -11.96 3.69
C ALA L 132 -17.28 -12.66 2.35
N LYS L 133 -18.18 -12.33 1.42
CA LYS L 133 -18.02 -12.87 0.07
C LYS L 133 -17.19 -11.92 -0.78
N SER L 134 -17.57 -10.63 -0.79
CA SER L 134 -16.74 -9.60 -1.42
C SER L 134 -15.30 -9.67 -0.94
N LEU L 135 -15.13 -9.83 0.37
CA LEU L 135 -13.83 -9.75 1.03
C LEU L 135 -12.96 -10.92 0.64
N GLU L 136 -13.51 -12.14 0.68
CA GLU L 136 -12.75 -13.32 0.26
C GLU L 136 -12.40 -13.24 -1.22
N LEU L 137 -13.35 -12.83 -2.06
CA LEU L 137 -13.11 -12.74 -3.49
C LEU L 137 -11.98 -11.76 -3.76
N LEU L 138 -12.03 -10.60 -3.09
CA LEU L 138 -11.01 -9.58 -3.25
C LEU L 138 -9.65 -10.10 -2.80
N LEU L 139 -9.60 -10.72 -1.62
CA LEU L 139 -8.34 -11.29 -1.13
C LEU L 139 -7.83 -12.42 -2.00
N ARG L 140 -8.71 -13.03 -2.79
CA ARG L 140 -8.27 -14.03 -3.75
C ARG L 140 -7.73 -13.37 -5.01
N VAL L 141 -8.23 -12.18 -5.33
CA VAL L 141 -7.77 -11.44 -6.49
C VAL L 141 -6.29 -11.08 -6.36
N THR L 142 -5.83 -10.89 -5.12
CA THR L 142 -4.57 -10.21 -4.84
C THR L 142 -3.47 -11.22 -4.57
N THR L 143 -2.23 -10.78 -4.82
CA THR L 143 -1.05 -11.60 -4.61
C THR L 143 -0.26 -11.20 -3.38
N GLU L 144 -0.75 -10.25 -2.60
CA GLU L 144 -0.08 -9.87 -1.36
C GLU L 144 -0.15 -11.02 -0.37
N GLU L 145 1.01 -11.54 0.03
CA GLU L 145 1.08 -12.66 0.96
C GLU L 145 1.62 -12.23 2.32
N ARG L 146 1.57 -10.93 2.62
CA ARG L 146 2.00 -10.42 3.91
C ARG L 146 0.81 -9.87 4.70
N THR L 147 0.17 -8.80 4.20
CA THR L 147 -1.01 -8.21 4.82
C THR L 147 -1.67 -7.20 3.88
N PHE L 148 -2.95 -7.39 3.60
CA PHE L 148 -3.68 -6.48 2.72
C PHE L 148 -4.19 -5.27 3.49
N SER L 149 -4.22 -4.13 2.82
CA SER L 149 -4.68 -2.87 3.40
C SER L 149 -5.99 -2.47 2.72
N LEU L 150 -7.10 -2.52 3.47
CA LEU L 150 -8.41 -2.31 2.88
C LEU L 150 -8.85 -0.85 2.90
N ILE L 151 -8.22 -0.01 3.72
CA ILE L 151 -8.76 1.31 4.03
C ILE L 151 -8.64 2.21 2.80
N ASN L 152 -7.43 2.30 2.25
CA ASN L 152 -7.21 3.05 1.02
C ASN L 152 -8.05 2.48 -0.12
N ARG L 153 -8.31 1.18 -0.10
CA ARG L 153 -9.10 0.57 -1.14
C ARG L 153 -10.51 1.13 -1.14
N ILE L 154 -11.14 1.10 0.04
CA ILE L 154 -12.46 1.67 0.24
C ILE L 154 -12.48 3.15 -0.12
N ALA L 155 -11.42 3.90 0.26
CA ALA L 155 -11.37 5.32 -0.03
C ALA L 155 -11.26 5.58 -1.52
N ILE L 156 -10.36 4.87 -2.19
CA ILE L 156 -10.11 5.08 -3.62
C ILE L 156 -11.37 4.73 -4.40
N ASP L 157 -12.12 3.72 -3.96
CA ASP L 157 -13.38 3.50 -4.66
C ASP L 157 -14.47 4.49 -4.29
N PHE L 158 -14.41 5.11 -3.10
CA PHE L 158 -15.33 6.20 -2.82
C PHE L 158 -15.07 7.36 -3.77
N LEU L 159 -13.80 7.73 -3.93
CA LEU L 159 -13.44 8.85 -4.80
C LEU L 159 -13.69 8.53 -6.26
N LEU L 160 -13.60 7.25 -6.65
CA LEU L 160 -13.86 6.88 -8.04
C LEU L 160 -15.35 6.67 -8.32
N THR L 161 -16.16 6.40 -7.30
CA THR L 161 -17.59 6.23 -7.53
C THR L 161 -18.25 7.53 -7.99
N ARG L 162 -17.87 8.65 -7.37
CA ARG L 162 -18.46 9.94 -7.71
C ARG L 162 -18.13 10.35 -9.15
C1 NAG M . 29.17 0.15 11.13
C2 NAG M . 30.04 0.13 9.87
C3 NAG M . 30.22 -1.31 9.42
C4 NAG M . 30.79 -2.19 10.54
C5 NAG M . 29.92 -2.01 11.78
C6 NAG M . 30.44 -2.72 13.00
C7 NAG M . 30.09 2.02 8.32
C8 NAG M . 29.38 2.71 7.18
N2 NAG M . 29.51 0.91 8.79
O3 NAG M . 31.04 -1.27 8.27
O4 NAG M . 30.69 -3.54 10.14
O5 NAG M . 29.77 -0.65 12.11
O6 NAG M . 31.68 -2.17 13.37
O7 NAG M . 31.13 2.47 8.77
C1 NAG M . 31.82 -4.04 9.39
C2 NAG M . 31.83 -5.55 9.61
C3 NAG M . 32.91 -6.22 8.76
C4 NAG M . 32.74 -5.84 7.29
C5 NAG M . 32.68 -4.30 7.18
C6 NAG M . 32.41 -3.80 5.78
C7 NAG M . 30.97 -6.30 11.76
C8 NAG M . 31.31 -6.56 13.22
N2 NAG M . 31.98 -5.85 11.01
O3 NAG M . 32.78 -7.60 8.97
O4 NAG M . 33.87 -6.32 6.58
O5 NAG M . 31.67 -3.76 8.01
O6 NAG M . 31.14 -4.24 5.36
O7 NAG M . 29.85 -6.50 11.32
C1 BMA M . 33.63 -7.56 5.88
C2 BMA M . 34.79 -7.72 4.90
C3 BMA M . 34.79 -9.12 4.26
C4 BMA M . 34.73 -10.23 5.32
C5 BMA M . 33.59 -9.98 6.31
C6 BMA M . 33.60 -10.93 7.49
O2 BMA M . 35.98 -7.46 5.60
O3 BMA M . 35.94 -9.19 3.45
O4 BMA M . 34.53 -11.45 4.61
O5 BMA M . 33.55 -8.65 6.78
O6 BMA M . 32.46 -10.66 8.27
C1 NAG N . 10.94 20.32 18.61
C2 NAG N . 11.29 18.99 19.29
C3 NAG N . 11.34 19.20 20.82
C4 NAG N . 12.31 20.31 21.20
C5 NAG N . 11.97 21.55 20.38
C6 NAG N . 12.96 22.69 20.55
C7 NAG N . 10.72 16.90 18.18
C8 NAG N . 9.63 15.89 17.93
N2 NAG N . 10.38 17.94 18.95
O3 NAG N . 11.63 17.96 21.41
O4 NAG N . 12.13 20.66 22.56
O5 NAG N . 11.91 21.26 19.00
O6 NAG N . 14.23 22.28 20.08
O7 NAG N . 11.84 16.76 17.71
C1 NAG N . 12.89 19.87 23.50
C2 NAG N . 13.16 20.78 24.70
C3 NAG N . 13.80 20.00 25.84
C4 NAG N . 12.96 18.77 26.18
C5 NAG N . 12.70 17.96 24.91
C6 NAG N . 11.77 16.79 25.13
C7 NAG N . 13.52 23.14 24.15
C8 NAG N . 14.56 24.18 23.77
N2 NAG N . 14.00 21.89 24.33
O3 NAG N . 13.92 20.87 26.93
O4 NAG N . 13.65 18.02 27.15
O5 NAG N . 12.14 18.76 23.90
O6 NAG N . 10.49 17.27 25.48
O7 NAG N . 12.34 23.43 24.29
C1 BMA N . 13.02 18.13 28.44
C2 BMA N . 13.55 17.00 29.31
C3 BMA N . 12.97 17.13 30.74
C4 BMA N . 13.23 18.51 31.34
C5 BMA N . 12.84 19.62 30.37
C6 BMA N . 13.29 21.02 30.78
O2 BMA N . 14.95 17.04 29.30
O3 BMA N . 13.48 16.05 31.49
O4 BMA N . 12.48 18.60 32.54
O5 BMA N . 13.29 19.37 29.05
O6 BMA N . 14.50 20.96 31.51
C1 MAN N . 12.35 15.33 32.02
C2 MAN N . 12.84 14.25 32.98
C3 MAN N . 13.69 13.24 32.21
C4 MAN N . 12.88 12.63 31.07
C5 MAN N . 12.35 13.76 30.18
C6 MAN N . 11.43 13.28 29.08
O2 MAN N . 11.70 13.62 33.52
O3 MAN N . 14.14 12.26 33.11
O4 MAN N . 13.73 11.76 30.35
O5 MAN N . 11.64 14.71 30.97
O6 MAN N . 12.23 12.72 28.06
C1 MAN N . 11.09 14.38 34.59
C2 MAN N . 10.32 13.37 35.47
C3 MAN N . 9.16 12.78 34.68
C4 MAN N . 8.26 13.87 34.12
C5 MAN N . 9.11 14.86 33.31
C6 MAN N . 8.33 16.07 32.84
O2 MAN N . 9.87 14.06 36.61
O3 MAN N . 8.44 11.92 35.54
O4 MAN N . 7.29 13.25 33.31
O5 MAN N . 10.18 15.34 34.12
O6 MAN N . 7.27 15.65 32.02
C1 MAN N . 15.65 20.75 30.66
C2 MAN N . 16.88 20.76 31.59
C3 MAN N . 17.10 22.16 32.13
C4 MAN N . 17.19 23.18 31.00
C5 MAN N . 15.94 23.08 30.12
C6 MAN N . 16.02 23.95 28.88
O2 MAN N . 17.98 20.29 30.83
O3 MAN N . 18.28 22.12 32.91
O4 MAN N . 17.30 24.45 31.60
O5 MAN N . 15.76 21.75 29.67
O6 MAN N . 17.14 23.57 28.12
C1 NAG O . 12.91 -25.67 -12.20
C2 NAG O . 11.84 -26.74 -12.02
C3 NAG O . 11.96 -27.35 -10.62
C4 NAG O . 13.37 -27.88 -10.37
C5 NAG O . 14.38 -26.78 -10.68
C6 NAG O . 15.82 -27.22 -10.60
C7 NAG O . 9.71 -26.64 -13.24
C8 NAG O . 8.34 -26.01 -13.27
N2 NAG O . 10.50 -26.25 -12.22
O3 NAG O . 10.96 -28.33 -10.52
O4 NAG O . 13.49 -28.19 -9.00
O5 NAG O . 14.16 -26.25 -11.98
O6 NAG O . 16.07 -28.19 -11.58
O7 NAG O . 10.06 -27.44 -14.09
C1 NAG O . 13.08 -29.52 -8.63
C2 NAG O . 13.84 -29.85 -7.35
C3 NAG O . 13.40 -31.19 -6.77
C4 NAG O . 11.89 -31.22 -6.59
C5 NAG O . 11.22 -30.82 -7.92
C6 NAG O . 9.72 -30.70 -7.83
C7 NAG O . 16.04 -28.80 -7.13
C8 NAG O . 17.51 -28.91 -7.46
N2 NAG O . 15.26 -29.80 -7.58
O3 NAG O . 14.09 -31.36 -5.56
O4 NAG O . 11.52 -32.54 -6.25
O5 NAG O . 11.69 -29.57 -8.38
O6 NAG O . 9.37 -29.67 -6.93
O7 NAG O . 15.60 -27.86 -6.48
C1 BMA O . 11.29 -32.74 -4.83
C2 BMA O . 10.55 -34.07 -4.70
C3 BMA O . 10.48 -34.52 -3.23
C4 BMA O . 11.86 -34.52 -2.55
C5 BMA O . 12.58 -33.20 -2.78
C6 BMA O . 14.02 -33.20 -2.32
O2 BMA O . 11.22 -35.00 -5.51
O3 BMA O . 9.85 -35.78 -3.23
O4 BMA O . 11.63 -34.75 -1.18
O5 BMA O . 12.52 -32.76 -4.13
O6 BMA O . 14.55 -31.91 -2.50
C1 NAG P . 10.77 -2.11 -27.54
C2 NAG P . 11.92 -2.63 -26.68
C3 NAG P . 13.26 -2.33 -27.37
C4 NAG P . 13.29 -2.93 -28.78
C5 NAG P . 12.04 -2.47 -29.53
C6 NAG P . 11.87 -3.11 -30.89
C7 NAG P . 11.60 -2.79 -24.26
C8 NAG P . 11.64 -2.04 -22.96
N2 NAG P . 11.90 -2.08 -25.35
O3 NAG P . 14.28 -2.80 -26.54
O4 NAG P . 14.40 -2.42 -29.48
O5 NAG P . 10.87 -2.73 -28.80
O6 NAG P . 11.71 -4.51 -30.73
O7 NAG P . 11.32 -3.98 -24.31
C1 NAG P . 15.63 -3.16 -29.30
C2 NAG P . 16.43 -2.98 -30.60
C3 NAG P . 17.84 -3.56 -30.45
C4 NAG P . 18.52 -2.97 -29.22
C5 NAG P . 17.62 -3.17 -28.00
C6 NAG P . 18.17 -2.51 -26.74
C7 NAG P . 15.10 -2.86 -32.65
C8 NAG P . 14.45 -3.67 -33.75
N2 NAG P . 15.76 -3.57 -31.72
O3 NAG P . 18.53 -3.26 -31.62
O4 NAG P . 19.76 -3.63 -29.07
O5 NAG P . 16.34 -2.62 -28.22
O6 NAG P . 18.20 -1.11 -26.92
O7 NAG P . 15.00 -1.64 -32.61
C1 BMA P . 20.86 -2.76 -29.40
C2 BMA P . 22.13 -3.37 -28.82
C3 BMA P . 23.34 -2.52 -29.24
C4 BMA P . 23.43 -2.32 -30.76
C5 BMA P . 22.07 -1.88 -31.32
C6 BMA P . 21.98 -1.90 -32.85
O2 BMA P . 22.22 -4.70 -29.26
O3 BMA P . 24.48 -3.12 -28.67
O4 BMA P . 24.43 -1.36 -31.02
O5 BMA P . 20.98 -2.62 -30.80
O6 BMA P . 22.80 -2.93 -33.39
C1 MAN P . 25.14 -2.12 -27.86
C2 MAN P . 26.47 -2.66 -27.35
C3 MAN P . 26.20 -3.85 -26.44
C4 MAN P . 25.30 -3.43 -25.28
C5 MAN P . 24.01 -2.84 -25.85
C6 MAN P . 23.09 -2.27 -24.80
O2 MAN P . 27.09 -1.61 -26.63
O3 MAN P . 27.44 -4.34 -25.98
O4 MAN P . 25.03 -4.58 -24.50
O5 MAN P . 24.32 -1.78 -26.76
O6 MAN P . 22.42 -3.35 -24.17
C1 MAN P . 27.75 -0.65 -27.49
C2 MAN P . 28.86 0.01 -26.65
C3 MAN P . 28.24 0.82 -25.52
C4 MAN P . 27.24 1.83 -26.07
C5 MAN P . 26.21 1.10 -26.94
C6 MAN P . 25.26 2.05 -27.64
O2 MAN P . 29.62 0.81 -27.52
O3 MAN P . 29.29 1.47 -24.83
O4 MAN P . 26.64 2.47 -24.96
O5 MAN P . 26.88 0.35 -27.94
O6 MAN P . 24.55 2.80 -26.69
C1 MAN P . 22.19 -4.23 -33.25
C2 MAN P . 23.16 -5.23 -33.91
C3 MAN P . 23.17 -5.00 -35.42
C4 MAN P . 21.75 -5.06 -35.99
C5 MAN P . 20.86 -4.06 -35.25
C6 MAN P . 19.41 -4.16 -35.66
O2 MAN P . 22.73 -6.52 -33.56
O3 MAN P . 24.01 -5.99 -35.97
O4 MAN P . 21.85 -4.75 -37.36
O5 MAN P . 20.91 -4.28 -33.85
O6 MAN P . 18.94 -5.46 -35.37
C1 NAG Q . -0.68 -20.69 23.37
C2 NAG Q . -0.22 -19.88 24.59
C3 NAG Q . 1.30 -19.87 24.64
C4 NAG Q . 1.87 -21.30 24.63
C5 NAG Q . 1.26 -22.06 23.44
C6 NAG Q . 1.63 -23.52 23.40
C7 NAG Q . -1.58 -18.06 25.50
C8 NAG Q . -1.96 -16.61 25.35
N2 NAG Q . -0.71 -18.53 24.59
O3 NAG Q . 1.66 -19.14 25.77
O4 NAG Q . 3.25 -21.23 24.42
O5 NAG Q . -0.15 -21.97 23.46
O6 NAG Q . 1.10 -24.18 24.53
O7 NAG Q . -2.04 -18.74 26.40
C1 NAG Q . 4.05 -21.08 25.61
C2 NAG Q . 5.42 -21.65 25.27
C3 NAG Q . 6.41 -21.43 26.42
C4 NAG Q . 6.45 -19.96 26.81
C5 NAG Q . 5.01 -19.48 27.08
C6 NAG Q . 4.92 -18.01 27.39
C7 NAG Q . 5.45 -23.45 23.61
C8 NAG Q . 5.31 -24.95 23.40
N2 NAG Q . 5.32 -23.04 24.89
O3 NAG Q . 7.66 -21.91 25.96
O4 NAG Q . 7.22 -19.86 28.00
O5 NAG Q . 4.17 -19.73 25.97
O6 NAG Q . 5.34 -17.26 26.26
O7 NAG Q . 5.66 -22.69 22.69
C1 BMA Q . 8.59 -19.43 27.77
C2 BMA Q . 9.12 -19.02 29.14
C3 BMA Q . 10.65 -18.77 29.09
C4 BMA Q . 11.39 -19.96 28.46
C5 BMA Q . 10.77 -20.37 27.15
C6 BMA Q . 11.33 -21.67 26.58
O2 BMA Q . 8.78 -20.02 30.06
O3 BMA Q . 11.05 -18.48 30.40
O4 BMA Q . 12.73 -19.54 28.30
O5 BMA Q . 9.36 -20.47 27.21
O6 BMA Q . 10.74 -21.90 25.32
C1 NAG R . -23.73 -15.94 7.84
C2 NAG R . -22.64 -17.00 7.69
C3 NAG R . -23.26 -18.34 7.27
C4 NAG R . -24.35 -18.77 8.26
C5 NAG R . -25.33 -17.62 8.45
C6 NAG R . -26.37 -17.86 9.52
C7 NAG R . -20.37 -16.28 7.13
C8 NAG R . -19.43 -15.89 6.02
N2 NAG R . -21.62 -16.61 6.76
O3 NAG R . -22.23 -19.27 7.12
O4 NAG R . -25.09 -19.84 7.71
O5 NAG R . -24.65 -16.42 8.79
O6 NAG R . -25.72 -18.01 10.77
O7 NAG R . -20.01 -16.31 8.30
C1 NAG R . -24.54 -21.16 7.96
C2 NAG R . -25.73 -22.12 7.99
C3 NAG R . -25.25 -23.57 8.05
C4 NAG R . -24.26 -23.86 6.93
C5 NAG R . -23.14 -22.82 6.95
C6 NAG R . -22.17 -22.94 5.80
C7 NAG R . -27.78 -21.21 8.94
C8 NAG R . -28.57 -21.00 10.21
N2 NAG R . -26.61 -21.84 9.09
O3 NAG R . -26.38 -24.39 7.97
O4 NAG R . -23.76 -25.16 7.12
O5 NAG R . -23.67 -21.51 6.92
O6 NAG R . -22.84 -22.67 4.59
O7 NAG R . -28.20 -20.82 7.86
C1 BMA R . -24.29 -26.06 6.12
C2 BMA R . -23.42 -27.31 6.12
C3 BMA R . -24.00 -28.35 5.13
C4 BMA R . -25.47 -28.66 5.43
C5 BMA R . -26.28 -27.38 5.61
C6 BMA R . -27.69 -27.58 6.15
O2 BMA R . -23.33 -27.81 7.43
O3 BMA R . -23.15 -29.47 5.16
O4 BMA R . -25.97 -29.44 4.37
O5 BMA R . -25.62 -26.41 6.41
O6 BMA R . -27.74 -28.70 7.02
C1 MAN R . -22.71 -29.70 3.81
C2 MAN R . -21.92 -31.01 3.74
C3 MAN R . -20.65 -30.86 4.59
C4 MAN R . -19.82 -29.68 4.09
C5 MAN R . -20.69 -28.43 4.12
C6 MAN R . -20.00 -27.21 3.54
O2 MAN R . -21.58 -31.22 2.38
O3 MAN R . -19.95 -32.07 4.52
O4 MAN R . -18.70 -29.55 4.95
O5 MAN R . -21.89 -28.64 3.37
O6 MAN R . -19.09 -26.71 4.49
C1 MAN R . -22.66 -31.78 1.60
C2 MAN R . -22.03 -32.53 0.42
C3 MAN R . -21.34 -31.53 -0.51
C4 MAN R . -22.31 -30.44 -0.95
C5 MAN R . -22.94 -29.79 0.29
C6 MAN R . -24.03 -28.79 -0.05
O2 MAN R . -23.06 -33.22 -0.24
O3 MAN R . -20.84 -32.23 -1.61
O4 MAN R . -21.57 -29.50 -1.71
O5 MAN R . -23.53 -30.79 1.11
O6 MAN R . -23.49 -27.75 -0.83
C1 MAN R . -27.19 -28.40 8.33
C2 MAN R . -27.35 -29.69 9.16
C3 MAN R . -28.82 -29.93 9.45
C4 MAN R . -29.46 -28.70 10.10
C5 MAN R . -29.23 -27.48 9.21
C6 MAN R . -29.70 -26.19 9.86
O2 MAN R . -26.59 -29.53 10.33
O3 MAN R . -28.90 -31.07 10.27
O4 MAN R . -30.84 -28.98 10.24
O5 MAN R . -27.85 -27.32 8.93
O6 MAN R . -29.01 -26.00 11.06
C1 NAG S . 1.89 25.66 -9.81
C2 NAG S . 1.07 26.11 -11.03
C3 NAG S . 1.00 27.64 -11.06
C4 NAG S . 0.50 28.17 -9.72
C5 NAG S . 1.35 27.58 -8.59
C6 NAG S . 0.94 28.05 -7.21
C7 NAG S . 1.17 24.50 -12.89
C8 NAG S . 1.93 24.14 -14.15
N2 NAG S . 1.63 25.59 -12.25
O3 NAG S . 0.18 28.02 -12.12
O4 NAG S . 0.58 29.57 -9.77
O5 NAG S . 1.30 26.16 -8.64
O6 NAG S . 2.00 27.83 -6.31
O7 NAG S . 0.23 23.85 -12.52
C1 NAG T . 44.11 9.48 18.70
C2 NAG T . 43.92 10.22 20.03
C3 NAG T . 44.18 11.71 19.84
C4 NAG T . 45.51 11.95 19.15
C5 NAG T . 45.56 11.14 17.85
C6 NAG T . 46.83 11.29 17.05
C7 NAG T . 42.30 9.49 21.74
C8 NAG T . 43.47 9.13 22.61
N2 NAG T . 42.59 10.01 20.54
O3 NAG T . 44.12 12.33 21.10
O4 NAG T . 45.62 13.34 18.90
O5 NAG T . 45.38 9.78 18.16
O6 NAG T . 46.89 10.31 16.05
O7 NAG T . 41.14 9.33 22.14
C1 NAG U . 33.10 -6.69 31.34
C2 NAG U . 33.70 -6.90 32.74
C3 NAG U . 35.17 -7.27 32.57
C4 NAG U . 35.37 -8.43 31.60
C5 NAG U . 34.56 -8.23 30.31
C6 NAG U . 34.56 -9.47 29.42
C7 NAG U . 32.76 -5.57 34.58
C8 NAG U . 32.87 -4.24 35.30
N2 NAG U . 33.60 -5.72 33.55
O3 NAG U . 35.68 -7.57 33.84
O4 NAG U . 36.75 -8.53 31.34
O5 NAG U . 33.22 -7.90 30.63
O6 NAG U . 33.99 -9.17 28.18
O7 NAG U . 31.99 -6.43 34.95
C1 NAG V . -18.34 2.43 -20.40
C2 NAG V . -19.70 3.10 -20.17
C3 NAG V . -20.30 3.51 -21.51
C4 NAG V . -19.30 4.37 -22.28
C5 NAG V . -17.96 3.63 -22.38
C6 NAG V . -16.89 4.39 -23.13
C7 NAG V . -20.83 2.25 -18.14
C8 NAG V . -21.79 1.21 -17.63
N2 NAG V . -20.59 2.20 -19.47
O3 NAG V . -21.49 4.19 -21.26
O4 NAG V . -19.85 4.61 -23.55
O5 NAG V . -17.49 3.34 -21.07
O6 NAG V . -15.88 3.50 -23.55
O7 NAG V . -20.32 3.08 -17.40
C1 NAG W . 17.86 -36.28 -27.39
C2 NAG W . 18.79 -35.67 -28.44
C3 NAG W . 18.10 -35.60 -29.79
C4 NAG W . 17.50 -36.95 -30.17
C5 NAG W . 16.59 -37.42 -29.02
C6 NAG W . 15.93 -38.75 -29.27
C7 NAG W . 20.51 -33.97 -27.87
C8 NAG W . 21.55 -35.01 -28.17
N2 NAG W . 19.23 -34.36 -28.03
O3 NAG W . 19.04 -35.17 -30.75
O4 NAG W . 16.77 -36.77 -31.37
O5 NAG W . 17.37 -37.52 -27.85
O6 NAG W . 15.36 -39.23 -28.07
O7 NAG W . 20.82 -32.84 -27.52
C1 NAG X . 34.49 -27.24 -13.83
C2 NAG X . 35.92 -27.59 -14.26
C3 NAG X . 36.03 -29.11 -14.30
C4 NAG X . 35.58 -29.76 -13.00
C5 NAG X . 34.23 -29.19 -12.51
C6 NAG X . 33.88 -29.65 -11.12
C7 NAG X . 37.05 -26.04 -15.80
C8 NAG X . 37.24 -25.69 -17.25
N2 NAG X . 36.22 -27.07 -15.57
O3 NAG X . 37.36 -29.43 -14.59
O4 NAG X . 35.50 -31.15 -13.22
O5 NAG X . 34.29 -27.77 -12.54
O6 NAG X . 32.56 -29.26 -10.80
O7 NAG X . 37.64 -25.43 -14.92
C1 NAG Y . -21.46 14.21 9.81
C2 NAG Y . -21.61 15.72 9.52
C3 NAG Y . -23.06 16.13 9.76
C4 NAG Y . -24.00 15.24 8.96
C5 NAG Y . -23.69 13.76 9.27
C6 NAG Y . -24.57 12.78 8.52
C7 NAG Y . -19.53 16.97 9.94
C8 NAG Y . -18.76 17.74 10.98
N2 NAG Y . -20.71 16.48 10.35
O3 NAG Y . -23.19 17.48 9.42
O4 NAG Y . -25.31 15.58 9.31
O5 NAG Y . -22.33 13.49 8.97
O6 NAG Y . -24.53 11.53 9.16
O7 NAG Y . -19.09 16.83 8.80
C1 NAG Z . -10.39 -30.77 36.47
C2 NAG Z . -11.50 -31.71 36.00
C3 NAG Z . -12.85 -31.30 36.58
C4 NAG Z . -12.75 -31.11 38.10
C5 NAG Z . -11.60 -30.14 38.40
C6 NAG Z . -11.40 -29.87 39.87
C7 NAG Z . -11.45 -32.84 33.80
C8 NAG Z . -11.25 -34.14 34.53
N2 NAG Z . -11.56 -31.74 34.56
O3 NAG Z . -13.80 -32.26 36.24
O4 NAG Z . -13.99 -30.60 38.53
O5 NAG Z . -10.41 -30.69 37.88
O6 NAG Z . -10.17 -29.21 40.07
O7 NAG Z . -11.51 -32.81 32.56
C1 NAG AA . 0.36 -41.93 19.09
C2 NAG AA . 0.22 -43.46 19.14
C3 NAG AA . 0.75 -43.93 20.49
C4 NAG AA . 2.15 -43.41 20.78
C5 NAG AA . 2.27 -41.90 20.48
C6 NAG AA . 3.70 -41.40 20.54
C7 NAG AA . -1.67 -44.46 17.93
C8 NAG AA . -3.13 -44.83 18.03
N2 NAG AA . -1.15 -43.87 19.01
O3 NAG AA . 0.72 -45.33 20.48
O4 NAG AA . 2.45 -43.71 22.11
O5 NAG AA . 1.73 -41.62 19.21
O6 NAG AA . 3.73 -40.00 20.48
O7 NAG AA . -1.02 -44.70 16.92
#